data_8P1N
#
_entry.id   8P1N
#
_cell.length_a   1.00
_cell.length_b   1.00
_cell.length_c   1.00
_cell.angle_alpha   90.00
_cell.angle_beta   90.00
_cell.angle_gamma   90.00
#
_symmetry.space_group_name_H-M   'P 1'
#
loop_
_entity.id
_entity.type
_entity.pdbx_description
1 polymer 'RNA-directed RNA polymerase L'
2 polymer "RNA (5'-R(P*AP*GP*UP*AP*G)-3')"
#
loop_
_entity_poly.entity_id
_entity_poly.type
_entity_poly.pdbx_seq_one_letter_code
_entity_poly.pdbx_strand_id
1 'polypeptide(L)'
;MWSHPQFEKGGGSGGGSGGSSAWSHPQFEKHHHHHHHHENLYFQGMDKYREIHNKLKEFSPGTLTAVECIDYLDRLYAVR
HDIVDQMIKHDWSDNKDSEEAIGKVLLFAGVPSNIITALEKKIIPNHPTGKSLKAFFKMTPANYKISGTTIEFVEVTVTA
DVDKGIREKKLKYEAGLTYIEQELHKFFLKGEIPQPYKITFNVVAVRTDGSNITTQWPSRRNDGVVQYMRLVQAEISYVR
EHLIKTEERAALEAMFNLKFNISTHKSQPYYIPDYKGMEPIGANIEDLVDYSKDWLSRARNFSFFEVKGTAVFECFNSNE
ANHCQRYPMSRKPRNFLLIQCSLITSYKPATTLSDQIDSRRACSYILNLIPDTPASYLIHDMAYRYINLTREDMINYYAP
RIQFKQTQNVREPGTFKLTSSMLRAESKAMLDLLNNHKSGEKHGAQIESLNIASHIVQSESVSLITKILSDLELNITEPS
TQEYSTTKHTYVDTVLDKFFQNETQKYLIDVLKKTTAWHIGHLIRDITESLIAHSGLKRSKYWSLHSYNNGNVILFILPS
KSLEVAGSFIRFITVFRIGPGLVDKDNLDTILIDGDSQWGVSKVMSIDLNRLLALNIAFEKALIATATWFQYYTEDQGQF
PLQYAIRSVFANHFLLAICQKMKLCAIFDNLRYLIPAVTSLYSGFPSLIEKLFERPFKSSLEVYIYYNIKSLLVALAQNN
KARFYSKVKLLGLTVDQSTVGASGVYPSFMSRIVYKHYRSLISEVTTCFFLFEKGLHGNMNEEAKIHLETVEWALKFREK
EEKYGESLVENGYMMWELRANAELAEQQLYCQDAIELAAIELNKVLATKSSVVANSILSKNWEEPYFSQTRNISLKGMSG
QVQEDGHLSSSVTIIEAIRYLSNSRHNPSLLKLYEETREQKAMARIVRKYQRTEADRGFFITTLPTRCRLEIIEDYYDAI
AKNISEEYISYGGEKKILAIQGALEKALRWASGESFIELSNHKFIRMKRKLMYVSADATKWSPGDNSAKFRRFTSMLHNG
LPNNKLKNCVIDALKQVYKTDFFMSRKLRNYIDSMESLDPHIKQFLDFFPDGHHGEVKGNWLQGNLNKCSSLFGVAMSLL
FKQVWTNLFPELDCFFEFAHHSDDALFIYGYLEPVDDGTDWFLFVSQQIQAGHLHWFSVNTEMWKSMFNLHEHILLLGSI
KISPKKTTVSPTNAEFLSTFFEGCAVSIPFVKILLGSLSDLPGLGYFDDLAAAQSRCVKALDLGASPQVAQLAVALCTSK
VERLYGTAPGMVNHPAAYLQVKHTDTPIPLGGNGAMSIMELATAGIGMSDKNLLKRALLGYSHKRQKSMLYILGLFKFLM
KLSDETFQHERLGQFSFIGKVQWKIFTPKSEFEFADMYTSKFLELWSSQHVTYDYIIPKGRDNLLIYLVRKLNDPSIVTA
MTMQSPLQLRFRMQAKQHMKVCRLDGEWVTFREVLAAANSFAENYSATSQDMDLFQTLTSCTFSKEYAWKDFLNGIHCDV
IPTKQVQRAKVARTFTVREKDQIIQNSIPAVIGYKFAVTVEEMSDVLDTAKFPDSLSVDLKTMKDGVYRELGLDISLPDV
MKRIAPMLYKSSKSRVVIVQGNVEGTAEAICRYWLKSMSLVKTIRVKPHKEVLQAVSIFNRKEDIGQQKDLAALKLCIEV
WRWCKANSAPYRDWFQALWFEDKTFSEWLDRFCRVGVPPIDPEIQCAALMIADIKGDYSVLQLQANRRAYSGKQYDAYCV
QTYNEVTKLYEGDLRVTFNFGLDCARLEIFWDKKAYILETSITQKHVLKIMMDEVSKELIKCGMRFNTEQVQGVRHMVLF
KTESGFEWGKPNIPCIVYKNCVLRTSLRTTQAINHKFMITIKDDGLRAIAQHDEDSPRFLLAHAFHTIRDIRYQAVDAVS
NVWFIHKGVKLYLNPIISSGLLENFMKNLPAAIPPAAYSLIMNRAKISVDLFMFNDLLKLINPRNTLDLSGLETTGDEFS
TVSSMSSRLWSEEMSLVDDDEELDDEFTIDLQDVDFENIDIEADIEHFLQDESSYTGDLLISTEETESKKMRGIVKILEP
VRLIKSWVSRGLSIEKVYSPVNIILMSRYISKTFNLSTKQVSLLDPYDLTELESIVRGWGECVIDQFESLDREAQNMVVN
KGICPEDVIPDSLFSFRHTMVLLRRLFPQDSISSFY
;
A
2 'polyribonucleotide' UAGUAGUAGACUGCUCC B
#
# COMPACT_ATOMS: atom_id res chain seq x y z
N TYR A 271 -16.50 36.49 -6.63
CA TYR A 271 -17.95 36.49 -6.84
C TYR A 271 -18.49 35.07 -6.81
N ILE A 272 -19.45 34.83 -5.91
CA ILE A 272 -20.09 33.53 -5.76
C ILE A 272 -21.43 33.59 -6.48
N PRO A 273 -21.71 32.68 -7.42
CA PRO A 273 -22.98 32.75 -8.15
C PRO A 273 -24.18 32.59 -7.22
N ASP A 274 -25.36 32.79 -7.80
CA ASP A 274 -26.62 32.69 -7.07
C ASP A 274 -27.32 31.40 -7.44
N TYR A 275 -27.72 30.64 -6.41
CA TYR A 275 -28.39 29.36 -6.60
C TYR A 275 -29.51 29.23 -5.58
N LYS A 276 -30.41 28.29 -5.84
CA LYS A 276 -31.54 28.03 -4.95
C LYS A 276 -31.16 26.92 -3.98
N GLY A 277 -31.43 27.15 -2.70
CA GLY A 277 -31.14 26.19 -1.65
C GLY A 277 -32.35 25.34 -1.31
N MET A 278 -32.33 24.81 -0.09
CA MET A 278 -33.40 23.96 0.41
C MET A 278 -33.95 24.56 1.70
N GLU A 279 -35.28 24.53 1.85
CA GLU A 279 -35.89 25.07 3.07
C GLU A 279 -36.07 23.97 4.11
N PRO A 280 -36.05 24.30 5.39
CA PRO A 280 -36.23 23.28 6.41
C PRO A 280 -37.64 22.69 6.39
N ILE A 281 -37.75 21.46 6.87
CA ILE A 281 -39.03 20.77 6.99
C ILE A 281 -39.48 20.67 8.44
N GLY A 282 -38.79 21.34 9.36
CA GLY A 282 -39.19 21.36 10.75
C GLY A 282 -39.35 19.98 11.36
N ALA A 283 -38.23 19.26 11.50
CA ALA A 283 -38.23 17.92 12.07
C ALA A 283 -37.84 18.01 13.54
N ASN A 284 -38.62 17.35 14.40
CA ASN A 284 -38.39 17.34 15.83
C ASN A 284 -37.86 15.99 16.26
N ILE A 285 -36.88 16.00 17.17
CA ILE A 285 -36.26 14.76 17.63
C ILE A 285 -37.28 13.86 18.32
N GLU A 286 -38.36 14.45 18.84
CA GLU A 286 -39.32 13.66 19.61
C GLU A 286 -39.99 12.59 18.76
N ASP A 287 -40.21 12.87 17.47
CA ASP A 287 -40.78 11.83 16.61
C ASP A 287 -39.84 10.64 16.49
N LEU A 288 -38.53 10.90 16.33
CA LEU A 288 -37.58 9.82 16.27
C LEU A 288 -37.50 9.07 17.59
N VAL A 289 -37.59 9.80 18.71
CA VAL A 289 -37.55 9.15 20.02
C VAL A 289 -38.76 8.25 20.21
N ASP A 290 -39.96 8.70 19.81
CA ASP A 290 -41.14 7.86 19.90
C ASP A 290 -41.03 6.65 18.98
N TYR A 291 -40.52 6.83 17.77
CA TYR A 291 -40.32 5.69 16.87
C TYR A 291 -39.35 4.68 17.49
N SER A 292 -38.30 5.17 18.14
CA SER A 292 -37.36 4.28 18.81
C SER A 292 -38.01 3.56 20.00
N LYS A 293 -38.86 4.27 20.75
CA LYS A 293 -39.58 3.62 21.85
C LYS A 293 -40.43 2.48 21.34
N ASP A 294 -41.17 2.70 20.24
CA ASP A 294 -41.96 1.63 19.66
C ASP A 294 -41.10 0.54 19.05
N TRP A 295 -39.88 0.91 18.61
CA TRP A 295 -39.00 -0.06 17.96
C TRP A 295 -38.34 -0.99 18.97
N LEU A 296 -37.94 -0.45 20.12
CA LEU A 296 -37.18 -1.19 21.11
C LEU A 296 -38.06 -1.96 22.09
N SER A 297 -39.38 -1.87 21.96
CA SER A 297 -40.29 -2.58 22.84
C SER A 297 -40.53 -4.02 22.42
N ARG A 298 -39.96 -4.46 21.31
CA ARG A 298 -40.13 -5.81 20.80
C ARG A 298 -38.78 -6.50 20.73
N ALA A 299 -38.83 -7.83 20.60
CA ALA A 299 -37.62 -8.62 20.48
C ALA A 299 -36.98 -8.37 19.12
N ARG A 300 -35.68 -8.06 19.13
CA ARG A 300 -34.92 -7.77 17.92
C ARG A 300 -33.86 -8.83 17.71
N ASN A 301 -33.74 -9.29 16.46
CA ASN A 301 -32.81 -10.35 16.11
C ASN A 301 -31.41 -9.75 15.98
N PHE A 302 -30.51 -10.13 16.89
CA PHE A 302 -29.16 -9.59 16.88
C PHE A 302 -28.44 -9.98 15.61
N SER A 303 -27.52 -9.12 15.18
CA SER A 303 -26.83 -9.31 13.90
C SER A 303 -25.64 -10.26 13.99
N PHE A 304 -25.21 -10.63 15.19
CA PHE A 304 -23.98 -11.40 15.38
C PHE A 304 -24.27 -12.64 16.20
N PHE A 305 -23.50 -13.69 15.93
CA PHE A 305 -23.65 -14.99 16.57
C PHE A 305 -22.57 -15.19 17.62
N GLU A 306 -22.96 -15.69 18.78
CA GLU A 306 -22.01 -15.93 19.86
C GLU A 306 -20.97 -16.96 19.41
N VAL A 307 -19.73 -16.74 19.83
CA VAL A 307 -18.62 -17.61 19.44
C VAL A 307 -18.52 -18.75 20.46
N LYS A 308 -18.87 -19.95 20.03
CA LYS A 308 -18.76 -21.15 20.85
C LYS A 308 -18.03 -22.22 20.07
N GLY A 309 -17.28 -23.05 20.79
CA GLY A 309 -16.53 -24.11 20.12
C GLY A 309 -17.41 -25.01 19.29
N THR A 310 -18.54 -25.43 19.86
CA THR A 310 -19.46 -26.30 19.14
C THR A 310 -20.02 -25.60 17.90
N ALA A 311 -20.30 -24.30 18.02
CA ALA A 311 -20.84 -23.56 16.87
C ALA A 311 -19.85 -23.57 15.70
N VAL A 312 -18.59 -23.22 15.96
CA VAL A 312 -17.59 -23.19 14.90
C VAL A 312 -17.35 -24.59 14.35
N PHE A 313 -17.28 -25.59 15.23
CA PHE A 313 -17.05 -26.96 14.78
C PHE A 313 -18.19 -27.42 13.86
N GLU A 314 -19.43 -27.14 14.24
CA GLU A 314 -20.56 -27.56 13.41
C GLU A 314 -20.60 -26.78 12.10
N CYS A 315 -20.23 -25.49 12.13
CA CYS A 315 -20.14 -24.74 10.89
C CYS A 315 -19.14 -25.39 9.94
N PHE A 316 -17.95 -25.71 10.45
CA PHE A 316 -16.95 -26.36 9.59
C PHE A 316 -17.46 -27.70 9.08
N ASN A 317 -18.09 -28.50 9.94
CA ASN A 317 -18.55 -29.82 9.52
C ASN A 317 -19.62 -29.72 8.44
N SER A 318 -20.63 -28.87 8.66
CA SER A 318 -21.69 -28.73 7.67
C SER A 318 -21.17 -28.20 6.36
N ASN A 319 -20.26 -27.22 6.43
CA ASN A 319 -19.71 -26.66 5.19
C ASN A 319 -18.85 -27.68 4.46
N GLU A 320 -18.08 -28.50 5.18
CA GLU A 320 -17.33 -29.57 4.53
C GLU A 320 -18.26 -30.53 3.83
N ALA A 321 -19.34 -30.93 4.51
CA ALA A 321 -20.30 -31.84 3.89
C ALA A 321 -20.92 -31.24 2.64
N ASN A 322 -21.22 -29.94 2.68
CA ASN A 322 -21.88 -29.30 1.55
C ASN A 322 -20.91 -29.09 0.38
N HIS A 323 -19.63 -28.87 0.68
CA HIS A 323 -18.67 -28.48 -0.36
C HIS A 323 -18.66 -29.46 -1.52
N CYS A 324 -18.58 -30.76 -1.21
CA CYS A 324 -18.37 -31.77 -2.24
C CYS A 324 -19.51 -31.83 -3.25
N GLN A 325 -20.70 -31.39 -2.89
CA GLN A 325 -21.84 -31.42 -3.79
C GLN A 325 -21.91 -30.19 -4.69
N ARG A 326 -21.02 -29.21 -4.49
CA ARG A 326 -21.03 -27.98 -5.27
C ARG A 326 -19.90 -27.88 -6.27
N TYR A 327 -18.85 -28.70 -6.14
CA TYR A 327 -17.71 -28.66 -7.04
C TYR A 327 -17.46 -30.04 -7.63
N PRO A 328 -17.09 -30.13 -8.91
CA PRO A 328 -16.69 -31.43 -9.46
C PRO A 328 -15.50 -31.99 -8.72
N MET A 329 -15.49 -33.31 -8.56
CA MET A 329 -14.44 -33.97 -7.79
C MET A 329 -13.15 -34.01 -8.59
N SER A 330 -12.03 -33.83 -7.89
CA SER A 330 -10.71 -33.83 -8.49
C SER A 330 -9.88 -34.94 -7.88
N ARG A 331 -9.21 -35.73 -8.73
CA ARG A 331 -8.36 -36.81 -8.27
C ARG A 331 -6.88 -36.47 -8.33
N LYS A 332 -6.50 -35.44 -9.09
CA LYS A 332 -5.10 -35.09 -9.33
C LYS A 332 -4.79 -33.75 -8.70
N PRO A 333 -4.09 -33.70 -7.58
CA PRO A 333 -3.70 -32.40 -7.02
C PRO A 333 -2.90 -31.58 -8.02
N ARG A 334 -3.15 -30.28 -8.03
CA ARG A 334 -2.57 -29.40 -9.03
C ARG A 334 -1.26 -28.80 -8.52
N ASN A 335 -0.59 -28.07 -9.42
CA ASN A 335 0.73 -27.53 -9.13
C ASN A 335 0.63 -26.35 -8.16
N PHE A 336 1.61 -26.26 -7.26
CA PHE A 336 1.72 -25.10 -6.39
C PHE A 336 3.14 -24.56 -6.25
N LEU A 337 4.16 -25.26 -6.77
CA LEU A 337 5.54 -24.80 -6.69
C LEU A 337 5.92 -24.15 -8.02
N LEU A 338 6.25 -22.85 -7.96
CA LEU A 338 6.62 -22.14 -9.18
C LEU A 338 7.97 -22.63 -9.72
N ILE A 339 8.92 -22.88 -8.83
CA ILE A 339 10.22 -23.42 -9.19
C ILE A 339 10.48 -24.64 -8.31
N GLN A 340 10.88 -25.75 -8.92
CA GLN A 340 11.22 -26.98 -8.22
C GLN A 340 12.71 -27.23 -8.35
N CYS A 341 13.39 -27.33 -7.22
CA CYS A 341 14.82 -27.59 -7.19
C CYS A 341 15.18 -28.22 -5.86
N SER A 342 16.35 -28.86 -5.83
CA SER A 342 16.81 -29.55 -4.62
C SER A 342 18.31 -29.33 -4.45
N LEU A 343 18.76 -29.35 -3.20
CA LEU A 343 20.16 -29.22 -2.86
C LEU A 343 20.54 -30.28 -1.83
N ILE A 344 21.78 -30.76 -1.93
CA ILE A 344 22.34 -31.65 -0.92
C ILE A 344 23.66 -31.13 -0.35
N THR A 345 24.28 -30.12 -0.97
CA THR A 345 25.49 -29.51 -0.48
C THR A 345 25.31 -27.99 -0.49
N SER A 346 26.15 -27.31 0.29
CA SER A 346 26.10 -25.86 0.36
C SER A 346 26.15 -25.25 -1.03
N TYR A 347 25.63 -24.02 -1.18
CA TYR A 347 25.54 -23.37 -2.48
C TYR A 347 26.46 -22.16 -2.51
N LYS A 348 27.34 -22.12 -3.50
CA LYS A 348 28.17 -20.95 -3.73
C LYS A 348 27.56 -20.08 -4.83
N PRO A 349 27.60 -18.75 -4.71
CA PRO A 349 26.97 -17.91 -5.74
C PRO A 349 27.55 -18.19 -7.12
N ALA A 350 26.68 -18.16 -8.12
CA ALA A 350 27.10 -18.48 -9.48
C ALA A 350 27.93 -17.35 -10.08
N THR A 351 28.92 -17.75 -10.87
CA THR A 351 29.71 -16.80 -11.67
C THR A 351 29.71 -17.26 -13.12
N THR A 352 30.43 -16.53 -13.98
CA THR A 352 30.46 -16.90 -15.40
C THR A 352 31.29 -18.15 -15.64
N LEU A 353 32.48 -18.24 -15.05
CA LEU A 353 33.30 -19.44 -15.16
C LEU A 353 32.63 -20.65 -14.52
N SER A 354 32.04 -20.45 -13.34
CA SER A 354 31.28 -21.52 -12.70
C SER A 354 30.12 -21.94 -13.58
N ASP A 355 29.41 -20.97 -14.17
CA ASP A 355 28.31 -21.31 -15.06
C ASP A 355 28.78 -22.13 -16.25
N GLN A 356 29.90 -21.75 -16.84
CA GLN A 356 30.44 -22.49 -17.98
C GLN A 356 30.76 -23.93 -17.60
N ILE A 357 31.53 -24.11 -16.53
CA ILE A 357 31.94 -25.46 -16.13
C ILE A 357 30.73 -26.28 -15.75
N ASP A 358 29.81 -25.70 -14.98
CA ASP A 358 28.64 -26.41 -14.53
C ASP A 358 27.75 -26.80 -15.70
N SER A 359 27.60 -25.91 -16.68
CA SER A 359 26.78 -26.23 -17.84
C SER A 359 27.41 -27.37 -18.64
N ARG A 360 28.72 -27.33 -18.84
CA ARG A 360 29.39 -28.44 -19.53
C ARG A 360 29.12 -29.75 -18.80
N ARG A 361 29.39 -29.79 -17.50
CA ARG A 361 29.22 -31.02 -16.73
C ARG A 361 27.77 -31.49 -16.73
N ALA A 362 26.82 -30.56 -16.55
CA ALA A 362 25.43 -30.91 -16.44
C ALA A 362 24.90 -31.45 -17.77
N CYS A 363 25.25 -30.81 -18.89
CA CYS A 363 24.83 -31.33 -20.17
C CYS A 363 25.47 -32.68 -20.47
N SER A 364 26.72 -32.88 -20.06
CA SER A 364 27.30 -34.22 -20.18
C SER A 364 26.49 -35.24 -19.39
N TYR A 365 26.05 -34.88 -18.19
CA TYR A 365 25.21 -35.77 -17.39
C TYR A 365 23.89 -36.05 -18.11
N ILE A 366 23.22 -35.00 -18.58
CA ILE A 366 21.89 -35.16 -19.16
C ILE A 366 21.92 -35.95 -20.45
N LEU A 367 22.98 -35.81 -21.25
CA LEU A 367 23.03 -36.49 -22.54
C LEU A 367 23.08 -38.01 -22.41
N ASN A 368 23.35 -38.53 -21.21
CA ASN A 368 23.37 -39.98 -20.97
C ASN A 368 22.03 -40.50 -20.47
N LEU A 369 21.03 -39.65 -20.30
CA LEU A 369 19.71 -40.08 -19.87
C LEU A 369 18.88 -40.54 -21.07
N ILE A 370 17.83 -41.30 -20.77
CA ILE A 370 16.93 -41.82 -21.80
C ILE A 370 15.62 -41.06 -21.72
N PRO A 371 15.33 -40.14 -22.64
CA PRO A 371 14.09 -39.37 -22.55
C PRO A 371 12.86 -40.26 -22.68
N ASP A 372 11.77 -39.84 -22.02
CA ASP A 372 10.51 -40.54 -22.08
C ASP A 372 9.31 -39.64 -22.30
N THR A 373 9.41 -38.34 -22.01
CA THR A 373 8.31 -37.39 -22.16
C THR A 373 8.70 -36.27 -23.10
N PRO A 374 7.72 -35.55 -23.66
CA PRO A 374 8.06 -34.47 -24.60
C PRO A 374 9.01 -33.43 -24.02
N ALA A 375 8.82 -33.02 -22.77
CA ALA A 375 9.74 -32.07 -22.15
C ALA A 375 11.12 -32.68 -21.95
N SER A 376 11.20 -33.97 -21.62
CA SER A 376 12.48 -34.62 -21.52
C SER A 376 13.21 -34.62 -22.86
N TYR A 377 12.48 -34.90 -23.95
CA TYR A 377 13.08 -34.82 -25.27
C TYR A 377 13.55 -33.42 -25.59
N LEU A 378 12.76 -32.41 -25.21
CA LEU A 378 13.14 -31.03 -25.47
C LEU A 378 14.42 -30.66 -24.74
N ILE A 379 14.53 -31.03 -23.47
CA ILE A 379 15.76 -30.72 -22.73
C ILE A 379 16.94 -31.50 -23.30
N HIS A 380 16.70 -32.73 -23.76
CA HIS A 380 17.76 -33.49 -24.41
C HIS A 380 18.28 -32.76 -25.64
N ASP A 381 17.37 -32.26 -26.48
CA ASP A 381 17.78 -31.53 -27.67
C ASP A 381 18.52 -30.27 -27.31
N MET A 382 18.05 -29.54 -26.29
CA MET A 382 18.73 -28.31 -25.89
C MET A 382 20.14 -28.60 -25.39
N ALA A 383 20.30 -29.66 -24.59
CA ALA A 383 21.63 -30.02 -24.10
C ALA A 383 22.55 -30.42 -25.24
N TYR A 384 22.02 -31.19 -26.21
CA TYR A 384 22.83 -31.55 -27.37
C TYR A 384 23.27 -30.31 -28.14
N ARG A 385 22.34 -29.38 -28.36
CA ARG A 385 22.69 -28.15 -29.07
C ARG A 385 23.76 -27.36 -28.32
N TYR A 386 23.63 -27.26 -27.00
CA TYR A 386 24.62 -26.53 -26.21
C TYR A 386 25.99 -27.21 -26.26
N ILE A 387 26.02 -28.54 -26.19
CA ILE A 387 27.29 -29.27 -26.25
C ILE A 387 27.89 -29.30 -27.65
N ASN A 388 27.13 -28.96 -28.67
CA ASN A 388 27.65 -28.88 -30.03
C ASN A 388 27.77 -27.42 -30.48
N LEU A 389 28.19 -26.55 -29.57
CA LEU A 389 28.46 -25.15 -29.89
C LEU A 389 29.96 -24.96 -30.09
N THR A 390 30.31 -24.05 -31.00
CA THR A 390 31.70 -23.82 -31.36
C THR A 390 32.43 -23.06 -30.25
N ARG A 391 33.76 -23.09 -30.30
CA ARG A 391 34.56 -22.33 -29.35
C ARG A 391 34.27 -20.83 -29.46
N GLU A 392 34.23 -20.31 -30.69
CA GLU A 392 33.82 -18.93 -30.89
C GLU A 392 32.39 -18.72 -30.39
N ASP A 393 31.53 -19.72 -30.59
CA ASP A 393 30.17 -19.64 -30.07
C ASP A 393 30.17 -19.48 -28.56
N MET A 394 30.98 -20.28 -27.87
CA MET A 394 31.03 -20.18 -26.41
C MET A 394 31.58 -18.83 -25.96
N ILE A 395 32.63 -18.34 -26.64
CA ILE A 395 33.19 -17.04 -26.27
C ILE A 395 32.14 -15.96 -26.40
N ASN A 396 31.40 -15.94 -27.52
CA ASN A 396 30.35 -14.95 -27.70
C ASN A 396 29.17 -15.19 -26.76
N TYR A 397 28.96 -16.43 -26.33
CA TYR A 397 27.87 -16.75 -25.40
C TYR A 397 28.14 -16.17 -24.02
N TYR A 398 29.38 -16.28 -23.55
CA TYR A 398 29.75 -15.83 -22.22
C TYR A 398 30.47 -14.48 -22.22
N ALA A 399 30.57 -13.81 -23.36
CA ALA A 399 31.26 -12.54 -23.42
C ALA A 399 30.39 -11.43 -22.84
N PRO A 400 31.00 -10.37 -22.30
CA PRO A 400 30.21 -9.20 -21.88
C PRO A 400 29.62 -8.47 -23.06
N ARG A 401 28.79 -7.47 -22.74
CA ARG A 401 28.10 -6.72 -23.79
C ARG A 401 29.09 -5.99 -24.69
N ILE A 402 30.11 -5.38 -24.10
CA ILE A 402 31.08 -4.60 -24.89
C ILE A 402 32.05 -5.48 -25.66
N GLN A 403 32.09 -6.79 -25.39
CA GLN A 403 32.99 -7.71 -26.07
C GLN A 403 32.25 -8.73 -26.91
N PHE A 404 30.94 -8.64 -27.02
CA PHE A 404 30.15 -9.66 -27.72
C PHE A 404 30.16 -9.41 -29.22
N LYS A 405 30.43 -10.46 -29.99
CA LYS A 405 30.36 -10.43 -31.44
C LYS A 405 29.40 -11.51 -31.91
N GLN A 406 28.41 -11.11 -32.71
CA GLN A 406 27.39 -12.04 -33.17
C GLN A 406 28.02 -13.23 -33.88
N THR A 407 27.23 -14.30 -34.01
CA THR A 407 27.68 -15.51 -34.66
C THR A 407 26.45 -16.21 -35.25
N GLN A 408 26.70 -17.19 -36.12
CA GLN A 408 25.61 -17.89 -36.78
C GLN A 408 24.63 -18.47 -35.77
N ASN A 409 25.11 -18.87 -34.60
CA ASN A 409 24.27 -19.50 -33.57
C ASN A 409 24.03 -18.60 -32.37
N VAL A 410 25.09 -18.01 -31.80
CA VAL A 410 24.97 -17.17 -30.62
C VAL A 410 24.74 -15.75 -31.12
N ARG A 411 23.48 -15.41 -31.39
CA ARG A 411 23.13 -14.08 -31.86
C ARG A 411 23.03 -13.07 -30.73
N GLU A 412 23.01 -13.51 -29.48
CA GLU A 412 22.96 -12.64 -28.31
C GLU A 412 23.84 -13.24 -27.23
N PRO A 413 24.32 -12.42 -26.29
CA PRO A 413 25.10 -12.96 -25.17
C PRO A 413 24.21 -13.76 -24.23
N GLY A 414 24.63 -14.99 -23.93
CA GLY A 414 23.87 -15.83 -23.03
C GLY A 414 22.70 -16.55 -23.66
N THR A 415 22.71 -16.70 -24.98
CA THR A 415 21.64 -17.39 -25.69
C THR A 415 22.23 -18.15 -26.87
N PHE A 416 21.49 -19.16 -27.33
CA PHE A 416 21.80 -19.83 -28.60
C PHE A 416 20.53 -19.92 -29.43
N LYS A 417 20.58 -20.64 -30.55
CA LYS A 417 19.50 -20.61 -31.53
C LYS A 417 19.20 -22.03 -32.00
N LEU A 418 18.18 -22.65 -31.42
CA LEU A 418 17.63 -23.87 -31.97
C LEU A 418 16.67 -23.53 -33.11
N THR A 419 16.29 -24.57 -33.85
CA THR A 419 15.40 -24.41 -34.98
C THR A 419 14.96 -25.78 -35.47
N SER A 420 13.87 -25.80 -36.23
CA SER A 420 13.42 -27.06 -36.85
C SER A 420 14.59 -27.75 -37.54
N SER A 421 14.53 -29.07 -37.58
CA SER A 421 15.59 -29.97 -38.05
C SER A 421 16.67 -30.13 -36.99
N MET A 422 16.57 -29.44 -35.86
CA MET A 422 17.43 -29.67 -34.69
C MET A 422 16.57 -30.00 -33.48
N LEU A 423 15.40 -30.57 -33.71
CA LEU A 423 14.41 -30.80 -32.67
C LEU A 423 13.57 -32.00 -33.08
N ARG A 424 13.47 -33.00 -32.20
CA ARG A 424 12.73 -34.19 -32.55
C ARG A 424 11.22 -33.91 -32.59
N ALA A 425 10.48 -34.85 -33.16
CA ALA A 425 9.04 -34.69 -33.27
C ALA A 425 8.39 -34.57 -31.89
N GLU A 426 8.86 -35.36 -30.93
CA GLU A 426 8.33 -35.30 -29.57
C GLU A 426 8.63 -33.99 -28.88
N SER A 427 9.55 -33.18 -29.41
CA SER A 427 9.83 -31.86 -28.87
C SER A 427 9.05 -30.76 -29.60
N LYS A 428 8.94 -30.85 -30.92
CA LYS A 428 8.04 -29.97 -31.65
C LYS A 428 6.62 -30.11 -31.13
N ALA A 429 6.23 -31.33 -30.74
CA ALA A 429 4.89 -31.52 -30.18
C ALA A 429 4.71 -30.70 -28.92
N MET A 430 5.70 -30.74 -28.02
CA MET A 430 5.59 -29.97 -26.78
C MET A 430 5.57 -28.47 -27.07
N LEU A 431 6.42 -28.02 -27.99
CA LEU A 431 6.45 -26.60 -28.33
C LEU A 431 5.13 -26.13 -28.94
N ASP A 432 4.53 -26.92 -29.82
CA ASP A 432 3.24 -26.54 -30.39
C ASP A 432 2.14 -26.60 -29.34
N LEU A 433 2.23 -27.55 -28.40
CA LEU A 433 1.28 -27.60 -27.31
C LEU A 433 1.35 -26.34 -26.46
N LEU A 434 2.58 -25.86 -26.19
CA LEU A 434 2.73 -24.58 -25.50
C LEU A 434 2.15 -23.44 -26.33
N ASN A 435 2.47 -23.41 -27.63
CA ASN A 435 2.06 -22.27 -28.46
C ASN A 435 0.55 -22.22 -28.63
N ASN A 436 -0.09 -23.36 -28.85
CA ASN A 436 -1.54 -23.40 -29.04
C ASN A 436 -2.27 -22.85 -27.82
N ILE A 447 -14.57 -25.62 -12.34
CA ILE A 447 -13.32 -25.86 -11.64
C ILE A 447 -13.47 -27.07 -10.73
N GLU A 448 -12.64 -28.08 -10.93
CA GLU A 448 -12.65 -29.26 -10.08
C GLU A 448 -11.90 -28.98 -8.79
N SER A 449 -12.41 -29.53 -7.69
CA SER A 449 -11.81 -29.37 -6.37
C SER A 449 -11.46 -30.73 -5.79
N LEU A 450 -10.50 -30.72 -4.88
CA LEU A 450 -10.09 -31.93 -4.16
C LEU A 450 -11.04 -32.20 -3.01
N ASN A 451 -11.25 -33.48 -2.72
CA ASN A 451 -12.08 -33.87 -1.59
C ASN A 451 -11.44 -33.43 -0.28
N ILE A 452 -11.97 -32.39 0.35
CA ILE A 452 -11.46 -31.95 1.66
C ILE A 452 -12.16 -32.65 2.81
N ALA A 453 -13.37 -33.18 2.58
CA ALA A 453 -14.06 -33.96 3.58
C ALA A 453 -13.47 -35.34 3.78
N SER A 454 -12.72 -35.84 2.79
CA SER A 454 -12.05 -37.12 2.91
C SER A 454 -10.84 -37.01 3.83
N HIS A 455 -10.55 -38.12 4.52
CA HIS A 455 -9.35 -38.21 5.35
C HIS A 455 -8.17 -38.81 4.61
N ILE A 456 -8.43 -39.59 3.55
CA ILE A 456 -7.34 -40.04 2.69
C ILE A 456 -6.74 -38.87 1.93
N VAL A 457 -7.60 -38.04 1.31
CA VAL A 457 -7.13 -36.86 0.60
C VAL A 457 -6.58 -35.80 1.54
N GLN A 458 -7.14 -35.67 2.74
CA GLN A 458 -6.74 -34.63 3.68
C GLN A 458 -5.57 -35.06 4.55
N SER A 459 -5.13 -36.32 4.44
CA SER A 459 -3.90 -36.78 5.06
C SER A 459 -2.78 -37.01 4.06
N GLU A 460 -3.10 -37.32 2.81
CA GLU A 460 -2.11 -37.44 1.76
C GLU A 460 -1.44 -36.12 1.43
N SER A 461 -2.12 -35.00 1.67
CA SER A 461 -1.57 -33.67 1.42
C SER A 461 -0.74 -33.16 2.59
N VAL A 462 -1.17 -33.44 3.83
CA VAL A 462 -0.41 -33.07 5.01
C VAL A 462 0.91 -33.82 5.09
N SER A 463 1.00 -35.01 4.51
CA SER A 463 2.23 -35.78 4.46
C SER A 463 3.14 -35.36 3.31
N LEU A 464 2.64 -34.57 2.36
CA LEU A 464 3.45 -34.01 1.30
C LEU A 464 4.05 -32.66 1.66
N ILE A 465 3.27 -31.76 2.28
CA ILE A 465 3.77 -30.47 2.67
C ILE A 465 4.59 -30.54 3.95
N THR A 466 4.49 -31.62 4.71
CA THR A 466 5.29 -31.81 5.92
C THR A 466 6.64 -32.44 5.63
N LYS A 467 6.88 -32.95 4.43
CA LYS A 467 8.20 -33.38 4.03
C LYS A 467 8.92 -32.36 3.17
N ILE A 468 8.19 -31.53 2.42
CA ILE A 468 8.80 -30.35 1.82
C ILE A 468 9.26 -29.39 2.91
N LEU A 469 8.43 -29.18 3.92
CA LEU A 469 8.78 -28.33 5.05
C LEU A 469 9.78 -28.97 5.99
N SER A 470 9.86 -30.29 6.03
CA SER A 470 10.85 -30.99 6.85
C SER A 470 12.15 -31.21 6.09
N ASP A 471 12.16 -31.02 4.77
CA ASP A 471 13.38 -31.04 3.99
C ASP A 471 14.02 -29.68 3.83
N LEU A 472 13.24 -28.61 3.96
CA LEU A 472 13.75 -27.24 3.93
C LEU A 472 14.37 -26.84 5.26
N GLU A 473 14.25 -27.69 6.28
CA GLU A 473 14.82 -27.43 7.60
C GLU A 473 16.12 -28.17 7.85
N LEU A 474 16.39 -29.24 7.10
CA LEU A 474 17.61 -30.02 7.29
C LEU A 474 18.84 -29.14 7.08
N ASN A 475 19.78 -29.24 8.00
CA ASN A 475 21.08 -28.61 7.81
C ASN A 475 21.79 -29.26 6.64
N ILE A 476 22.35 -28.43 5.76
CA ILE A 476 22.93 -28.92 4.52
C ILE A 476 24.38 -29.26 4.74
N THR A 477 24.95 -30.09 3.86
CA THR A 477 26.35 -30.49 3.96
C THR A 477 27.23 -29.58 3.10
N VAL A 495 27.63 -0.05 18.89
CA VAL A 495 27.05 -0.62 20.09
C VAL A 495 25.94 -1.58 19.74
N LEU A 496 25.11 -1.19 18.76
CA LEU A 496 24.03 -2.07 18.32
C LEU A 496 24.55 -3.39 17.79
N ASP A 497 25.78 -3.40 17.24
CA ASP A 497 26.34 -4.63 16.73
C ASP A 497 26.68 -5.60 17.86
N LYS A 498 27.03 -5.09 19.04
CA LYS A 498 27.30 -5.95 20.18
C LYS A 498 26.05 -6.72 20.59
N PHE A 499 24.90 -6.07 20.63
CA PHE A 499 23.65 -6.74 20.96
C PHE A 499 23.14 -7.60 19.82
N PHE A 500 23.35 -7.18 18.57
CA PHE A 500 22.96 -7.99 17.42
C PHE A 500 23.74 -9.28 17.32
N GLN A 501 24.98 -9.30 17.82
CA GLN A 501 25.84 -10.47 17.71
C GLN A 501 25.48 -11.58 18.70
N ASN A 502 24.77 -11.25 19.78
CA ASN A 502 24.42 -12.25 20.78
C ASN A 502 22.96 -12.69 20.69
N GLU A 503 22.10 -11.91 20.05
CA GLU A 503 20.67 -12.19 20.09
C GLU A 503 20.13 -12.58 18.71
N THR A 504 20.33 -11.73 17.72
CA THR A 504 19.78 -12.02 16.39
C THR A 504 20.76 -12.81 15.55
N GLN A 505 22.05 -12.44 15.58
CA GLN A 505 23.05 -13.15 14.80
C GLN A 505 23.30 -14.55 15.33
N LYS A 506 22.99 -14.82 16.59
CA LYS A 506 23.28 -16.10 17.21
C LYS A 506 22.08 -17.05 17.22
N TYR A 507 20.87 -16.54 17.43
CA TYR A 507 19.69 -17.38 17.54
C TYR A 507 18.85 -17.43 16.28
N LEU A 508 19.03 -16.48 15.37
CA LEU A 508 18.24 -16.42 14.13
C LEU A 508 19.09 -16.60 12.89
N ILE A 509 20.14 -15.80 12.72
CA ILE A 509 20.91 -15.82 11.48
C ILE A 509 21.95 -16.93 11.47
N ASP A 510 22.35 -17.44 12.63
CA ASP A 510 23.24 -18.60 12.69
C ASP A 510 22.50 -19.92 12.63
N VAL A 511 21.25 -19.96 13.07
CA VAL A 511 20.45 -21.18 12.98
C VAL A 511 19.98 -21.43 11.55
N LEU A 512 19.50 -20.38 10.87
CA LEU A 512 18.96 -20.53 9.53
C LEU A 512 20.04 -20.58 8.46
N LYS A 513 21.26 -20.14 8.76
CA LYS A 513 22.31 -20.08 7.77
C LYS A 513 22.77 -21.46 7.30
N LYS A 514 22.38 -22.53 7.99
CA LYS A 514 22.78 -23.88 7.64
C LYS A 514 21.65 -24.69 7.02
N THR A 515 20.43 -24.16 6.99
CA THR A 515 19.28 -24.91 6.52
C THR A 515 19.29 -25.03 5.00
N THR A 516 18.52 -26.00 4.49
CA THR A 516 18.38 -26.13 3.05
C THR A 516 17.63 -24.95 2.45
N ALA A 517 16.71 -24.34 3.21
CA ALA A 517 15.97 -23.20 2.71
C ALA A 517 16.88 -22.00 2.44
N TRP A 518 17.84 -21.76 3.33
CA TRP A 518 18.72 -20.60 3.16
C TRP A 518 19.54 -20.70 1.88
N HIS A 519 19.88 -21.91 1.45
CA HIS A 519 20.67 -22.11 0.23
C HIS A 519 19.80 -22.24 -1.01
N ILE A 520 18.63 -22.84 -0.89
CA ILE A 520 17.72 -22.87 -2.02
C ILE A 520 17.22 -21.46 -2.34
N GLY A 521 17.15 -20.59 -1.33
CA GLY A 521 16.82 -19.20 -1.61
C GLY A 521 17.82 -18.51 -2.50
N HIS A 522 19.11 -18.67 -2.24
CA HIS A 522 20.15 -18.12 -3.10
C HIS A 522 20.19 -18.81 -4.47
N LEU A 523 19.98 -20.12 -4.50
CA LEU A 523 19.91 -20.81 -5.78
C LEU A 523 18.78 -20.26 -6.65
N ILE A 524 17.61 -20.06 -6.04
CA ILE A 524 16.49 -19.50 -6.78
C ILE A 524 16.72 -18.04 -7.13
N ARG A 525 17.45 -17.30 -6.30
CA ARG A 525 17.85 -15.95 -6.69
C ARG A 525 18.66 -15.97 -7.97
N ASP A 526 19.64 -16.87 -8.06
CA ASP A 526 20.44 -16.98 -9.27
C ASP A 526 19.59 -17.41 -10.46
N ILE A 527 18.70 -18.38 -10.25
CA ILE A 527 17.85 -18.86 -11.35
C ILE A 527 16.96 -17.73 -11.86
N THR A 528 16.37 -16.95 -10.95
CA THR A 528 15.53 -15.83 -11.34
C THR A 528 16.31 -14.71 -11.99
N GLU A 529 17.56 -14.48 -11.59
CA GLU A 529 18.40 -13.52 -12.31
C GLU A 529 18.65 -13.98 -13.74
N SER A 530 18.98 -15.26 -13.93
CA SER A 530 19.18 -15.78 -15.27
C SER A 530 17.90 -15.74 -16.10
N LEU A 531 16.74 -15.90 -15.46
CA LEU A 531 15.47 -15.77 -16.17
C LEU A 531 15.16 -14.33 -16.53
N ILE A 532 15.48 -13.39 -15.65
CA ILE A 532 15.29 -11.98 -15.94
C ILE A 532 16.15 -11.56 -17.13
N ALA A 533 17.39 -12.05 -17.17
CA ALA A 533 18.27 -11.69 -18.28
C ALA A 533 17.70 -12.14 -19.62
N HIS A 534 17.16 -13.36 -19.69
CA HIS A 534 16.62 -13.90 -20.94
C HIS A 534 15.13 -13.60 -21.04
N SER A 535 14.77 -12.34 -20.75
CA SER A 535 13.39 -11.91 -20.87
C SER A 535 13.29 -10.55 -21.56
N GLY A 536 14.37 -9.78 -21.55
CA GLY A 536 14.37 -8.49 -22.20
C GLY A 536 14.24 -8.61 -23.69
N LEU A 537 13.95 -7.51 -24.38
CA LEU A 537 13.84 -7.54 -25.83
C LEU A 537 15.18 -7.92 -26.44
N LYS A 538 15.12 -8.52 -27.64
CA LYS A 538 16.24 -9.01 -28.41
C LYS A 538 16.80 -10.32 -27.85
N ARG A 539 16.31 -10.80 -26.71
CA ARG A 539 16.81 -12.02 -26.09
C ARG A 539 15.73 -13.06 -25.87
N SER A 540 14.53 -12.64 -25.46
CA SER A 540 13.49 -13.56 -25.03
C SER A 540 13.10 -14.54 -26.13
N LYS A 541 13.36 -14.20 -27.38
CA LYS A 541 12.95 -15.02 -28.52
C LYS A 541 13.94 -16.14 -28.82
N TYR A 542 15.05 -16.22 -28.09
CA TYR A 542 16.07 -17.24 -28.28
C TYR A 542 15.97 -18.28 -27.17
N TRP A 543 16.76 -19.34 -27.32
CA TRP A 543 16.88 -20.38 -26.31
C TRP A 543 18.07 -20.08 -25.41
N SER A 544 18.07 -20.69 -24.22
CA SER A 544 19.19 -20.51 -23.30
C SER A 544 19.29 -21.72 -22.39
N LEU A 545 20.49 -21.90 -21.83
CA LEU A 545 20.78 -23.03 -20.96
C LEU A 545 21.77 -22.58 -19.89
N HIS A 546 21.39 -22.74 -18.63
CA HIS A 546 22.25 -22.38 -17.51
C HIS A 546 22.34 -23.55 -16.53
N SER A 547 23.38 -23.55 -15.72
CA SER A 547 23.61 -24.64 -14.78
C SER A 547 24.12 -24.08 -13.46
N TYR A 548 23.72 -24.73 -12.36
CA TYR A 548 24.00 -24.26 -11.01
C TYR A 548 24.35 -25.44 -10.12
N ASN A 549 25.14 -25.16 -9.09
CA ASN A 549 25.52 -26.14 -8.07
C ASN A 549 26.29 -27.30 -8.69
N ASN A 550 27.42 -26.97 -9.30
CA ASN A 550 28.33 -27.97 -9.85
C ASN A 550 27.62 -28.90 -10.84
N GLY A 551 26.64 -28.36 -11.56
CA GLY A 551 25.90 -29.15 -12.51
C GLY A 551 24.77 -29.96 -11.93
N ASN A 552 24.48 -29.80 -10.64
CA ASN A 552 23.39 -30.54 -10.01
C ASN A 552 22.02 -29.98 -10.38
N VAL A 553 21.94 -28.71 -10.76
CA VAL A 553 20.68 -28.10 -11.19
C VAL A 553 20.90 -27.48 -12.56
N ILE A 554 19.90 -27.58 -13.42
CA ILE A 554 19.95 -26.99 -14.75
C ILE A 554 18.69 -26.17 -14.98
N LEU A 555 18.80 -25.17 -15.85
CA LEU A 555 17.68 -24.32 -16.23
C LEU A 555 17.69 -24.19 -17.74
N PHE A 556 16.67 -24.75 -18.38
CA PHE A 556 16.49 -24.68 -19.83
C PHE A 556 15.44 -23.62 -20.12
N ILE A 557 15.87 -22.47 -20.66
CA ILE A 557 14.96 -21.37 -20.91
C ILE A 557 14.54 -21.41 -22.37
N LEU A 558 13.24 -21.39 -22.59
CA LEU A 558 12.63 -21.53 -23.91
C LEU A 558 12.37 -20.16 -24.52
N PRO A 559 12.12 -20.08 -25.83
CA PRO A 559 11.70 -18.81 -26.42
C PRO A 559 10.39 -18.35 -25.79
N SER A 560 10.30 -17.04 -25.54
CA SER A 560 9.14 -16.49 -24.87
C SER A 560 9.02 -15.01 -25.18
N LYS A 561 7.80 -14.50 -25.11
CA LYS A 561 7.59 -13.06 -25.27
C LYS A 561 8.32 -12.32 -24.16
N SER A 562 8.88 -11.17 -24.52
CA SER A 562 9.60 -10.37 -23.54
C SER A 562 8.67 -9.86 -22.47
N LEU A 563 9.20 -9.70 -21.25
CA LEU A 563 8.40 -9.22 -20.13
C LEU A 563 8.23 -7.71 -20.14
N GLU A 564 8.87 -7.00 -21.07
CA GLU A 564 8.64 -5.57 -21.21
C GLU A 564 7.21 -5.30 -21.66
N VAL A 565 6.68 -6.13 -22.55
CA VAL A 565 5.29 -6.02 -23.01
C VAL A 565 4.41 -6.78 -22.05
N ALA A 566 3.33 -6.14 -21.59
CA ALA A 566 2.46 -6.75 -20.59
C ALA A 566 1.75 -7.97 -21.16
N GLY A 567 1.40 -8.88 -20.25
CA GLY A 567 0.68 -10.09 -20.65
C GLY A 567 1.56 -11.20 -21.19
N SER A 568 2.86 -11.15 -20.92
CA SER A 568 3.80 -12.14 -21.42
C SER A 568 4.37 -12.95 -20.26
N PHE A 569 4.80 -14.18 -20.57
CA PHE A 569 5.34 -15.10 -19.59
C PHE A 569 6.73 -15.55 -20.00
N ILE A 570 7.58 -15.80 -19.01
CA ILE A 570 8.87 -16.43 -19.21
C ILE A 570 8.70 -17.92 -19.00
N ARG A 571 9.13 -18.71 -19.99
CA ARG A 571 8.94 -20.16 -20.00
C ARG A 571 10.28 -20.82 -19.72
N PHE A 572 10.28 -21.78 -18.79
CA PHE A 572 11.53 -22.46 -18.42
C PHE A 572 11.22 -23.85 -17.92
N ILE A 573 12.26 -24.69 -17.94
CA ILE A 573 12.24 -26.03 -17.36
C ILE A 573 13.45 -26.14 -16.44
N THR A 574 13.28 -26.88 -15.34
CA THR A 574 14.32 -27.03 -14.33
C THR A 574 14.61 -28.51 -14.15
N VAL A 575 15.71 -28.98 -14.72
CA VAL A 575 16.19 -30.34 -14.54
C VAL A 575 17.18 -30.33 -13.37
N PHE A 576 16.89 -31.15 -12.36
CA PHE A 576 17.69 -31.14 -11.14
C PHE A 576 17.94 -32.57 -10.68
N ARG A 577 18.76 -32.71 -9.64
CA ARG A 577 19.08 -34.00 -9.07
C ARG A 577 18.15 -34.25 -7.89
N ILE A 578 17.34 -35.31 -7.98
CA ILE A 578 16.31 -35.58 -6.99
C ILE A 578 16.92 -35.60 -5.59
N GLY A 579 16.45 -34.71 -4.72
CA GLY A 579 16.96 -34.62 -3.38
C GLY A 579 16.07 -33.73 -2.51
N PRO A 580 16.49 -33.53 -1.26
CA PRO A 580 15.70 -32.68 -0.36
C PRO A 580 15.58 -31.25 -0.90
N GLY A 581 14.42 -30.65 -0.65
CA GLY A 581 14.16 -29.29 -1.09
C GLY A 581 12.76 -29.11 -1.62
N LEU A 582 12.59 -28.19 -2.57
CA LEU A 582 11.29 -27.90 -3.15
C LEU A 582 11.03 -28.90 -4.28
N VAL A 583 10.64 -30.11 -3.89
CA VAL A 583 10.38 -31.20 -4.84
C VAL A 583 8.98 -31.73 -4.56
N ASP A 584 8.08 -31.58 -5.53
CA ASP A 584 6.75 -32.16 -5.50
C ASP A 584 6.72 -33.19 -6.62
N LYS A 585 7.06 -34.43 -6.28
CA LYS A 585 7.30 -35.44 -7.30
C LYS A 585 6.08 -35.71 -8.17
N ASP A 586 4.87 -35.48 -7.65
CA ASP A 586 3.67 -35.72 -8.44
C ASP A 586 3.45 -34.66 -9.51
N ASN A 587 4.06 -33.48 -9.36
CA ASN A 587 3.91 -32.39 -10.31
C ASN A 587 5.18 -32.15 -11.12
N LEU A 588 6.08 -33.13 -11.18
CA LEU A 588 7.22 -33.09 -12.07
C LEU A 588 6.83 -33.73 -13.41
N ASP A 589 7.46 -33.26 -14.48
CA ASP A 589 7.20 -33.85 -15.79
C ASP A 589 7.62 -35.32 -15.82
N THR A 590 8.79 -35.63 -15.24
CA THR A 590 9.26 -37.01 -15.21
C THR A 590 10.45 -37.11 -14.26
N ILE A 591 10.85 -38.35 -14.00
CA ILE A 591 12.05 -38.65 -13.23
C ILE A 591 12.82 -39.71 -14.01
N LEU A 592 14.06 -39.37 -14.40
CA LEU A 592 14.89 -40.24 -15.21
C LEU A 592 16.03 -40.80 -14.34
N ILE A 593 16.20 -42.10 -14.37
CA ILE A 593 17.22 -42.75 -13.55
C ILE A 593 18.51 -42.86 -14.36
N ASP A 594 19.64 -42.80 -13.65
CA ASP A 594 20.95 -42.98 -14.27
C ASP A 594 21.71 -44.06 -13.52
N GLY A 595 21.04 -45.17 -13.24
CA GLY A 595 21.62 -46.22 -12.44
C GLY A 595 21.35 -46.03 -10.96
N ASP A 596 22.01 -45.05 -10.35
CA ASP A 596 21.85 -44.76 -8.93
C ASP A 596 21.21 -43.42 -8.64
N SER A 597 21.47 -42.40 -9.46
CA SER A 597 20.97 -41.06 -9.22
C SER A 597 19.73 -40.80 -10.09
N GLN A 598 18.72 -40.18 -9.49
CA GLN A 598 17.49 -39.83 -10.17
C GLN A 598 17.50 -38.33 -10.49
N TRP A 599 17.11 -38.00 -11.71
CA TRP A 599 17.04 -36.62 -12.18
C TRP A 599 15.58 -36.25 -12.39
N GLY A 600 15.13 -35.21 -11.70
CA GLY A 600 13.78 -34.72 -11.85
C GLY A 600 13.70 -33.66 -12.93
N VAL A 601 12.83 -33.89 -13.91
CA VAL A 601 12.53 -32.94 -14.97
C VAL A 601 11.16 -32.36 -14.65
N SER A 602 11.11 -31.07 -14.38
CA SER A 602 9.86 -30.40 -14.03
C SER A 602 9.09 -30.01 -15.28
N LYS A 603 7.86 -29.56 -15.07
CA LYS A 603 7.02 -29.13 -16.18
C LYS A 603 7.52 -27.80 -16.72
N VAL A 604 7.02 -27.43 -17.90
CA VAL A 604 7.35 -26.14 -18.49
C VAL A 604 6.58 -25.07 -17.72
N MET A 605 7.30 -24.31 -16.89
CA MET A 605 6.69 -23.28 -16.05
C MET A 605 6.71 -21.95 -16.79
N SER A 606 5.55 -21.30 -16.86
CA SER A 606 5.40 -19.98 -17.45
C SER A 606 5.08 -19.01 -16.32
N ILE A 607 5.98 -18.06 -16.07
CA ILE A 607 5.89 -17.14 -14.95
C ILE A 607 5.88 -15.72 -15.48
N ASP A 608 4.91 -14.92 -15.04
CA ASP A 608 4.83 -13.53 -15.46
C ASP A 608 5.84 -12.69 -14.69
N LEU A 609 5.91 -11.40 -15.01
CA LEU A 609 6.91 -10.54 -14.40
C LEU A 609 6.64 -10.33 -12.91
N ASN A 610 5.37 -10.24 -12.50
CA ASN A 610 5.07 -10.07 -11.09
C ASN A 610 5.64 -11.22 -10.28
N ARG A 611 5.31 -12.46 -10.66
CA ARG A 611 5.81 -13.62 -9.94
C ARG A 611 7.30 -13.80 -10.12
N LEU A 612 7.83 -13.51 -11.32
CA LEU A 612 9.27 -13.64 -11.53
C LEU A 612 10.05 -12.71 -10.62
N LEU A 613 9.60 -11.47 -10.46
CA LEU A 613 10.27 -10.55 -9.57
C LEU A 613 9.98 -10.85 -8.11
N ALA A 614 8.86 -11.51 -7.81
CA ALA A 614 8.60 -11.96 -6.44
C ALA A 614 9.50 -13.11 -6.03
N LEU A 615 9.83 -14.00 -6.96
CA LEU A 615 10.71 -15.12 -6.65
C LEU A 615 12.17 -14.69 -6.52
N ASN A 616 12.53 -13.52 -7.06
CA ASN A 616 13.89 -13.03 -6.93
C ASN A 616 14.21 -12.53 -5.54
N ILE A 617 13.19 -12.16 -4.75
CA ILE A 617 13.37 -11.73 -3.38
C ILE A 617 12.69 -12.67 -2.40
N ALA A 618 12.47 -13.93 -2.80
CA ALA A 618 11.83 -14.88 -1.92
C ALA A 618 12.64 -15.10 -0.66
N PHE A 619 13.97 -15.19 -0.79
CA PHE A 619 14.83 -15.38 0.38
C PHE A 619 14.73 -14.18 1.32
N GLU A 620 14.84 -12.97 0.77
CA GLU A 620 14.76 -11.77 1.62
C GLU A 620 13.40 -11.67 2.29
N LYS A 621 12.33 -11.92 1.53
CA LYS A 621 10.99 -11.85 2.10
C LYS A 621 10.82 -12.84 3.24
N ALA A 622 11.21 -14.10 3.00
CA ALA A 622 11.09 -15.11 4.04
C ALA A 622 11.93 -14.78 5.25
N LEU A 623 13.15 -14.27 5.03
CA LEU A 623 14.02 -13.94 6.15
C LEU A 623 13.46 -12.79 6.97
N ILE A 624 12.89 -11.77 6.31
CA ILE A 624 12.29 -10.66 7.04
C ILE A 624 11.07 -11.12 7.83
N ALA A 625 10.24 -11.97 7.21
CA ALA A 625 9.07 -12.48 7.92
C ALA A 625 9.49 -13.32 9.13
N THR A 626 10.52 -14.15 8.98
CA THR A 626 11.02 -14.93 10.10
C THR A 626 11.64 -14.06 11.18
N ALA A 627 12.35 -13.00 10.80
CA ALA A 627 12.91 -12.09 11.79
C ALA A 627 11.83 -11.32 12.53
N THR A 628 10.70 -11.06 11.89
CA THR A 628 9.57 -10.45 12.61
C THR A 628 8.89 -11.45 13.54
N TRP A 629 8.68 -12.68 13.08
CA TRP A 629 8.13 -13.71 13.95
C TRP A 629 9.02 -13.95 15.16
N PHE A 630 10.34 -13.90 14.97
CA PHE A 630 11.32 -14.01 16.05
C PHE A 630 11.14 -12.93 17.11
N GLN A 631 11.04 -11.66 16.70
CA GLN A 631 10.79 -10.58 17.62
C GLN A 631 9.45 -10.71 18.32
N TYR A 632 8.40 -11.10 17.59
CA TYR A 632 7.09 -11.26 18.21
C TYR A 632 7.12 -12.36 19.27
N TYR A 633 7.81 -13.47 18.97
CA TYR A 633 7.96 -14.53 19.97
C TYR A 633 8.72 -14.04 21.19
N THR A 634 9.80 -13.27 20.97
CA THR A 634 10.56 -12.78 22.12
C THR A 634 9.71 -11.85 22.99
N GLU A 635 8.91 -10.99 22.37
CA GLU A 635 8.04 -10.10 23.13
C GLU A 635 6.87 -10.83 23.78
N ASP A 636 6.46 -11.96 23.23
CA ASP A 636 5.34 -12.72 23.80
C ASP A 636 5.79 -13.57 24.97
N GLN A 637 6.71 -14.50 24.72
CA GLN A 637 7.15 -15.45 25.74
C GLN A 637 8.28 -14.93 26.60
N GLY A 638 8.85 -13.77 26.27
CA GLY A 638 9.92 -13.21 27.07
C GLY A 638 11.25 -13.90 26.91
N GLN A 639 11.38 -14.80 25.94
CA GLN A 639 12.61 -15.55 25.74
C GLN A 639 12.73 -15.92 24.27
N PHE A 640 13.95 -16.20 23.84
CA PHE A 640 14.20 -16.49 22.44
C PHE A 640 13.57 -17.83 22.04
N PRO A 641 13.15 -17.97 20.79
CA PRO A 641 12.65 -19.27 20.33
C PRO A 641 13.75 -20.32 20.28
N LEU A 642 13.34 -21.57 20.33
CA LEU A 642 14.27 -22.68 20.16
C LEU A 642 14.66 -22.80 18.70
N GLN A 643 15.71 -23.59 18.44
CA GLN A 643 16.20 -23.75 17.09
C GLN A 643 15.13 -24.33 16.18
N TYR A 644 14.47 -25.41 16.61
CA TYR A 644 13.50 -26.07 15.75
C TYR A 644 12.36 -25.14 15.38
N ALA A 645 11.89 -24.34 16.34
CA ALA A 645 10.77 -23.44 16.07
C ALA A 645 11.12 -22.46 14.97
N ILE A 646 12.28 -21.80 15.09
CA ILE A 646 12.64 -20.79 14.10
C ILE A 646 12.94 -21.43 12.75
N ARG A 647 13.54 -22.63 12.77
CA ARG A 647 13.78 -23.33 11.51
C ARG A 647 12.48 -23.67 10.79
N SER A 648 11.49 -24.17 11.53
CA SER A 648 10.19 -24.48 10.92
C SER A 648 9.50 -23.22 10.44
N VAL A 649 9.59 -22.13 11.21
CA VAL A 649 9.00 -20.87 10.77
C VAL A 649 9.63 -20.40 9.47
N PHE A 650 10.96 -20.47 9.38
CA PHE A 650 11.64 -20.07 8.15
C PHE A 650 11.22 -20.95 6.99
N ALA A 651 11.11 -22.26 7.21
CA ALA A 651 10.69 -23.16 6.14
C ALA A 651 9.29 -22.81 5.65
N ASN A 652 8.37 -22.56 6.58
CA ASN A 652 7.00 -22.22 6.19
C ASN A 652 6.96 -20.90 5.43
N HIS A 653 7.69 -19.89 5.90
CA HIS A 653 7.70 -18.61 5.21
C HIS A 653 8.31 -18.74 3.82
N PHE A 654 9.38 -19.53 3.69
CA PHE A 654 9.98 -19.72 2.37
C PHE A 654 9.02 -20.44 1.43
N LEU A 655 8.32 -21.45 1.93
CA LEU A 655 7.34 -22.14 1.08
C LEU A 655 6.24 -21.20 0.63
N LEU A 656 5.76 -20.34 1.55
CA LEU A 656 4.74 -19.38 1.16
C LEU A 656 5.27 -18.40 0.11
N ALA A 657 6.50 -17.91 0.30
CA ALA A 657 7.06 -16.93 -0.63
C ALA A 657 7.41 -17.54 -1.98
N ILE A 658 7.58 -18.85 -2.04
CA ILE A 658 7.88 -19.51 -3.31
C ILE A 658 6.60 -19.79 -4.10
N CYS A 659 5.54 -20.22 -3.41
CA CYS A 659 4.26 -20.53 -4.06
C CYS A 659 3.43 -19.25 -4.11
N GLN A 660 3.68 -18.46 -5.15
CA GLN A 660 2.97 -17.19 -5.35
C GLN A 660 1.72 -17.44 -6.20
N LYS A 661 0.74 -18.08 -5.57
CA LYS A 661 -0.54 -18.38 -6.19
C LYS A 661 -1.60 -17.41 -5.67
N MET A 662 -2.69 -17.29 -6.43
CA MET A 662 -3.77 -16.41 -6.00
C MET A 662 -4.75 -17.12 -5.08
N LYS A 663 -4.92 -18.44 -5.23
CA LYS A 663 -5.83 -19.17 -4.35
C LYS A 663 -5.35 -19.12 -2.91
N LEU A 664 -4.06 -19.34 -2.68
CA LEU A 664 -3.48 -19.22 -1.35
C LEU A 664 -3.52 -17.79 -0.84
N CYS A 665 -3.32 -16.81 -1.71
CA CYS A 665 -3.45 -15.41 -1.30
C CYS A 665 -4.86 -15.13 -0.80
N ALA A 666 -5.88 -15.62 -1.51
CA ALA A 666 -7.25 -15.43 -1.07
C ALA A 666 -7.52 -16.15 0.25
N ILE A 667 -6.98 -17.37 0.40
CA ILE A 667 -7.17 -18.10 1.65
C ILE A 667 -6.58 -17.31 2.82
N PHE A 668 -5.38 -16.78 2.65
CA PHE A 668 -4.75 -16.02 3.72
C PHE A 668 -5.40 -14.66 3.92
N ASP A 669 -6.05 -14.12 2.88
CA ASP A 669 -6.82 -12.89 3.05
C ASP A 669 -8.05 -13.12 3.91
N ASN A 670 -8.71 -14.27 3.71
CA ASN A 670 -9.88 -14.60 4.51
C ASN A 670 -9.52 -15.06 5.91
N LEU A 671 -8.34 -15.65 6.11
CA LEU A 671 -7.94 -16.10 7.44
C LEU A 671 -7.74 -14.94 8.41
N ARG A 672 -7.18 -13.81 7.97
CA ARG A 672 -6.99 -12.65 8.84
C ARG A 672 -8.31 -12.00 9.25
N TYR A 673 -9.40 -12.34 8.57
CA TYR A 673 -10.74 -11.96 9.00
C TYR A 673 -11.37 -13.03 9.88
N LEU A 674 -11.13 -14.30 9.57
CA LEU A 674 -11.69 -15.38 10.37
C LEU A 674 -11.14 -15.40 11.78
N ILE A 675 -9.82 -15.22 11.93
CA ILE A 675 -9.19 -15.33 13.24
C ILE A 675 -9.76 -14.30 14.20
N PRO A 676 -9.87 -13.02 13.82
CA PRO A 676 -10.54 -12.05 14.69
C PRO A 676 -12.00 -12.38 14.95
N ALA A 677 -12.63 -13.18 14.10
CA ALA A 677 -14.05 -13.51 14.23
C ALA A 677 -14.33 -14.67 15.17
N VAL A 678 -13.30 -15.38 15.62
CA VAL A 678 -13.46 -16.52 16.53
C VAL A 678 -12.78 -16.28 17.87
N THR A 679 -12.04 -15.18 18.01
CA THR A 679 -11.46 -14.79 19.28
C THR A 679 -12.22 -13.63 19.91
N SER A 680 -13.49 -13.46 19.55
CA SER A 680 -14.31 -12.35 20.02
C SER A 680 -15.61 -12.90 20.59
N LEU A 681 -16.24 -12.09 21.44
CA LEU A 681 -17.47 -12.51 22.09
C LEU A 681 -18.56 -12.82 21.05
N TYR A 682 -18.82 -11.87 20.15
CA TYR A 682 -19.78 -12.05 19.08
C TYR A 682 -19.14 -11.62 17.77
N SER A 683 -19.52 -12.31 16.70
CA SER A 683 -18.96 -12.02 15.39
C SER A 683 -19.86 -12.65 14.34
N GLY A 684 -19.47 -12.47 13.07
CA GLY A 684 -20.19 -13.07 11.97
C GLY A 684 -19.46 -14.28 11.42
N PHE A 685 -18.92 -15.11 12.30
CA PHE A 685 -18.09 -16.22 11.86
C PHE A 685 -18.85 -17.24 11.00
N PRO A 686 -20.17 -17.44 11.13
CA PRO A 686 -20.83 -18.37 10.21
C PRO A 686 -20.70 -17.96 8.75
N SER A 687 -20.92 -16.67 8.45
CA SER A 687 -20.77 -16.15 7.11
C SER A 687 -19.32 -16.20 6.62
N LEU A 688 -18.37 -15.85 7.49
CA LEU A 688 -16.96 -15.90 7.09
C LEU A 688 -16.54 -17.33 6.79
N ILE A 689 -16.97 -18.29 7.60
CA ILE A 689 -16.63 -19.69 7.36
C ILE A 689 -17.28 -20.18 6.07
N GLU A 690 -18.56 -19.85 5.87
CA GLU A 690 -19.23 -20.26 4.64
C GLU A 690 -18.55 -19.65 3.42
N LYS A 691 -17.95 -18.46 3.57
CA LYS A 691 -17.16 -17.89 2.50
C LYS A 691 -15.84 -18.62 2.32
N LEU A 692 -15.23 -19.08 3.41
CA LEU A 692 -13.98 -19.84 3.30
C LEU A 692 -14.14 -21.08 2.44
N PHE A 693 -15.34 -21.65 2.37
CA PHE A 693 -15.60 -22.82 1.54
C PHE A 693 -16.11 -22.46 0.15
N GLU A 694 -16.13 -21.18 -0.21
CA GLU A 694 -16.43 -20.78 -1.58
C GLU A 694 -15.17 -20.83 -2.42
N ARG A 695 -14.40 -21.91 -2.30
CA ARG A 695 -13.14 -22.06 -3.02
C ARG A 695 -13.04 -23.50 -3.47
N PRO A 696 -12.54 -23.75 -4.68
CA PRO A 696 -12.06 -25.10 -5.00
C PRO A 696 -10.64 -25.28 -4.51
N PHE A 697 -10.39 -26.32 -3.72
CA PHE A 697 -9.07 -26.61 -3.19
C PHE A 697 -8.38 -27.56 -4.16
N LYS A 698 -7.46 -27.01 -4.96
CA LYS A 698 -6.87 -27.73 -6.08
C LYS A 698 -5.52 -28.36 -5.77
N SER A 699 -4.65 -27.66 -5.05
CA SER A 699 -3.32 -28.15 -4.74
C SER A 699 -3.25 -28.71 -3.32
N SER A 700 -2.18 -29.44 -3.04
CA SER A 700 -1.98 -29.99 -1.70
C SER A 700 -1.69 -28.89 -0.70
N LEU A 701 -1.03 -27.81 -1.12
CA LEU A 701 -0.75 -26.70 -0.21
C LEU A 701 -2.02 -25.99 0.23
N GLU A 702 -3.08 -26.04 -0.59
CA GLU A 702 -4.35 -25.46 -0.18
C GLU A 702 -5.08 -26.36 0.81
N VAL A 703 -5.00 -27.68 0.62
CA VAL A 703 -5.67 -28.64 1.49
C VAL A 703 -4.81 -28.91 2.72
N TYR A 704 -3.70 -28.20 2.84
CA TYR A 704 -2.86 -28.27 4.03
C TYR A 704 -3.10 -27.03 4.87
N ILE A 705 -3.10 -25.86 4.22
CA ILE A 705 -3.50 -24.64 4.91
C ILE A 705 -4.92 -24.75 5.42
N TYR A 706 -5.82 -25.37 4.65
CA TYR A 706 -7.15 -25.66 5.16
C TYR A 706 -7.06 -26.49 6.44
N TYR A 707 -6.57 -27.72 6.32
CA TYR A 707 -6.45 -28.61 7.47
C TYR A 707 -5.88 -27.89 8.70
N ASN A 708 -4.99 -26.92 8.50
CA ASN A 708 -4.46 -26.14 9.62
C ASN A 708 -5.44 -25.09 10.14
N ILE A 709 -6.16 -24.39 9.26
CA ILE A 709 -7.10 -23.36 9.67
C ILE A 709 -8.28 -23.99 10.41
N LYS A 710 -8.76 -25.12 9.88
CA LYS A 710 -9.85 -25.83 10.53
C LYS A 710 -9.54 -26.17 11.98
N SER A 711 -8.32 -26.62 12.26
CA SER A 711 -7.90 -26.91 13.63
C SER A 711 -7.68 -25.66 14.46
N LEU A 712 -6.98 -24.67 13.90
CA LEU A 712 -6.69 -23.47 14.66
C LEU A 712 -7.96 -22.73 15.07
N LEU A 713 -8.88 -22.51 14.14
CA LEU A 713 -10.09 -21.75 14.44
C LEU A 713 -11.00 -22.48 15.41
N VAL A 714 -11.07 -23.81 15.32
CA VAL A 714 -11.86 -24.57 16.27
C VAL A 714 -11.22 -24.52 17.66
N ALA A 715 -9.88 -24.55 17.72
CA ALA A 715 -9.22 -24.48 19.01
C ALA A 715 -9.36 -23.11 19.64
N LEU A 716 -9.37 -22.04 18.84
CA LEU A 716 -9.49 -20.69 19.36
C LEU A 716 -10.88 -20.40 19.90
N ALA A 717 -11.92 -21.02 19.34
CA ALA A 717 -13.28 -20.79 19.82
C ALA A 717 -13.56 -21.50 21.13
N GLN A 718 -12.71 -22.46 21.53
CA GLN A 718 -12.88 -23.18 22.78
C GLN A 718 -12.12 -22.56 23.94
N ASN A 719 -11.30 -21.54 23.69
CA ASN A 719 -10.47 -20.91 24.70
C ASN A 719 -10.78 -19.43 24.82
N ASN A 720 -12.06 -19.09 24.83
CA ASN A 720 -12.47 -17.69 24.95
C ASN A 720 -13.73 -17.56 25.82
N VAL A 745 -4.26 -17.92 25.82
CA VAL A 745 -4.04 -19.24 25.27
C VAL A 745 -4.39 -19.26 23.79
N TYR A 746 -3.47 -18.78 22.96
CA TYR A 746 -3.69 -18.64 21.53
C TYR A 746 -2.74 -19.57 20.77
N PRO A 747 -3.18 -20.75 20.35
CA PRO A 747 -2.27 -21.66 19.65
C PRO A 747 -1.75 -21.05 18.36
N SER A 748 -0.52 -21.41 18.01
CA SER A 748 0.12 -20.87 16.82
C SER A 748 -0.40 -21.55 15.56
N PHE A 749 -0.57 -20.76 14.51
CA PHE A 749 -0.99 -21.27 13.21
C PHE A 749 0.14 -21.94 12.44
N MET A 750 1.39 -21.72 12.84
CA MET A 750 2.53 -22.11 12.04
C MET A 750 3.63 -22.82 12.84
N SER A 751 3.50 -22.94 14.15
CA SER A 751 4.43 -23.70 14.97
C SER A 751 3.62 -24.44 16.03
N ARG A 752 4.33 -25.09 16.96
CA ARG A 752 3.71 -25.85 18.03
C ARG A 752 3.58 -25.06 19.33
N ILE A 753 3.87 -23.77 19.31
CA ILE A 753 3.86 -22.95 20.50
C ILE A 753 2.48 -22.35 20.70
N VAL A 754 2.15 -22.07 21.96
CA VAL A 754 0.88 -21.44 22.34
C VAL A 754 1.19 -20.04 22.85
N TYR A 755 0.71 -19.04 22.13
CA TYR A 755 0.98 -17.66 22.50
C TYR A 755 0.20 -17.27 23.75
N LYS A 756 0.64 -16.18 24.38
CA LYS A 756 -0.08 -15.60 25.51
C LYS A 756 -0.94 -14.41 25.12
N HIS A 757 -0.71 -13.82 23.95
CA HIS A 757 -1.42 -12.62 23.53
C HIS A 757 -2.01 -12.84 22.14
N TYR A 758 -3.17 -12.22 21.91
CA TYR A 758 -3.82 -12.31 20.60
C TYR A 758 -3.01 -11.59 19.53
N ARG A 759 -2.36 -10.48 19.89
CA ARG A 759 -1.57 -9.73 18.94
C ARG A 759 -0.51 -10.60 18.26
N SER A 760 0.11 -11.51 19.01
CA SER A 760 1.12 -12.39 18.42
C SER A 760 0.53 -13.23 17.30
N LEU A 761 -0.59 -13.90 17.54
CA LEU A 761 -1.21 -14.73 16.52
C LEU A 761 -1.71 -13.93 15.33
N ILE A 762 -2.36 -12.78 15.57
CA ILE A 762 -2.88 -12.01 14.46
C ILE A 762 -1.74 -11.46 13.61
N SER A 763 -0.66 -10.99 14.24
CA SER A 763 0.50 -10.51 13.48
C SER A 763 1.18 -11.66 12.76
N GLU A 764 1.20 -12.85 13.36
CA GLU A 764 1.80 -14.00 12.70
C GLU A 764 1.06 -14.34 11.41
N VAL A 765 -0.28 -14.34 11.45
CA VAL A 765 -1.03 -14.62 10.23
C VAL A 765 -0.94 -13.45 9.24
N THR A 766 -0.94 -12.22 9.74
CA THR A 766 -0.81 -11.07 8.85
C THR A 766 0.50 -11.10 8.08
N THR A 767 1.60 -11.45 8.75
CA THR A 767 2.87 -11.57 8.06
C THR A 767 2.79 -12.56 6.92
N CYS A 768 2.18 -13.72 7.15
CA CYS A 768 1.99 -14.70 6.09
C CYS A 768 1.10 -14.16 4.98
N PHE A 769 0.17 -13.26 5.30
CA PHE A 769 -0.64 -12.64 4.25
C PHE A 769 0.18 -11.71 3.37
N PHE A 770 1.17 -11.02 3.93
CA PHE A 770 1.98 -10.08 3.18
C PHE A 770 3.11 -10.76 2.41
N LEU A 771 3.26 -12.08 2.52
CA LEU A 771 4.24 -12.80 1.72
C LEU A 771 3.79 -12.99 0.29
N PHE A 772 2.57 -12.59 -0.04
CA PHE A 772 2.04 -12.67 -1.40
C PHE A 772 1.98 -11.27 -2.00
N GLU A 773 2.26 -11.19 -3.29
CA GLU A 773 2.36 -9.91 -3.96
C GLU A 773 0.98 -9.35 -4.31
N LYS A 774 0.95 -8.04 -4.54
CA LYS A 774 -0.26 -7.38 -4.99
C LYS A 774 -0.45 -7.62 -6.49
N GLY A 775 -1.66 -8.04 -6.87
CA GLY A 775 -1.97 -8.18 -8.27
C GLY A 775 -1.68 -9.55 -8.85
N LEU A 776 -2.00 -10.60 -8.10
CA LEU A 776 -1.89 -11.96 -8.59
C LEU A 776 -3.16 -12.44 -9.28
N HIS A 777 -4.17 -11.58 -9.41
CA HIS A 777 -5.43 -11.96 -10.01
C HIS A 777 -5.30 -12.12 -11.52
N GLY A 778 -6.27 -12.82 -12.11
CA GLY A 778 -6.44 -12.79 -13.55
C GLY A 778 -6.75 -11.38 -14.00
N ASN A 779 -6.03 -10.90 -15.01
CA ASN A 779 -6.14 -9.49 -15.36
C ASN A 779 -7.53 -9.12 -15.87
N MET A 780 -8.09 -9.94 -16.76
CA MET A 780 -9.39 -9.65 -17.35
C MET A 780 -10.53 -9.97 -16.41
N ASN A 781 -10.40 -11.03 -15.59
CA ASN A 781 -11.41 -11.35 -14.61
C ASN A 781 -11.68 -10.16 -13.70
N GLU A 782 -10.64 -9.57 -13.13
CA GLU A 782 -10.80 -8.42 -12.26
C GLU A 782 -11.27 -7.18 -13.02
N GLU A 783 -10.86 -7.02 -14.28
CA GLU A 783 -11.37 -5.92 -15.09
C GLU A 783 -12.88 -6.00 -15.23
N ALA A 784 -13.43 -7.21 -15.32
CA ALA A 784 -14.87 -7.39 -15.32
C ALA A 784 -15.49 -7.21 -13.92
N LYS A 785 -14.80 -7.73 -12.89
CA LYS A 785 -15.33 -7.65 -11.53
C LYS A 785 -15.52 -6.21 -11.08
N ILE A 786 -14.55 -5.34 -11.38
CA ILE A 786 -14.64 -3.95 -10.92
C ILE A 786 -15.81 -3.21 -11.56
N HIS A 787 -16.30 -3.67 -12.72
CA HIS A 787 -17.44 -3.06 -13.39
C HIS A 787 -18.78 -3.63 -12.92
N LEU A 788 -18.85 -4.95 -12.69
CA LEU A 788 -20.12 -5.56 -12.32
C LEU A 788 -20.72 -4.98 -11.04
N GLU A 789 -19.91 -4.67 -10.03
CA GLU A 789 -20.47 -4.13 -8.79
C GLU A 789 -21.18 -2.80 -9.03
N THR A 790 -20.52 -1.88 -9.74
CA THR A 790 -21.12 -0.59 -10.03
C THR A 790 -22.39 -0.76 -10.85
N VAL A 791 -22.35 -1.62 -11.86
CA VAL A 791 -23.54 -1.82 -12.69
C VAL A 791 -24.68 -2.39 -11.85
N GLU A 792 -24.39 -3.37 -10.99
CA GLU A 792 -25.42 -3.99 -10.19
C GLU A 792 -26.07 -3.00 -9.25
N TRP A 793 -25.27 -2.16 -8.59
CA TRP A 793 -25.86 -1.22 -7.65
C TRP A 793 -26.60 -0.09 -8.37
N ALA A 794 -26.14 0.30 -9.56
CA ALA A 794 -26.91 1.25 -10.35
C ALA A 794 -28.27 0.68 -10.73
N LEU A 795 -28.31 -0.59 -11.12
CA LEU A 795 -29.57 -1.23 -11.43
C LEU A 795 -30.45 -1.32 -10.20
N LYS A 796 -29.86 -1.60 -9.03
CA LYS A 796 -30.65 -1.61 -7.80
C LYS A 796 -31.26 -0.25 -7.52
N PHE A 797 -30.49 0.82 -7.72
CA PHE A 797 -31.02 2.17 -7.52
C PHE A 797 -32.16 2.46 -8.49
N ARG A 798 -32.02 2.05 -9.75
CA ARG A 798 -33.10 2.25 -10.71
C ARG A 798 -34.34 1.46 -10.30
N GLU A 799 -34.17 0.24 -9.82
CA GLU A 799 -35.29 -0.56 -9.37
C GLU A 799 -35.99 0.07 -8.18
N LYS A 800 -35.22 0.65 -7.26
CA LYS A 800 -35.81 1.39 -6.15
C LYS A 800 -36.56 2.64 -6.61
N GLU A 801 -36.03 3.35 -7.61
CA GLU A 801 -36.74 4.47 -8.20
C GLU A 801 -38.06 4.06 -8.84
N GLU A 802 -38.10 2.90 -9.48
CA GLU A 802 -39.34 2.40 -10.04
C GLU A 802 -40.38 2.05 -8.98
N LYS A 803 -39.94 1.44 -7.87
CA LYS A 803 -40.89 0.98 -6.85
C LYS A 803 -41.53 2.15 -6.12
N TYR A 804 -40.73 3.09 -5.64
CA TYR A 804 -41.22 4.22 -4.85
C TYR A 804 -41.28 5.52 -5.63
N GLY A 805 -40.92 5.51 -6.91
CA GLY A 805 -40.89 6.72 -7.70
C GLY A 805 -39.58 7.47 -7.54
N GLU A 806 -39.34 8.38 -8.47
CA GLU A 806 -38.10 9.16 -8.45
C GLU A 806 -38.08 10.17 -7.33
N SER A 807 -39.21 10.80 -7.02
CA SER A 807 -39.24 11.84 -6.01
C SER A 807 -38.86 11.31 -4.64
N LEU A 808 -39.40 10.15 -4.26
CA LEU A 808 -39.09 9.59 -2.94
C LEU A 808 -37.62 9.18 -2.86
N VAL A 809 -37.12 8.48 -3.87
CA VAL A 809 -35.74 8.00 -3.84
C VAL A 809 -34.77 9.15 -3.83
N GLU A 810 -35.09 10.24 -4.55
CA GLU A 810 -34.17 11.36 -4.67
C GLU A 810 -34.23 12.27 -3.44
N ASN A 811 -35.44 12.74 -3.10
CA ASN A 811 -35.60 13.62 -1.95
C ASN A 811 -35.65 12.88 -0.62
N GLY A 812 -35.88 11.57 -0.66
CA GLY A 812 -35.93 10.78 0.56
C GLY A 812 -37.31 10.76 1.18
N TYR A 813 -37.62 9.68 1.89
CA TYR A 813 -38.91 9.54 2.54
C TYR A 813 -38.90 10.25 3.89
N MET A 814 -40.08 10.35 4.50
CA MET A 814 -40.24 10.99 5.79
C MET A 814 -40.69 9.96 6.83
N MET A 815 -40.66 10.39 8.09
CA MET A 815 -40.88 9.45 9.19
C MET A 815 -42.27 8.82 9.13
N TRP A 816 -43.29 9.60 8.80
CA TRP A 816 -44.65 9.07 8.78
C TRP A 816 -44.81 8.00 7.71
N GLU A 817 -44.00 8.05 6.65
CA GLU A 817 -44.01 6.98 5.66
C GLU A 817 -43.26 5.74 6.17
N LEU A 818 -42.15 5.95 6.90
CA LEU A 818 -41.43 4.83 7.48
C LEU A 818 -42.30 4.06 8.46
N ARG A 819 -43.04 4.77 9.31
CA ARG A 819 -43.94 4.10 10.25
C ARG A 819 -44.99 3.27 9.52
N ALA A 820 -45.52 3.79 8.41
CA ALA A 820 -46.55 3.08 7.67
C ALA A 820 -45.99 1.91 6.86
N ASN A 821 -44.72 1.95 6.47
CA ASN A 821 -44.11 0.89 5.69
C ASN A 821 -43.10 0.09 6.51
N ALA A 822 -42.10 0.76 7.09
CA ALA A 822 -41.08 0.11 7.91
C ALA A 822 -40.09 -0.68 7.05
N GLU A 823 -40.37 -0.81 5.75
CA GLU A 823 -39.41 -1.36 4.80
C GLU A 823 -38.65 -0.27 4.05
N LEU A 824 -39.02 0.99 4.24
CA LEU A 824 -38.28 2.09 3.64
C LEU A 824 -36.89 2.23 4.26
N ALA A 825 -36.68 1.70 5.46
CA ALA A 825 -35.35 1.74 6.07
C ALA A 825 -34.47 0.71 5.38
N GLU A 826 -34.04 1.02 4.16
CA GLU A 826 -33.19 0.16 3.36
C GLU A 826 -31.98 0.99 2.90
N GLN A 827 -31.05 0.32 2.26
CA GLN A 827 -29.85 0.98 1.77
C GLN A 827 -30.12 1.54 0.37
N GLN A 828 -29.56 2.73 0.12
CA GLN A 828 -29.87 3.60 -1.02
C GLN A 828 -31.14 4.41 -0.79
N LEU A 829 -31.77 4.29 0.37
CA LEU A 829 -32.93 5.11 0.74
C LEU A 829 -32.62 5.79 2.05
N TYR A 830 -33.01 7.06 2.16
CA TYR A 830 -32.70 7.87 3.32
C TYR A 830 -33.94 8.62 3.78
N CYS A 831 -33.95 8.98 5.07
CA CYS A 831 -35.10 9.61 5.71
C CYS A 831 -34.82 11.09 5.92
N GLN A 832 -35.66 11.94 5.33
CA GLN A 832 -35.45 13.39 5.42
C GLN A 832 -35.27 13.83 6.87
N ASP A 833 -36.19 13.41 7.74
CA ASP A 833 -36.14 13.83 9.13
C ASP A 833 -34.87 13.34 9.80
N ALA A 834 -34.42 12.13 9.46
CA ALA A 834 -33.22 11.59 10.07
C ALA A 834 -32.00 12.45 9.76
N ILE A 835 -31.83 12.83 8.49
CA ILE A 835 -30.69 13.67 8.13
C ILE A 835 -30.82 15.07 8.71
N GLU A 836 -32.03 15.63 8.74
CA GLU A 836 -32.16 16.95 9.34
C GLU A 836 -31.80 16.91 10.82
N LEU A 837 -32.24 15.88 11.55
CA LEU A 837 -31.90 15.77 12.95
C LEU A 837 -30.42 15.47 13.15
N ALA A 838 -29.81 14.68 12.26
CA ALA A 838 -28.37 14.44 12.35
C ALA A 838 -27.59 15.73 12.15
N ALA A 839 -28.00 16.54 11.17
CA ALA A 839 -27.37 17.84 10.96
C ALA A 839 -27.55 18.74 12.18
N ILE A 840 -28.72 18.70 12.82
CA ILE A 840 -28.91 19.48 14.04
C ILE A 840 -27.99 18.99 15.16
N GLU A 841 -27.84 17.68 15.29
CA GLU A 841 -26.96 17.15 16.33
C GLU A 841 -25.51 17.53 16.09
N LEU A 842 -25.07 17.51 14.83
CA LEU A 842 -23.73 17.98 14.52
C LEU A 842 -23.60 19.48 14.70
N ASN A 843 -24.69 20.22 14.47
CA ASN A 843 -24.70 21.64 14.75
C ASN A 843 -24.52 21.91 16.24
N LYS A 844 -25.03 21.02 17.09
CA LYS A 844 -24.86 21.20 18.52
C LYS A 844 -23.39 21.31 18.90
N VAL A 845 -22.50 20.76 18.08
CA VAL A 845 -21.06 20.89 18.29
C VAL A 845 -20.49 22.04 17.46
N LEU A 846 -20.92 22.16 16.21
CA LEU A 846 -20.35 23.18 15.32
C LEU A 846 -20.63 24.59 15.83
N ALA A 847 -21.84 24.84 16.33
CA ALA A 847 -22.23 26.20 16.71
C ALA A 847 -21.40 26.75 17.85
N THR A 848 -20.75 25.88 18.63
CA THR A 848 -19.88 26.33 19.70
C THR A 848 -18.55 26.88 19.19
N LYS A 849 -18.22 26.64 17.93
CA LYS A 849 -16.97 27.11 17.33
C LYS A 849 -17.24 27.65 15.93
N SER A 850 -18.30 28.44 15.78
CA SER A 850 -18.71 28.89 14.46
C SER A 850 -17.62 29.73 13.80
N SER A 851 -16.92 30.57 14.58
CA SER A 851 -15.85 31.36 14.01
C SER A 851 -14.75 30.47 13.43
N VAL A 852 -14.38 29.42 14.15
CA VAL A 852 -13.33 28.52 13.68
C VAL A 852 -13.76 27.83 12.39
N VAL A 853 -14.99 27.35 12.33
CA VAL A 853 -15.46 26.67 11.13
C VAL A 853 -15.49 27.63 9.94
N ALA A 854 -15.99 28.84 10.16
CA ALA A 854 -16.05 29.82 9.08
C ALA A 854 -14.66 30.17 8.58
N ASN A 855 -13.72 30.38 9.51
CA ASN A 855 -12.36 30.70 9.09
C ASN A 855 -11.70 29.54 8.36
N SER A 856 -11.93 28.31 8.81
CA SER A 856 -11.39 27.15 8.12
C SER A 856 -11.99 26.98 6.73
N ILE A 857 -13.27 27.32 6.55
CA ILE A 857 -13.88 27.27 5.23
C ILE A 857 -13.28 28.32 4.31
N LEU A 858 -13.16 29.56 4.82
CA LEU A 858 -12.61 30.63 3.99
C LEU A 858 -11.12 30.44 3.74
N SER A 859 -10.42 29.67 4.56
CA SER A 859 -9.01 29.40 4.36
C SER A 859 -8.75 28.53 3.14
N LYS A 860 -9.77 27.94 2.54
CA LYS A 860 -9.60 27.10 1.36
C LYS A 860 -9.38 27.90 0.08
N ASN A 861 -9.50 29.22 0.15
CA ASN A 861 -9.15 30.10 -0.98
C ASN A 861 -9.99 29.75 -2.21
N TRP A 862 -11.28 30.00 -2.09
CA TRP A 862 -12.22 29.77 -3.19
C TRP A 862 -12.02 30.74 -4.35
N GLU A 863 -11.25 31.81 -4.16
CA GLU A 863 -11.04 32.81 -5.19
C GLU A 863 -9.76 32.62 -5.99
N GLU A 864 -8.85 31.76 -5.52
CA GLU A 864 -7.61 31.54 -6.25
C GLU A 864 -7.88 30.77 -7.54
N PRO A 865 -7.00 30.91 -8.54
CA PRO A 865 -7.23 30.22 -9.81
C PRO A 865 -7.23 28.71 -9.64
N TYR A 866 -8.00 28.04 -10.50
CA TYR A 866 -8.18 26.60 -10.39
C TYR A 866 -6.97 25.82 -10.87
N PHE A 867 -6.26 26.32 -11.88
CA PHE A 867 -5.15 25.58 -12.49
C PHE A 867 -3.80 25.97 -11.91
N SER A 868 -3.75 26.83 -10.90
CA SER A 868 -2.51 27.21 -10.24
C SER A 868 -2.27 26.38 -8.98
N GLN A 869 -3.03 25.32 -8.80
CA GLN A 869 -2.89 24.42 -7.65
C GLN A 869 -2.32 23.10 -8.13
N THR A 870 -1.28 22.61 -7.43
CA THR A 870 -0.57 21.41 -7.89
C THR A 870 -1.54 20.26 -8.11
N ARG A 871 -2.54 20.12 -7.26
CA ARG A 871 -3.51 19.04 -7.41
C ARG A 871 -4.29 19.14 -8.71
N ASN A 872 -4.36 20.33 -9.30
CA ASN A 872 -5.08 20.54 -10.55
C ASN A 872 -4.19 20.47 -11.77
N ILE A 873 -2.89 20.28 -11.60
CA ILE A 873 -1.96 20.14 -12.71
C ILE A 873 -1.07 18.92 -12.47
N SER A 874 -1.48 18.06 -11.56
CA SER A 874 -0.65 16.94 -11.14
C SER A 874 -0.51 15.93 -12.27
N LEU A 875 0.21 14.85 -12.00
CA LEU A 875 0.47 13.80 -12.98
C LEU A 875 -0.53 12.66 -12.90
N LYS A 876 -1.48 12.71 -11.97
CA LYS A 876 -2.43 11.63 -11.81
C LYS A 876 -3.41 11.59 -12.98
N GLY A 877 -3.99 10.42 -13.20
CA GLY A 877 -4.85 10.23 -14.35
C GLY A 877 -6.08 11.11 -14.29
N MET A 878 -6.71 11.25 -15.46
CA MET A 878 -7.91 12.06 -15.62
C MET A 878 -8.59 11.62 -16.92
N SER A 879 -9.84 12.01 -17.07
CA SER A 879 -10.60 11.71 -18.28
C SER A 879 -10.72 12.96 -19.14
N GLY A 880 -10.79 12.75 -20.45
CA GLY A 880 -10.86 13.84 -21.39
C GLY A 880 -12.23 13.98 -22.03
N GLN A 881 -12.32 13.66 -23.31
CA GLN A 881 -13.54 13.82 -24.08
C GLN A 881 -14.06 12.47 -24.53
N VAL A 882 -15.33 12.44 -24.91
CA VAL A 882 -15.95 11.24 -25.45
C VAL A 882 -15.55 11.11 -26.91
N GLN A 883 -14.46 10.39 -27.17
CA GLN A 883 -13.87 10.33 -28.50
C GLN A 883 -14.87 9.79 -29.52
N GLU A 884 -14.54 9.91 -30.80
CA GLU A 884 -15.44 9.44 -31.85
C GLU A 884 -15.76 7.96 -31.70
N ASP A 885 -14.82 7.17 -31.18
CA ASP A 885 -15.09 5.77 -30.91
C ASP A 885 -16.18 5.60 -29.86
N GLY A 886 -16.38 6.61 -29.02
CA GLY A 886 -17.39 6.55 -27.98
C GLY A 886 -16.79 6.47 -26.59
N HIS A 887 -15.61 5.87 -26.47
CA HIS A 887 -14.96 5.72 -25.17
C HIS A 887 -14.56 7.07 -24.60
N LEU A 888 -14.21 7.11 -23.33
CA LEU A 888 -13.77 8.32 -22.66
C LEU A 888 -12.25 8.36 -22.65
N SER A 889 -11.69 9.50 -23.07
CA SER A 889 -10.25 9.61 -23.24
C SER A 889 -9.53 9.41 -21.91
N SER A 890 -8.38 8.74 -21.97
CA SER A 890 -7.47 8.62 -20.83
C SER A 890 -6.36 9.65 -21.01
N SER A 891 -6.22 10.55 -20.04
CA SER A 891 -5.25 11.63 -20.14
C SER A 891 -4.69 11.89 -18.75
N VAL A 892 -3.86 12.93 -18.64
CA VAL A 892 -3.29 13.35 -17.37
C VAL A 892 -3.93 14.67 -16.99
N THR A 893 -3.86 14.99 -15.69
CA THR A 893 -4.43 16.24 -15.21
C THR A 893 -3.75 17.44 -15.85
N ILE A 894 -2.43 17.40 -15.98
CA ILE A 894 -1.71 18.54 -16.56
C ILE A 894 -2.09 18.71 -18.02
N ILE A 895 -2.30 17.61 -18.74
CA ILE A 895 -2.70 17.72 -20.14
C ILE A 895 -4.03 18.46 -20.25
N GLU A 896 -5.00 18.12 -19.39
CA GLU A 896 -6.28 18.79 -19.43
C GLU A 896 -6.19 20.24 -18.99
N ALA A 897 -5.33 20.54 -18.02
CA ALA A 897 -5.11 21.94 -17.63
C ALA A 897 -4.58 22.74 -18.81
N ILE A 898 -3.60 22.19 -19.52
CA ILE A 898 -3.04 22.88 -20.68
C ILE A 898 -4.10 23.04 -21.77
N ARG A 899 -4.90 21.99 -21.99
CA ARG A 899 -5.94 22.07 -23.00
C ARG A 899 -6.95 23.16 -22.67
N TYR A 900 -7.37 23.27 -21.41
CA TYR A 900 -8.31 24.29 -21.01
C TYR A 900 -7.71 25.69 -21.14
N LEU A 901 -6.47 25.87 -20.69
CA LEU A 901 -5.85 27.19 -20.77
C LEU A 901 -5.67 27.62 -22.22
N SER A 902 -5.28 26.68 -23.10
CA SER A 902 -5.07 27.00 -24.50
C SER A 902 -6.30 27.66 -25.12
N ASN A 903 -7.47 27.06 -24.89
CA ASN A 903 -8.73 27.54 -25.47
C ASN A 903 -9.48 28.49 -24.56
N SER A 904 -8.78 29.16 -23.63
CA SER A 904 -9.40 30.06 -22.69
C SER A 904 -8.65 31.40 -22.70
N ARG A 905 -9.28 32.41 -22.11
CA ARG A 905 -8.70 33.75 -22.03
C ARG A 905 -8.24 34.10 -20.62
N HIS A 906 -8.47 33.23 -19.64
CA HIS A 906 -8.24 33.59 -18.25
C HIS A 906 -7.97 32.33 -17.44
N ASN A 907 -7.44 32.53 -16.24
CA ASN A 907 -7.29 31.45 -15.27
C ASN A 907 -8.49 31.48 -14.34
N PRO A 908 -9.42 30.53 -14.41
CA PRO A 908 -10.67 30.68 -13.66
C PRO A 908 -10.59 30.14 -12.25
N SER A 909 -11.20 30.85 -11.30
CA SER A 909 -11.25 30.39 -9.92
C SER A 909 -12.03 29.09 -9.83
N LEU A 910 -12.00 28.45 -8.65
CA LEU A 910 -12.75 27.21 -8.48
C LEU A 910 -14.24 27.44 -8.71
N LEU A 911 -14.77 28.53 -8.18
CA LEU A 911 -16.19 28.82 -8.32
C LEU A 911 -16.55 29.33 -9.71
N LYS A 912 -15.69 30.14 -10.32
CA LYS A 912 -15.96 30.66 -11.66
C LYS A 912 -15.76 29.61 -12.75
N LEU A 913 -14.92 28.60 -12.51
CA LEU A 913 -14.84 27.46 -13.41
C LEU A 913 -16.04 26.53 -13.28
N TYR A 914 -16.73 26.57 -12.15
CA TYR A 914 -17.96 25.82 -11.97
C TYR A 914 -19.13 26.39 -12.75
N GLU A 915 -19.18 27.70 -12.92
CA GLU A 915 -20.23 28.32 -13.72
C GLU A 915 -20.15 27.96 -15.19
N GLU A 916 -18.94 27.86 -15.74
CA GLU A 916 -18.73 27.55 -17.15
C GLU A 916 -18.82 26.05 -17.43
N THR A 917 -18.78 25.21 -16.39
CA THR A 917 -18.83 23.78 -16.60
C THR A 917 -19.98 23.12 -15.83
N ARG A 918 -20.95 23.89 -15.36
CA ARG A 918 -22.05 23.34 -14.58
C ARG A 918 -22.96 22.43 -15.39
N GLU A 919 -23.24 22.77 -16.64
CA GLU A 919 -24.18 22.04 -17.47
C GLU A 919 -23.53 20.88 -18.22
N GLN A 920 -22.23 20.67 -18.03
CA GLN A 920 -21.52 19.55 -18.64
C GLN A 920 -21.62 18.34 -17.72
N LYS A 921 -22.28 17.29 -18.20
CA LYS A 921 -22.54 16.14 -17.34
C LYS A 921 -21.24 15.58 -16.77
N ALA A 922 -21.34 15.01 -15.58
CA ALA A 922 -20.22 14.35 -14.94
C ALA A 922 -19.98 13.00 -15.61
N MET A 923 -18.70 12.66 -15.80
CA MET A 923 -18.31 11.44 -16.48
C MET A 923 -17.21 10.75 -15.69
N ALA A 924 -17.13 9.43 -15.83
CA ALA A 924 -16.19 8.66 -15.03
C ALA A 924 -15.84 7.35 -15.73
N ARG A 925 -14.69 6.82 -15.36
CA ARG A 925 -14.18 5.54 -15.84
C ARG A 925 -13.55 4.82 -14.66
N ILE A 926 -13.44 3.50 -14.76
CA ILE A 926 -12.93 2.68 -13.65
C ILE A 926 -11.69 1.94 -14.10
N VAL A 927 -10.72 1.85 -13.19
CA VAL A 927 -9.45 1.18 -13.44
C VAL A 927 -9.13 0.28 -12.25
N ARG A 928 -8.26 -0.70 -12.47
CA ARG A 928 -7.90 -1.63 -11.42
C ARG A 928 -6.97 -0.96 -10.40
N LYS A 929 -7.12 -1.35 -9.14
CA LYS A 929 -6.31 -0.81 -8.07
C LYS A 929 -5.10 -1.69 -7.72
N TYR A 930 -5.09 -2.93 -8.17
CA TYR A 930 -3.97 -3.85 -7.95
C TYR A 930 -3.69 -4.02 -6.45
N GLN A 931 -4.67 -4.60 -5.77
CA GLN A 931 -4.61 -4.85 -4.34
C GLN A 931 -4.20 -6.30 -4.07
N ARG A 932 -3.70 -6.53 -2.86
CA ARG A 932 -3.35 -7.88 -2.43
C ARG A 932 -4.56 -8.69 -2.03
N THR A 933 -5.68 -8.05 -1.74
CA THR A 933 -6.87 -8.75 -1.29
C THR A 933 -7.52 -9.50 -2.45
N GLU A 934 -8.29 -10.52 -2.09
CA GLU A 934 -9.15 -11.17 -3.08
C GLU A 934 -10.20 -10.19 -3.57
N ALA A 935 -10.58 -10.33 -4.85
CA ALA A 935 -11.59 -9.46 -5.45
C ALA A 935 -11.13 -8.00 -5.40
N ASP A 936 -10.08 -7.73 -6.18
CA ASP A 936 -9.53 -6.39 -6.32
C ASP A 936 -10.62 -5.35 -6.49
N ARG A 937 -10.39 -4.13 -6.01
CA ARG A 937 -11.35 -3.05 -6.06
C ARG A 937 -10.97 -2.05 -7.15
N GLY A 938 -11.93 -1.21 -7.51
CA GLY A 938 -11.76 -0.25 -8.59
C GLY A 938 -11.45 1.15 -8.11
N PHE A 939 -10.93 1.95 -9.04
CA PHE A 939 -10.58 3.35 -8.81
C PHE A 939 -11.18 4.18 -9.93
N PHE A 940 -11.76 5.32 -9.57
CA PHE A 940 -12.53 6.13 -10.51
C PHE A 940 -11.71 7.31 -11.01
N ILE A 941 -11.70 7.49 -12.33
CA ILE A 941 -11.05 8.61 -13.00
C ILE A 941 -12.16 9.46 -13.62
N THR A 942 -12.20 10.74 -13.26
CA THR A 942 -13.28 11.63 -13.64
C THR A 942 -12.75 12.78 -14.49
N THR A 943 -13.66 13.40 -15.23
CA THR A 943 -13.31 14.50 -16.12
C THR A 943 -13.05 15.77 -15.30
N LEU A 944 -12.87 16.89 -15.99
CA LEU A 944 -12.48 18.13 -15.33
C LEU A 944 -13.66 18.82 -14.66
N PRO A 945 -14.84 18.93 -15.30
CA PRO A 945 -15.99 19.48 -14.59
C PRO A 945 -16.35 18.69 -13.34
N THR A 946 -16.30 17.36 -13.46
CA THR A 946 -16.57 16.49 -12.32
C THR A 946 -15.57 16.72 -11.21
N ARG A 947 -14.29 16.84 -11.55
CA ARG A 947 -13.27 17.15 -10.58
C ARG A 947 -13.50 18.50 -9.91
N CYS A 948 -13.89 19.53 -10.65
CA CYS A 948 -14.18 20.83 -10.04
C CYS A 948 -15.34 20.73 -9.05
N ARG A 949 -16.41 20.03 -9.43
CA ARG A 949 -17.52 19.81 -8.49
C ARG A 949 -17.04 19.11 -7.23
N LEU A 950 -16.28 18.03 -7.41
CA LEU A 950 -15.81 17.26 -6.27
C LEU A 950 -14.86 18.07 -5.39
N GLU A 951 -14.01 18.91 -5.96
CA GLU A 951 -13.16 19.78 -5.15
C GLU A 951 -13.96 20.82 -4.39
N ILE A 952 -14.98 21.42 -4.99
CA ILE A 952 -15.83 22.31 -4.20
C ILE A 952 -16.43 21.58 -3.01
N ILE A 953 -17.07 20.42 -3.25
CA ILE A 953 -17.73 19.71 -2.17
C ILE A 953 -16.72 19.29 -1.11
N GLU A 954 -15.58 18.75 -1.54
CA GLU A 954 -14.60 18.22 -0.60
C GLU A 954 -13.90 19.31 0.17
N ASP A 955 -13.61 20.45 -0.45
CA ASP A 955 -13.06 21.58 0.29
C ASP A 955 -14.04 22.02 1.38
N TYR A 956 -15.30 22.21 0.99
CA TYR A 956 -16.30 22.60 1.98
C TYR A 956 -16.32 21.62 3.16
N TYR A 957 -16.44 20.33 2.85
CA TYR A 957 -16.66 19.36 3.92
C TYR A 957 -15.40 19.02 4.69
N ASP A 958 -14.23 19.08 4.07
CA ASP A 958 -12.99 18.95 4.83
C ASP A 958 -12.80 20.11 5.78
N ALA A 959 -13.08 21.34 5.33
CA ALA A 959 -12.99 22.49 6.23
C ALA A 959 -13.97 22.33 7.40
N ILE A 960 -15.18 21.88 7.12
CA ILE A 960 -16.16 21.69 8.20
C ILE A 960 -15.71 20.59 9.15
N ALA A 961 -15.22 19.47 8.61
CA ALA A 961 -14.95 18.28 9.41
C ALA A 961 -13.62 18.34 10.14
N LYS A 962 -12.73 19.27 9.78
CA LYS A 962 -11.49 19.40 10.53
C LYS A 962 -11.77 19.63 12.01
N ASN A 963 -12.92 20.23 12.34
CA ASN A 963 -13.26 20.60 13.71
C ASN A 963 -14.13 19.55 14.39
N ILE A 964 -14.38 18.42 13.76
CA ILE A 964 -15.14 17.32 14.35
C ILE A 964 -14.14 16.23 14.71
N SER A 965 -13.99 15.96 16.01
CA SER A 965 -12.98 15.02 16.47
C SER A 965 -13.29 13.57 16.08
N GLU A 966 -14.57 13.23 15.91
CA GLU A 966 -14.95 11.86 15.59
C GLU A 966 -14.73 11.51 14.13
N GLU A 967 -14.36 12.49 13.29
CA GLU A 967 -14.03 12.24 11.90
C GLU A 967 -12.53 12.06 11.79
N TYR A 968 -12.09 10.89 11.29
CA TYR A 968 -10.69 10.53 11.33
C TYR A 968 -9.99 10.67 9.99
N ILE A 969 -10.71 10.85 8.89
CA ILE A 969 -10.05 11.21 7.63
C ILE A 969 -9.42 12.59 7.75
N SER A 970 -10.05 13.49 8.48
CA SER A 970 -9.58 14.86 8.62
C SER A 970 -8.23 14.96 9.32
N TYR A 971 -7.69 13.85 9.83
CA TYR A 971 -6.37 13.86 10.44
C TYR A 971 -5.30 13.64 9.37
N GLY A 972 -4.11 14.15 9.64
CA GLY A 972 -3.04 14.10 8.64
C GLY A 972 -2.69 12.69 8.23
N GLY A 973 -2.72 11.75 9.16
CA GLY A 973 -2.32 10.39 8.90
C GLY A 973 -1.52 9.81 10.04
N GLU A 974 -0.78 10.67 10.73
CA GLU A 974 -0.09 10.28 11.95
C GLU A 974 -0.88 10.60 13.21
N LYS A 975 -1.87 11.50 13.11
CA LYS A 975 -2.71 11.86 14.23
C LYS A 975 -3.90 10.93 14.42
N LYS A 976 -4.16 10.05 13.47
CA LYS A 976 -5.28 9.11 13.61
C LYS A 976 -5.07 8.17 14.79
N ILE A 977 -3.87 7.58 14.89
CA ILE A 977 -3.58 6.66 15.98
C ILE A 977 -3.57 7.36 17.34
N LEU A 978 -2.99 8.56 17.43
CA LEU A 978 -3.01 9.29 18.69
C LEU A 978 -4.44 9.58 19.13
N ALA A 979 -5.29 10.01 18.19
CA ALA A 979 -6.68 10.32 18.51
C ALA A 979 -7.47 9.08 18.94
N ILE A 980 -7.32 7.96 18.24
CA ILE A 980 -8.06 6.76 18.64
C ILE A 980 -7.54 6.27 19.99
N GLN A 981 -6.24 6.38 20.23
CA GLN A 981 -5.71 6.01 21.54
C GLN A 981 -6.29 6.89 22.63
N GLY A 982 -6.38 8.20 22.39
CA GLY A 982 -6.99 9.08 23.39
C GLY A 982 -8.44 8.71 23.64
N ALA A 983 -9.18 8.40 22.58
CA ALA A 983 -10.57 8.00 22.74
C ALA A 983 -10.69 6.75 23.60
N LEU A 984 -9.84 5.76 23.33
CA LEU A 984 -9.83 4.56 24.16
C LEU A 984 -9.45 4.88 25.60
N GLU A 985 -8.56 5.85 25.81
CA GLU A 985 -8.19 6.23 27.17
C GLU A 985 -9.38 6.83 27.91
N LYS A 986 -10.14 7.72 27.27
CA LYS A 986 -11.35 8.22 27.93
C LYS A 986 -12.35 7.10 28.18
N ALA A 987 -12.45 6.14 27.25
CA ALA A 987 -13.35 5.01 27.47
C ALA A 987 -12.95 4.24 28.73
N LEU A 988 -11.67 3.88 28.83
CA LEU A 988 -11.19 3.15 30.00
C LEU A 988 -11.37 3.97 31.27
N ARG A 989 -11.12 5.28 31.20
CA ARG A 989 -11.32 6.14 32.36
C ARG A 989 -12.77 6.11 32.81
N TRP A 990 -13.71 6.14 31.87
CA TRP A 990 -15.12 6.02 32.23
C TRP A 990 -15.40 4.68 32.88
N ALA A 991 -14.84 3.60 32.33
CA ALA A 991 -15.12 2.27 32.87
C ALA A 991 -14.67 2.13 34.31
N SER A 992 -13.70 2.92 34.75
CA SER A 992 -13.23 2.88 36.14
C SER A 992 -14.14 3.75 37.02
N GLY A 993 -15.38 3.32 37.14
CA GLY A 993 -16.38 4.06 37.88
C GLY A 993 -17.51 3.15 38.32
N GLU A 994 -18.52 3.78 38.92
CA GLU A 994 -19.66 3.06 39.48
C GLU A 994 -20.91 3.90 39.24
N SER A 995 -21.96 3.27 38.74
CA SER A 995 -23.20 3.98 38.42
C SER A 995 -24.23 3.74 39.51
N PHE A 996 -25.05 4.75 39.78
CA PHE A 996 -26.09 4.66 40.81
C PHE A 996 -27.41 5.12 40.20
N ILE A 997 -28.35 4.19 40.11
CA ILE A 997 -29.68 4.49 39.57
C ILE A 997 -30.58 4.87 40.74
N GLU A 998 -31.15 6.08 40.68
CA GLU A 998 -31.92 6.62 41.79
C GLU A 998 -33.27 5.93 41.85
N LEU A 999 -33.36 4.87 42.66
CA LEU A 999 -34.62 4.19 42.90
C LEU A 999 -35.53 5.08 43.74
N SER A 1000 -36.83 4.77 43.72
CA SER A 1000 -37.81 5.56 44.45
C SER A 1000 -37.31 5.87 45.86
N ASN A 1001 -37.69 7.03 46.36
CA ASN A 1001 -37.14 7.58 47.60
C ASN A 1001 -35.66 7.88 47.33
N HIS A 1002 -34.77 7.76 48.32
CA HIS A 1002 -33.35 8.01 48.13
C HIS A 1002 -32.55 6.74 47.90
N LYS A 1003 -33.19 5.58 47.87
CA LYS A 1003 -32.47 4.33 47.65
C LYS A 1003 -31.85 4.33 46.26
N PHE A 1004 -30.60 3.86 46.18
CA PHE A 1004 -29.85 3.83 44.93
C PHE A 1004 -29.48 2.39 44.61
N ILE A 1005 -29.69 2.00 43.35
CA ILE A 1005 -29.21 0.72 42.84
C ILE A 1005 -27.80 0.89 42.33
N ARG A 1006 -26.91 0.00 42.77
CA ARG A 1006 -25.50 0.00 42.40
C ARG A 1006 -25.32 -0.78 41.10
N MET A 1007 -24.55 -0.22 40.18
CA MET A 1007 -24.32 -0.83 38.88
C MET A 1007 -22.85 -0.69 38.51
N LYS A 1008 -22.30 -1.74 37.91
CA LYS A 1008 -20.91 -1.77 37.49
C LYS A 1008 -20.80 -1.34 36.03
N ARG A 1009 -19.91 -0.38 35.77
CA ARG A 1009 -19.66 0.08 34.41
C ARG A 1009 -18.81 -0.93 33.66
N LYS A 1010 -19.04 -1.02 32.35
CA LYS A 1010 -18.29 -1.93 31.50
C LYS A 1010 -18.12 -1.27 30.13
N LEU A 1011 -17.47 -1.99 29.21
CA LEU A 1011 -17.25 -1.50 27.87
C LEU A 1011 -17.33 -2.66 26.88
N MET A 1012 -17.87 -2.38 25.70
CA MET A 1012 -17.91 -3.32 24.59
C MET A 1012 -17.44 -2.59 23.34
N TYR A 1013 -16.52 -3.22 22.61
CA TYR A 1013 -15.94 -2.64 21.42
C TYR A 1013 -16.51 -3.33 20.19
N VAL A 1014 -17.10 -2.55 19.28
CA VAL A 1014 -17.63 -3.04 18.02
C VAL A 1014 -16.72 -2.50 16.92
N SER A 1015 -16.03 -3.42 16.24
CA SER A 1015 -15.19 -3.07 15.10
C SER A 1015 -15.96 -3.05 13.78
N ALA A 1016 -16.86 -2.08 13.69
CA ALA A 1016 -17.82 -2.05 12.60
C ALA A 1016 -17.14 -1.79 11.27
N ASP A 1017 -17.62 -2.49 10.23
CA ASP A 1017 -17.28 -2.21 8.86
C ASP A 1017 -18.57 -2.00 8.08
N ALA A 1018 -18.55 -1.05 7.16
CA ALA A 1018 -19.74 -0.67 6.40
C ALA A 1018 -19.82 -1.50 5.13
N THR A 1019 -21.02 -2.02 4.84
CA THR A 1019 -21.24 -2.79 3.64
C THR A 1019 -21.59 -1.87 2.48
N LYS A 1020 -20.80 -1.93 1.40
CA LYS A 1020 -21.05 -1.17 0.19
C LYS A 1020 -21.26 0.31 0.53
N TRP A 1021 -20.21 0.91 1.07
CA TRP A 1021 -20.26 2.29 1.52
C TRP A 1021 -20.73 3.21 0.41
N SER A 1022 -19.98 3.28 -0.69
CA SER A 1022 -20.32 4.16 -1.80
C SER A 1022 -21.39 3.55 -2.71
N PRO A 1023 -21.26 2.28 -3.11
CA PRO A 1023 -22.24 1.72 -4.05
C PRO A 1023 -23.67 1.80 -3.53
N GLY A 1024 -23.91 1.22 -2.35
CA GLY A 1024 -25.22 1.29 -1.74
C GLY A 1024 -25.43 2.58 -0.98
N ASP A 1025 -25.52 3.70 -1.71
CA ASP A 1025 -25.65 5.00 -1.10
C ASP A 1025 -26.51 5.88 -1.99
N ASN A 1026 -26.97 6.99 -1.41
CA ASN A 1026 -27.79 7.98 -2.12
C ASN A 1026 -27.18 9.34 -1.82
N SER A 1027 -26.39 9.86 -2.75
CA SER A 1027 -25.70 11.14 -2.53
C SER A 1027 -26.67 12.28 -2.26
N ALA A 1028 -27.93 12.16 -2.70
CA ALA A 1028 -28.91 13.20 -2.43
C ALA A 1028 -29.04 13.50 -0.95
N LYS A 1029 -28.80 12.51 -0.08
CA LYS A 1029 -28.89 12.75 1.35
C LYS A 1029 -27.96 13.85 1.82
N PHE A 1030 -26.88 14.10 1.09
CA PHE A 1030 -25.96 15.17 1.46
C PHE A 1030 -26.53 16.55 1.17
N ARG A 1031 -27.37 16.68 0.14
CA ARG A 1031 -27.89 18.00 -0.22
C ARG A 1031 -28.73 18.58 0.91
N ARG A 1032 -29.59 17.78 1.52
CA ARG A 1032 -30.26 18.20 2.74
C ARG A 1032 -29.24 18.41 3.86
N PHE A 1033 -28.28 17.47 3.99
CA PHE A 1033 -27.32 17.55 5.08
C PHE A 1033 -26.55 18.86 5.04
N THR A 1034 -26.10 19.28 3.84
CA THR A 1034 -25.40 20.54 3.71
C THR A 1034 -26.30 21.72 4.06
N SER A 1035 -27.59 21.63 3.73
CA SER A 1035 -28.48 22.76 3.92
C SER A 1035 -28.59 23.12 5.40
N MET A 1036 -28.77 22.13 6.26
CA MET A 1036 -28.96 22.35 7.69
C MET A 1036 -27.65 22.44 8.46
N LEU A 1037 -26.53 22.06 7.84
CA LEU A 1037 -25.26 21.98 8.55
C LEU A 1037 -24.69 23.38 8.77
N HIS A 1038 -24.43 23.72 10.02
CA HIS A 1038 -23.93 25.04 10.37
C HIS A 1038 -22.51 25.23 9.87
N ASN A 1039 -22.22 26.43 9.35
CA ASN A 1039 -20.88 26.79 8.91
C ASN A 1039 -20.41 28.14 9.41
N GLY A 1040 -21.31 29.02 9.84
CA GLY A 1040 -20.92 30.29 10.42
C GLY A 1040 -20.69 31.42 9.44
N LEU A 1041 -20.84 31.17 8.14
CA LEU A 1041 -20.66 32.24 7.17
C LEU A 1041 -21.87 33.17 7.16
N PRO A 1042 -21.67 34.45 6.82
CA PRO A 1042 -22.78 35.41 6.92
C PRO A 1042 -23.96 35.08 6.02
N ASN A 1043 -23.72 34.49 4.85
CA ASN A 1043 -24.78 34.20 3.89
C ASN A 1043 -24.68 32.73 3.48
N ASN A 1044 -25.60 32.33 2.59
CA ASN A 1044 -25.70 30.95 2.13
C ASN A 1044 -25.25 30.78 0.69
N LYS A 1045 -24.51 31.75 0.14
CA LYS A 1045 -24.05 31.65 -1.24
C LYS A 1045 -23.13 30.45 -1.41
N LEU A 1046 -22.13 30.31 -0.53
CA LEU A 1046 -21.22 29.18 -0.64
C LEU A 1046 -21.93 27.86 -0.34
N LYS A 1047 -22.80 27.85 0.66
CA LYS A 1047 -23.57 26.65 0.97
C LYS A 1047 -24.46 26.28 -0.21
N ASN A 1048 -25.12 27.26 -0.82
CA ASN A 1048 -25.97 26.98 -1.97
C ASN A 1048 -25.15 26.46 -3.14
N CYS A 1049 -23.95 27.00 -3.35
CA CYS A 1049 -23.08 26.49 -4.40
C CYS A 1049 -22.68 25.05 -4.14
N VAL A 1050 -22.39 24.71 -2.88
CA VAL A 1050 -22.05 23.32 -2.55
C VAL A 1050 -23.24 22.40 -2.79
N ILE A 1051 -24.44 22.85 -2.42
CA ILE A 1051 -25.64 22.05 -2.67
C ILE A 1051 -25.82 21.85 -4.17
N ASP A 1052 -25.59 22.89 -4.97
CA ASP A 1052 -25.72 22.77 -6.42
C ASP A 1052 -24.69 21.80 -6.98
N ALA A 1053 -23.45 21.87 -6.50
CA ALA A 1053 -22.43 20.94 -6.95
C ALA A 1053 -22.83 19.51 -6.60
N LEU A 1054 -23.36 19.29 -5.40
CA LEU A 1054 -23.86 17.98 -5.04
C LEU A 1054 -24.98 17.55 -5.97
N LYS A 1055 -25.82 18.48 -6.40
CA LYS A 1055 -26.87 18.15 -7.36
C LYS A 1055 -26.29 17.71 -8.70
N GLN A 1056 -25.21 18.36 -9.14
CA GLN A 1056 -24.64 18.06 -10.45
C GLN A 1056 -23.91 16.73 -10.50
N VAL A 1057 -23.49 16.18 -9.36
CA VAL A 1057 -22.85 14.87 -9.32
C VAL A 1057 -23.84 13.75 -9.06
N TYR A 1058 -25.14 14.07 -8.98
CA TYR A 1058 -26.14 13.03 -8.76
C TYR A 1058 -26.15 12.02 -9.90
N LYS A 1059 -26.03 12.49 -11.14
CA LYS A 1059 -26.05 11.65 -12.33
C LYS A 1059 -24.68 11.67 -12.98
N THR A 1060 -24.13 10.48 -13.23
CA THR A 1060 -22.80 10.33 -13.82
C THR A 1060 -22.89 9.41 -15.02
N ASP A 1061 -22.06 9.66 -16.01
CA ASP A 1061 -21.92 8.78 -17.17
C ASP A 1061 -20.69 7.93 -16.96
N PHE A 1062 -20.90 6.64 -16.68
CA PHE A 1062 -19.83 5.71 -16.33
C PHE A 1062 -19.52 4.88 -17.56
N PHE A 1063 -18.26 4.88 -17.97
CA PHE A 1063 -17.80 4.26 -19.21
C PHE A 1063 -17.07 2.96 -18.94
N MET A 1064 -17.30 1.98 -19.80
CA MET A 1064 -16.50 0.76 -19.78
C MET A 1064 -15.07 1.05 -20.23
N SER A 1065 -14.13 0.32 -19.65
CA SER A 1065 -12.75 0.42 -20.10
C SER A 1065 -12.62 -0.13 -21.52
N ARG A 1066 -11.65 0.40 -22.25
CA ARG A 1066 -11.40 -0.10 -23.61
C ARG A 1066 -11.02 -1.58 -23.57
N LYS A 1067 -10.30 -2.00 -22.54
CA LYS A 1067 -9.94 -3.40 -22.39
C LYS A 1067 -11.20 -4.28 -22.29
N LEU A 1068 -12.11 -3.92 -21.40
CA LEU A 1068 -13.30 -4.74 -21.20
C LEU A 1068 -14.21 -4.71 -22.42
N ARG A 1069 -14.37 -3.53 -23.04
CA ARG A 1069 -15.19 -3.44 -24.23
C ARG A 1069 -14.61 -4.31 -25.34
N ASN A 1070 -13.30 -4.26 -25.54
CA ASN A 1070 -12.67 -5.09 -26.56
C ASN A 1070 -12.84 -6.57 -26.24
N TYR A 1071 -12.66 -6.96 -24.98
CA TYR A 1071 -12.80 -8.36 -24.62
C TYR A 1071 -14.21 -8.86 -24.90
N ILE A 1072 -15.22 -8.08 -24.50
CA ILE A 1072 -16.59 -8.50 -24.73
C ILE A 1072 -16.89 -8.54 -26.22
N ASP A 1073 -16.41 -7.56 -26.98
CA ASP A 1073 -16.66 -7.54 -28.41
C ASP A 1073 -15.92 -8.67 -29.11
N SER A 1074 -14.63 -8.82 -28.82
CA SER A 1074 -13.83 -9.91 -29.38
C SER A 1074 -14.14 -11.18 -28.61
N MET A 1075 -15.34 -11.69 -28.81
CA MET A 1075 -15.83 -12.84 -28.06
C MET A 1075 -17.04 -13.41 -28.80
N GLU A 1076 -17.40 -14.64 -28.42
CA GLU A 1076 -18.56 -15.31 -28.98
C GLU A 1076 -19.56 -15.77 -27.93
N SER A 1077 -19.12 -15.95 -26.68
CA SER A 1077 -19.98 -16.49 -25.63
C SER A 1077 -20.52 -15.33 -24.81
N LEU A 1078 -21.53 -14.64 -25.34
CA LEU A 1078 -22.22 -13.57 -24.62
C LEU A 1078 -23.21 -14.23 -23.66
N ASP A 1079 -22.66 -14.89 -22.65
CA ASP A 1079 -23.46 -15.64 -21.71
C ASP A 1079 -24.23 -14.70 -20.78
N PRO A 1080 -25.30 -15.19 -20.15
CA PRO A 1080 -25.93 -14.42 -19.09
C PRO A 1080 -24.91 -13.90 -18.08
N HIS A 1081 -25.30 -12.85 -17.37
CA HIS A 1081 -24.42 -12.09 -16.48
C HIS A 1081 -23.47 -11.22 -17.29
N ILE A 1082 -23.49 -11.36 -18.61
CA ILE A 1082 -22.80 -10.47 -19.52
C ILE A 1082 -23.79 -9.81 -20.49
N LYS A 1083 -25.04 -10.29 -20.50
CA LYS A 1083 -26.12 -9.66 -21.23
C LYS A 1083 -26.88 -8.65 -20.41
N GLN A 1084 -27.03 -8.88 -19.10
CA GLN A 1084 -27.58 -7.88 -18.19
C GLN A 1084 -26.54 -6.85 -17.79
N PHE A 1085 -25.27 -7.07 -18.14
CA PHE A 1085 -24.21 -6.10 -17.91
C PHE A 1085 -24.11 -5.10 -19.05
N LEU A 1086 -24.35 -5.54 -20.28
CA LEU A 1086 -24.30 -4.68 -21.45
C LEU A 1086 -25.62 -3.95 -21.68
N ASP A 1087 -26.66 -4.28 -20.91
CA ASP A 1087 -27.90 -3.51 -20.93
C ASP A 1087 -27.81 -2.23 -20.13
N PHE A 1088 -26.79 -2.08 -19.28
CA PHE A 1088 -26.61 -0.84 -18.54
C PHE A 1088 -26.14 0.29 -19.46
N PHE A 1089 -25.42 -0.05 -20.52
CA PHE A 1089 -24.88 0.94 -21.45
C PHE A 1089 -25.71 0.94 -22.72
N PRO A 1090 -26.58 1.92 -22.94
CA PRO A 1090 -27.47 1.86 -24.12
C PRO A 1090 -26.71 1.77 -25.44
N ASP A 1091 -25.60 2.49 -25.57
CA ASP A 1091 -24.79 2.45 -26.78
C ASP A 1091 -23.60 1.51 -26.64
N GLY A 1092 -23.47 0.82 -25.52
CA GLY A 1092 -22.35 -0.09 -25.30
C GLY A 1092 -21.08 0.57 -24.84
N HIS A 1093 -21.13 1.84 -24.46
CA HIS A 1093 -19.92 2.55 -24.04
C HIS A 1093 -20.09 3.24 -22.70
N HIS A 1094 -21.31 3.69 -22.38
CA HIS A 1094 -21.52 4.43 -21.15
C HIS A 1094 -22.95 4.25 -20.67
N GLY A 1095 -23.11 4.25 -19.35
CA GLY A 1095 -24.43 4.18 -18.73
C GLY A 1095 -24.54 5.17 -17.60
N GLU A 1096 -25.78 5.55 -17.29
CA GLU A 1096 -26.03 6.58 -16.29
C GLU A 1096 -26.15 5.94 -14.91
N VAL A 1097 -25.30 6.39 -13.99
CA VAL A 1097 -25.30 5.97 -12.59
C VAL A 1097 -25.85 7.10 -11.75
N LYS A 1098 -26.83 6.80 -10.90
CA LYS A 1098 -27.43 7.78 -10.02
C LYS A 1098 -27.28 7.35 -8.58
N GLY A 1099 -27.26 8.32 -7.69
CA GLY A 1099 -27.14 8.05 -6.26
C GLY A 1099 -25.72 7.77 -5.84
N ASN A 1100 -25.12 6.72 -6.40
CA ASN A 1100 -23.74 6.39 -6.08
C ASN A 1100 -22.82 7.56 -6.43
N TRP A 1101 -21.94 7.91 -5.51
CA TRP A 1101 -21.01 9.01 -5.70
C TRP A 1101 -19.60 8.54 -5.99
N LEU A 1102 -19.42 7.25 -6.30
CA LEU A 1102 -18.14 6.72 -6.76
C LEU A 1102 -17.13 6.68 -5.61
N GLN A 1103 -16.32 5.62 -5.59
CA GLN A 1103 -15.42 5.38 -4.46
C GLN A 1103 -14.35 6.46 -4.37
N GLY A 1104 -14.16 6.99 -3.17
CA GLY A 1104 -13.05 7.89 -2.89
C GLY A 1104 -13.29 9.33 -3.27
N ASN A 1105 -14.44 9.67 -3.84
CA ASN A 1105 -14.67 11.05 -4.28
C ASN A 1105 -15.23 11.92 -3.18
N LEU A 1106 -16.08 11.38 -2.31
CA LEU A 1106 -16.73 12.13 -1.25
C LEU A 1106 -16.46 11.48 0.11
N ASN A 1107 -15.21 11.15 0.37
CA ASN A 1107 -14.87 10.43 1.60
C ASN A 1107 -15.16 11.26 2.84
N LYS A 1108 -14.69 12.51 2.85
CA LYS A 1108 -14.84 13.36 4.03
C LYS A 1108 -16.26 13.87 4.22
N CYS A 1109 -17.11 13.75 3.21
CA CYS A 1109 -18.53 14.07 3.35
C CYS A 1109 -19.30 12.88 3.90
N SER A 1110 -19.06 11.68 3.33
CA SER A 1110 -19.74 10.48 3.82
C SER A 1110 -19.36 10.16 5.25
N SER A 1111 -18.07 10.29 5.58
CA SER A 1111 -17.64 10.01 6.95
C SER A 1111 -18.25 10.99 7.94
N LEU A 1112 -18.30 12.27 7.58
CA LEU A 1112 -18.93 13.26 8.45
C LEU A 1112 -20.42 12.96 8.62
N PHE A 1113 -21.09 12.54 7.55
CA PHE A 1113 -22.49 12.15 7.65
C PHE A 1113 -22.66 10.98 8.61
N GLY A 1114 -21.78 9.99 8.51
CA GLY A 1114 -21.84 8.87 9.45
C GLY A 1114 -21.64 9.32 10.88
N VAL A 1115 -20.70 10.24 11.11
CA VAL A 1115 -20.49 10.77 12.46
C VAL A 1115 -21.75 11.46 12.95
N ALA A 1116 -22.41 12.22 12.08
CA ALA A 1116 -23.64 12.90 12.48
C ALA A 1116 -24.72 11.91 12.85
N MET A 1117 -24.86 10.83 12.07
CA MET A 1117 -25.88 9.83 12.39
C MET A 1117 -25.57 9.12 13.70
N SER A 1118 -24.29 8.85 13.96
CA SER A 1118 -23.92 8.25 15.23
C SER A 1118 -24.24 9.17 16.40
N LEU A 1119 -23.96 10.46 16.25
CA LEU A 1119 -24.32 11.42 17.30
C LEU A 1119 -25.83 11.48 17.50
N LEU A 1120 -26.58 11.40 16.40
CA LEU A 1120 -28.03 11.36 16.52
C LEU A 1120 -28.48 10.13 17.31
N PHE A 1121 -27.86 8.98 17.06
CA PHE A 1121 -28.18 7.80 17.84
C PHE A 1121 -27.86 8.02 19.32
N LYS A 1122 -26.72 8.64 19.60
CA LYS A 1122 -26.37 8.93 20.98
C LYS A 1122 -27.45 9.76 21.65
N GLN A 1123 -27.91 10.81 20.97
CA GLN A 1123 -28.95 11.66 21.54
C GLN A 1123 -30.26 10.91 21.73
N VAL A 1124 -30.64 10.09 20.75
CA VAL A 1124 -31.88 9.33 20.85
C VAL A 1124 -31.84 8.39 22.04
N TRP A 1125 -30.72 7.67 22.21
CA TRP A 1125 -30.60 6.77 23.34
C TRP A 1125 -30.61 7.55 24.66
N THR A 1126 -29.94 8.70 24.70
CA THR A 1126 -29.95 9.51 25.90
C THR A 1126 -31.36 9.91 26.27
N ASN A 1127 -32.17 10.28 25.29
CA ASN A 1127 -33.56 10.64 25.56
C ASN A 1127 -34.39 9.43 25.95
N LEU A 1128 -34.09 8.25 25.41
CA LEU A 1128 -34.85 7.05 25.72
C LEU A 1128 -34.69 6.64 27.18
N PHE A 1129 -33.46 6.67 27.69
CA PHE A 1129 -33.12 6.16 29.01
C PHE A 1129 -32.41 7.25 29.80
N PRO A 1130 -33.14 8.29 30.21
CA PRO A 1130 -32.51 9.34 31.02
C PRO A 1130 -31.97 8.83 32.35
N GLU A 1131 -32.59 7.82 32.93
CA GLU A 1131 -32.13 7.31 34.22
C GLU A 1131 -30.73 6.71 34.11
N LEU A 1132 -30.48 5.93 33.06
CA LEU A 1132 -29.20 5.24 32.93
C LEU A 1132 -28.09 6.22 32.56
N ASP A 1133 -26.85 5.80 32.82
CA ASP A 1133 -25.66 6.60 32.55
C ASP A 1133 -24.69 5.75 31.73
N CYS A 1134 -24.82 5.82 30.41
CA CYS A 1134 -23.97 5.09 29.48
C CYS A 1134 -22.96 6.04 28.86
N PHE A 1135 -22.00 5.47 28.11
CA PHE A 1135 -20.92 6.25 27.52
C PHE A 1135 -20.67 5.77 26.10
N PHE A 1136 -20.97 6.60 25.12
CA PHE A 1136 -20.76 6.25 23.72
C PHE A 1136 -19.55 6.96 23.17
N GLU A 1137 -18.67 6.21 22.51
CA GLU A 1137 -17.56 6.79 21.76
C GLU A 1137 -17.60 6.23 20.34
N PHE A 1138 -17.51 7.12 19.35
CA PHE A 1138 -17.57 6.71 17.96
C PHE A 1138 -16.35 7.22 17.21
N ALA A 1139 -15.80 6.36 16.35
CA ALA A 1139 -14.73 6.73 15.44
C ALA A 1139 -15.14 6.29 14.04
N HIS A 1140 -15.10 7.22 13.08
CA HIS A 1140 -15.49 6.97 11.71
C HIS A 1140 -14.36 7.34 10.76
N HIS A 1141 -14.03 6.43 9.85
CA HIS A 1141 -13.02 6.66 8.83
C HIS A 1141 -13.52 6.12 7.49
N SER A 1142 -14.75 6.49 7.12
CA SER A 1142 -15.40 6.04 5.90
C SER A 1142 -15.97 4.63 6.10
N ASP A 1143 -15.59 3.68 5.25
CA ASP A 1143 -16.09 2.31 5.39
C ASP A 1143 -15.32 1.58 6.48
N ASP A 1144 -15.24 2.19 7.66
CA ASP A 1144 -14.51 1.64 8.78
C ASP A 1144 -14.84 2.44 10.03
N ALA A 1145 -15.24 1.78 11.10
CA ALA A 1145 -15.68 2.48 12.29
C ALA A 1145 -15.37 1.66 13.53
N LEU A 1146 -15.32 2.35 14.67
CA LEU A 1146 -15.14 1.71 15.97
C LEU A 1146 -16.10 2.34 16.94
N PHE A 1147 -16.94 1.52 17.57
CA PHE A 1147 -17.92 1.99 18.54
C PHE A 1147 -17.61 1.40 19.90
N ILE A 1148 -17.41 2.27 20.88
CA ILE A 1148 -17.24 1.86 22.27
C ILE A 1148 -18.54 2.15 23.00
N TYR A 1149 -19.19 1.10 23.48
CA TYR A 1149 -20.43 1.20 24.24
C TYR A 1149 -20.13 0.94 25.71
N GLY A 1150 -20.37 1.94 26.55
CA GLY A 1150 -20.19 1.80 27.98
C GLY A 1150 -21.53 1.64 28.66
N TYR A 1151 -21.84 0.41 29.03
CA TYR A 1151 -23.11 0.01 29.60
C TYR A 1151 -22.94 -0.33 31.07
N LEU A 1152 -24.05 -0.66 31.72
CA LEU A 1152 -24.08 -0.98 33.14
C LEU A 1152 -24.56 -2.41 33.33
N GLU A 1153 -24.02 -3.09 34.33
CA GLU A 1153 -24.45 -4.44 34.66
C GLU A 1153 -24.73 -4.52 36.15
N PRO A 1154 -25.67 -5.37 36.57
CA PRO A 1154 -25.93 -5.51 38.00
C PRO A 1154 -24.72 -6.05 38.75
N VAL A 1155 -24.58 -5.63 40.00
CA VAL A 1155 -23.55 -6.14 40.89
C VAL A 1155 -24.15 -7.24 41.75
N ASP A 1156 -23.50 -8.39 41.77
CA ASP A 1156 -24.07 -9.56 42.43
C ASP A 1156 -25.35 -9.95 41.70
N ASP A 1157 -26.26 -10.66 42.38
CA ASP A 1157 -27.51 -11.03 41.74
C ASP A 1157 -28.30 -9.77 41.38
N GLY A 1158 -29.06 -9.85 40.30
CA GLY A 1158 -29.84 -8.73 39.82
C GLY A 1158 -31.20 -8.63 40.47
N THR A 1159 -31.26 -8.83 41.79
CA THR A 1159 -32.53 -8.77 42.48
C THR A 1159 -33.19 -7.40 42.33
N ASP A 1160 -32.41 -6.34 42.45
CA ASP A 1160 -32.97 -4.99 42.36
C ASP A 1160 -33.12 -4.52 40.91
N TRP A 1161 -32.16 -4.89 40.05
CA TRP A 1161 -32.20 -4.41 38.68
C TRP A 1161 -33.40 -4.96 37.92
N PHE A 1162 -33.65 -6.27 38.03
CA PHE A 1162 -34.80 -6.85 37.36
C PHE A 1162 -36.10 -6.28 37.91
N LEU A 1163 -36.16 -6.03 39.22
CA LEU A 1163 -37.35 -5.43 39.82
C LEU A 1163 -37.58 -4.03 39.25
N PHE A 1164 -36.53 -3.22 39.14
CA PHE A 1164 -36.65 -1.88 38.59
C PHE A 1164 -37.09 -1.93 37.13
N VAL A 1165 -36.51 -2.83 36.34
CA VAL A 1165 -36.89 -2.94 34.94
C VAL A 1165 -38.35 -3.35 34.82
N SER A 1166 -38.79 -4.30 35.65
CA SER A 1166 -40.19 -4.72 35.61
C SER A 1166 -41.11 -3.57 35.99
N GLN A 1167 -40.74 -2.80 37.02
CA GLN A 1167 -41.57 -1.67 37.40
C GLN A 1167 -41.66 -0.65 36.27
N GLN A 1168 -40.55 -0.36 35.61
CA GLN A 1168 -40.58 0.58 34.50
C GLN A 1168 -41.45 0.06 33.35
N ILE A 1169 -41.33 -1.22 33.04
CA ILE A 1169 -42.12 -1.79 31.95
C ILE A 1169 -43.61 -1.72 32.29
N GLN A 1170 -43.96 -1.97 33.55
CA GLN A 1170 -45.34 -1.90 33.98
C GLN A 1170 -45.84 -0.47 34.12
N ALA A 1171 -44.95 0.52 34.18
CA ALA A 1171 -45.34 1.92 34.25
C ALA A 1171 -45.64 2.51 32.88
N GLY A 1172 -45.48 1.73 31.81
CA GLY A 1172 -45.75 2.19 30.46
C GLY A 1172 -44.52 2.30 29.58
N HIS A 1173 -43.33 2.39 30.17
CA HIS A 1173 -42.09 2.50 29.40
C HIS A 1173 -41.70 1.12 28.90
N LEU A 1174 -42.39 0.69 27.83
CA LEU A 1174 -42.20 -0.66 27.32
C LEU A 1174 -40.80 -0.89 26.78
N HIS A 1175 -40.16 0.16 26.26
CA HIS A 1175 -38.84 -0.02 25.66
C HIS A 1175 -37.80 -0.50 26.65
N TRP A 1176 -38.05 -0.33 27.96
CA TRP A 1176 -37.15 -0.88 28.97
C TRP A 1176 -37.04 -2.40 28.88
N PHE A 1177 -37.89 -3.04 28.08
CA PHE A 1177 -37.73 -4.47 27.78
C PHE A 1177 -36.39 -4.78 27.15
N SER A 1178 -35.74 -3.78 26.54
CA SER A 1178 -34.50 -3.99 25.80
C SER A 1178 -33.25 -3.80 26.66
N VAL A 1179 -33.39 -3.54 27.96
CA VAL A 1179 -32.26 -3.30 28.84
C VAL A 1179 -32.25 -4.25 30.04
N ASN A 1180 -33.10 -5.28 30.02
CA ASN A 1180 -33.12 -6.23 31.14
C ASN A 1180 -31.76 -6.86 31.33
N THR A 1181 -31.18 -7.37 30.24
CA THR A 1181 -29.84 -7.95 30.27
C THR A 1181 -29.14 -7.61 28.96
N GLU A 1182 -27.82 -7.43 29.04
CA GLU A 1182 -26.99 -7.13 27.87
C GLU A 1182 -27.46 -5.86 27.18
N MET A 1183 -27.34 -4.74 27.90
CA MET A 1183 -27.69 -3.44 27.33
C MET A 1183 -27.02 -3.23 25.99
N TRP A 1184 -25.72 -3.54 25.90
CA TRP A 1184 -24.96 -3.23 24.70
C TRP A 1184 -25.59 -3.84 23.45
N LYS A 1185 -26.28 -4.97 23.59
CA LYS A 1185 -26.97 -5.55 22.45
C LYS A 1185 -28.00 -4.59 21.89
N SER A 1186 -28.86 -4.04 22.75
CA SER A 1186 -29.87 -3.09 22.30
C SER A 1186 -29.25 -1.77 21.86
N MET A 1187 -28.19 -1.35 22.55
CA MET A 1187 -27.46 -0.16 22.13
C MET A 1187 -27.01 -0.28 20.68
N PHE A 1188 -26.36 -1.40 20.34
CA PHE A 1188 -25.92 -1.62 18.97
C PHE A 1188 -27.10 -1.79 18.01
N ASN A 1189 -28.17 -2.45 18.43
CA ASN A 1189 -29.33 -2.60 17.55
C ASN A 1189 -29.88 -1.24 17.14
N LEU A 1190 -30.09 -0.36 18.11
CA LEU A 1190 -30.62 0.96 17.81
C LEU A 1190 -29.63 1.80 17.01
N HIS A 1191 -28.34 1.71 17.34
CA HIS A 1191 -27.34 2.45 16.57
C HIS A 1191 -27.36 2.00 15.11
N GLU A 1192 -27.40 0.69 14.88
CA GLU A 1192 -27.43 0.17 13.53
C GLU A 1192 -28.68 0.61 12.79
N HIS A 1193 -29.84 0.58 13.45
CA HIS A 1193 -31.06 1.01 12.78
C HIS A 1193 -31.02 2.49 12.42
N ILE A 1194 -30.55 3.33 13.34
CA ILE A 1194 -30.49 4.76 13.05
C ILE A 1194 -29.50 5.03 11.93
N LEU A 1195 -28.38 4.31 11.91
CA LEU A 1195 -27.45 4.45 10.80
C LEU A 1195 -28.09 4.03 9.49
N LEU A 1196 -28.86 2.94 9.49
CA LEU A 1196 -29.55 2.51 8.28
C LEU A 1196 -30.54 3.57 7.80
N LEU A 1197 -31.16 4.29 8.73
CA LEU A 1197 -32.05 5.38 8.32
C LEU A 1197 -31.32 6.43 7.50
N GLY A 1198 -30.00 6.50 7.61
CA GLY A 1198 -29.20 7.38 6.78
C GLY A 1198 -28.51 6.66 5.65
N SER A 1199 -28.98 5.45 5.35
CA SER A 1199 -28.45 4.65 4.25
C SER A 1199 -27.01 4.20 4.51
N ILE A 1200 -26.71 3.89 5.77
CA ILE A 1200 -25.43 3.32 6.18
C ILE A 1200 -25.71 1.95 6.77
N LYS A 1201 -25.10 0.92 6.21
CA LYS A 1201 -25.30 -0.46 6.65
C LYS A 1201 -24.02 -0.99 7.27
N ILE A 1202 -24.11 -1.45 8.51
CA ILE A 1202 -22.97 -2.06 9.18
C ILE A 1202 -22.86 -3.50 8.72
N SER A 1203 -21.65 -3.92 8.40
CA SER A 1203 -21.43 -5.24 7.81
C SER A 1203 -21.63 -6.32 8.86
N PRO A 1204 -22.56 -7.26 8.66
CA PRO A 1204 -22.71 -8.36 9.64
C PRO A 1204 -21.61 -9.40 9.56
N LYS A 1205 -20.78 -9.36 8.53
CA LYS A 1205 -19.70 -10.35 8.37
C LYS A 1205 -18.40 -9.87 9.01
N LYS A 1206 -17.91 -8.71 8.58
CA LYS A 1206 -16.59 -8.21 8.98
C LYS A 1206 -16.66 -7.32 10.22
N THR A 1207 -17.74 -7.37 10.98
CA THR A 1207 -17.87 -6.65 12.22
C THR A 1207 -17.66 -7.60 13.39
N THR A 1208 -16.91 -7.15 14.39
CA THR A 1208 -16.51 -7.98 15.52
C THR A 1208 -16.84 -7.26 16.82
N VAL A 1209 -17.40 -7.99 17.77
CA VAL A 1209 -17.75 -7.46 19.08
C VAL A 1209 -16.92 -8.20 20.12
N SER A 1210 -16.13 -7.46 20.90
CA SER A 1210 -15.27 -8.06 21.90
C SER A 1210 -15.04 -7.05 23.02
N PRO A 1211 -15.13 -7.46 24.28
CA PRO A 1211 -14.94 -6.50 25.38
C PRO A 1211 -13.49 -6.11 25.61
N THR A 1212 -12.51 -6.80 25.02
CA THR A 1212 -11.10 -6.56 25.34
C THR A 1212 -10.23 -6.57 24.09
N ASN A 1213 -10.79 -6.25 22.92
CA ASN A 1213 -10.02 -6.23 21.70
C ASN A 1213 -10.73 -5.34 20.67
N ALA A 1214 -9.94 -4.54 19.95
CA ALA A 1214 -10.48 -3.69 18.90
C ALA A 1214 -9.57 -3.73 17.69
N GLU A 1215 -10.15 -3.47 16.52
CA GLU A 1215 -9.39 -3.38 15.28
C GLU A 1215 -9.88 -2.17 14.49
N PHE A 1216 -8.97 -1.25 14.21
CA PHE A 1216 -9.34 0.01 13.58
C PHE A 1216 -8.15 0.54 12.78
N LEU A 1217 -8.40 0.96 11.56
CA LEU A 1217 -7.35 1.52 10.69
C LEU A 1217 -6.24 0.51 10.46
N SER A 1218 -6.60 -0.76 10.32
CA SER A 1218 -5.65 -1.86 10.14
C SER A 1218 -4.73 -2.04 11.33
N THR A 1219 -5.03 -1.40 12.45
CA THR A 1219 -4.23 -1.48 13.67
C THR A 1219 -5.02 -2.19 14.75
N PHE A 1220 -4.33 -3.00 15.56
CA PHE A 1220 -4.97 -3.80 16.58
C PHE A 1220 -4.75 -3.16 17.95
N PHE A 1221 -5.82 -3.13 18.75
CA PHE A 1221 -5.77 -2.57 20.10
C PHE A 1221 -6.22 -3.63 21.10
N GLU A 1222 -5.50 -3.67 22.23
CA GLU A 1222 -5.84 -4.55 23.33
C GLU A 1222 -6.32 -3.70 24.50
N GLY A 1223 -7.29 -2.83 24.23
CA GLY A 1223 -7.77 -1.84 25.16
C GLY A 1223 -7.13 -0.48 24.98
N CYS A 1224 -5.84 -0.34 25.27
CA CYS A 1224 -5.14 0.90 24.95
C CYS A 1224 -3.71 0.63 24.50
N ALA A 1225 -3.47 -0.52 23.87
CA ALA A 1225 -2.13 -0.93 23.45
C ALA A 1225 -2.12 -1.11 21.95
N VAL A 1226 -1.29 -0.31 21.26
CA VAL A 1226 -1.28 -0.32 19.80
C VAL A 1226 -0.43 -1.49 19.29
N SER A 1227 -0.85 -2.05 18.16
CA SER A 1227 -0.08 -3.05 17.45
C SER A 1227 -0.28 -2.81 15.96
N ILE A 1228 0.77 -2.36 15.29
CA ILE A 1228 0.73 -1.99 13.87
C ILE A 1228 1.54 -3.03 13.11
N PRO A 1229 1.04 -3.53 11.97
CA PRO A 1229 1.83 -4.51 11.20
C PRO A 1229 2.97 -3.85 10.44
N PHE A 1230 4.10 -3.66 11.11
CA PHE A 1230 5.27 -3.05 10.47
C PHE A 1230 5.91 -3.97 9.43
N VAL A 1231 5.49 -5.23 9.35
CA VAL A 1231 6.05 -6.13 8.35
C VAL A 1231 5.78 -5.61 6.95
N LYS A 1232 4.60 -5.00 6.74
CA LYS A 1232 4.28 -4.47 5.42
C LYS A 1232 5.31 -3.41 5.01
N ILE A 1233 5.74 -2.57 5.95
CA ILE A 1233 6.72 -1.54 5.63
C ILE A 1233 8.09 -2.16 5.38
N LEU A 1234 8.50 -3.12 6.20
CA LEU A 1234 9.82 -3.73 6.02
C LEU A 1234 9.91 -4.48 4.70
N LEU A 1235 8.88 -5.22 4.34
CA LEU A 1235 8.88 -5.98 3.09
C LEU A 1235 8.70 -5.08 1.87
N GLY A 1236 8.03 -3.94 2.02
CA GLY A 1236 7.88 -3.02 0.91
C GLY A 1236 9.16 -2.31 0.51
N SER A 1237 10.14 -2.29 1.40
CA SER A 1237 11.42 -1.66 1.08
C SER A 1237 12.21 -2.47 0.06
N LEU A 1238 11.98 -3.79 0.01
CA LEU A 1238 12.67 -4.63 -0.95
C LEU A 1238 12.29 -4.28 -2.39
N SER A 1239 11.11 -3.73 -2.61
CA SER A 1239 10.60 -3.47 -3.95
C SER A 1239 9.97 -2.09 -3.98
N ASP A 1240 9.46 -1.71 -5.14
CA ASP A 1240 8.79 -0.42 -5.32
C ASP A 1240 9.71 0.72 -4.89
N LEU A 1241 10.85 0.83 -5.59
CA LEU A 1241 11.80 1.90 -5.32
C LEU A 1241 11.55 3.07 -6.27
N PRO A 1242 11.93 4.28 -5.88
CA PRO A 1242 11.69 5.43 -6.78
C PRO A 1242 12.33 5.26 -8.14
N GLY A 1243 13.49 4.62 -8.20
CA GLY A 1243 14.17 4.43 -9.47
C GLY A 1243 14.66 5.72 -10.10
N LEU A 1244 15.21 6.63 -9.29
CA LEU A 1244 15.79 7.87 -9.78
C LEU A 1244 17.31 7.86 -9.71
N GLY A 1245 17.92 6.70 -9.48
CA GLY A 1245 19.35 6.57 -9.34
C GLY A 1245 19.73 5.84 -8.07
N TYR A 1246 21.02 5.52 -7.97
CA TYR A 1246 21.53 4.76 -6.84
C TYR A 1246 21.24 5.47 -5.52
N PHE A 1247 21.61 6.76 -5.44
CA PHE A 1247 21.43 7.50 -4.19
C PHE A 1247 19.97 7.59 -3.80
N ASP A 1248 19.09 7.94 -4.74
CA ASP A 1248 17.68 8.11 -4.42
C ASP A 1248 17.04 6.81 -3.99
N ASP A 1249 17.28 5.71 -4.72
CA ASP A 1249 16.74 4.42 -4.35
C ASP A 1249 17.27 3.91 -3.03
N LEU A 1250 18.56 4.07 -2.77
CA LEU A 1250 19.12 3.69 -1.47
C LEU A 1250 18.49 4.48 -0.34
N ALA A 1251 18.35 5.79 -0.49
CA ALA A 1251 17.74 6.64 0.52
C ALA A 1251 16.26 6.33 0.71
N ALA A 1252 15.57 5.89 -0.33
CA ALA A 1252 14.18 5.47 -0.20
C ALA A 1252 14.02 4.16 0.54
N ALA A 1253 14.85 3.16 0.21
CA ALA A 1253 14.80 1.90 0.95
C ALA A 1253 15.15 2.11 2.42
N GLN A 1254 16.20 2.89 2.69
CA GLN A 1254 16.57 3.15 4.08
C GLN A 1254 15.50 3.98 4.80
N SER A 1255 14.86 4.91 4.08
CA SER A 1255 13.77 5.66 4.69
C SER A 1255 12.61 4.74 5.06
N ARG A 1256 12.28 3.78 4.18
CA ARG A 1256 11.22 2.84 4.48
C ARG A 1256 11.58 1.91 5.64
N CYS A 1257 12.86 1.58 5.82
CA CYS A 1257 13.27 0.83 6.99
C CYS A 1257 13.19 1.67 8.27
N VAL A 1258 13.55 2.95 8.19
CA VAL A 1258 13.42 3.83 9.35
C VAL A 1258 11.96 3.99 9.74
N LYS A 1259 11.07 4.06 8.75
CA LYS A 1259 9.64 4.14 9.06
C LYS A 1259 9.18 2.89 9.81
N ALA A 1260 9.63 1.71 9.37
CA ALA A 1260 9.28 0.50 10.09
C ALA A 1260 9.82 0.54 11.52
N LEU A 1261 11.05 1.03 11.69
CA LEU A 1261 11.56 1.22 13.05
C LEU A 1261 10.63 2.09 13.86
N ASP A 1262 10.11 3.16 13.26
CA ASP A 1262 9.18 4.05 13.96
C ASP A 1262 7.84 3.40 14.25
N LEU A 1263 7.42 2.42 13.45
CA LEU A 1263 6.13 1.77 13.64
C LEU A 1263 6.19 0.61 14.63
N GLY A 1264 7.35 0.36 15.24
CA GLY A 1264 7.48 -0.65 16.28
C GLY A 1264 8.51 -1.73 16.01
N ALA A 1265 9.14 -1.73 14.84
CA ALA A 1265 10.16 -2.73 14.56
C ALA A 1265 11.33 -2.58 15.52
N SER A 1266 11.92 -3.70 15.90
CA SER A 1266 13.03 -3.67 16.83
C SER A 1266 14.26 -3.06 16.15
N PRO A 1267 15.19 -2.48 16.94
CA PRO A 1267 16.43 -1.96 16.33
C PRO A 1267 17.32 -3.05 15.77
N GLN A 1268 16.93 -4.33 15.97
CA GLN A 1268 17.64 -5.45 15.39
C GLN A 1268 16.93 -6.07 14.20
N VAL A 1269 15.59 -6.12 14.19
CA VAL A 1269 14.87 -6.52 13.00
C VAL A 1269 14.99 -5.48 11.91
N ALA A 1270 15.08 -4.20 12.28
CA ALA A 1270 15.31 -3.13 11.32
C ALA A 1270 16.72 -3.12 10.76
N GLN A 1271 17.72 -3.45 11.59
CA GLN A 1271 19.10 -3.52 11.14
C GLN A 1271 19.35 -4.64 10.14
N LEU A 1272 18.60 -5.74 10.22
CA LEU A 1272 18.65 -6.81 9.24
C LEU A 1272 17.96 -6.44 7.93
N ALA A 1273 16.79 -5.80 8.02
CA ALA A 1273 16.11 -5.34 6.82
C ALA A 1273 16.94 -4.28 6.10
N VAL A 1274 17.63 -3.41 6.85
CA VAL A 1274 18.48 -2.42 6.22
C VAL A 1274 19.62 -3.08 5.47
N ALA A 1275 20.24 -4.10 6.07
CA ALA A 1275 21.31 -4.81 5.39
C ALA A 1275 20.79 -5.46 4.11
N LEU A 1276 19.63 -6.12 4.19
CA LEU A 1276 19.09 -6.77 3.01
C LEU A 1276 18.77 -5.76 1.92
N CYS A 1277 18.16 -4.62 2.29
CA CYS A 1277 17.82 -3.60 1.31
C CYS A 1277 19.05 -3.01 0.66
N THR A 1278 20.08 -2.71 1.47
CA THR A 1278 21.32 -2.16 0.92
C THR A 1278 21.96 -3.15 -0.05
N SER A 1279 22.02 -4.42 0.33
CA SER A 1279 22.60 -5.42 -0.56
C SER A 1279 21.81 -5.52 -1.85
N LYS A 1280 20.48 -5.52 -1.76
CA LYS A 1280 19.66 -5.63 -2.97
C LYS A 1280 19.84 -4.41 -3.87
N VAL A 1281 19.89 -3.22 -3.30
CA VAL A 1281 20.05 -2.02 -4.12
C VAL A 1281 21.41 -2.02 -4.80
N GLU A 1282 22.46 -2.36 -4.06
CA GLU A 1282 23.79 -2.42 -4.66
C GLU A 1282 23.84 -3.46 -5.78
N ARG A 1283 23.22 -4.62 -5.56
CA ARG A 1283 23.18 -5.67 -6.58
C ARG A 1283 22.36 -5.25 -7.79
N LEU A 1284 21.31 -4.46 -7.59
CA LEU A 1284 20.42 -4.02 -8.66
C LEU A 1284 21.00 -2.85 -9.46
N TYR A 1285 21.90 -2.08 -8.86
CA TYR A 1285 22.60 -1.01 -9.57
C TYR A 1285 24.03 -1.37 -9.93
N GLY A 1286 24.49 -2.55 -9.53
CA GLY A 1286 25.81 -3.03 -9.91
C GLY A 1286 26.95 -2.53 -9.03
N THR A 1287 26.66 -1.80 -7.95
CA THR A 1287 27.72 -1.18 -7.17
C THR A 1287 28.31 -2.11 -6.10
N ALA A 1288 27.77 -3.30 -5.90
CA ALA A 1288 28.31 -4.21 -4.90
C ALA A 1288 29.64 -4.78 -5.38
N PRO A 1289 30.47 -5.29 -4.46
CA PRO A 1289 31.85 -5.66 -4.84
C PRO A 1289 31.92 -6.63 -6.00
N GLY A 1290 32.35 -6.11 -7.14
CA GLY A 1290 32.73 -6.87 -8.31
C GLY A 1290 31.59 -6.97 -9.31
N MET A 1291 31.51 -5.98 -10.18
CA MET A 1291 30.49 -5.84 -11.22
C MET A 1291 30.78 -4.56 -11.99
N VAL A 1292 29.99 -4.30 -13.04
CA VAL A 1292 30.01 -2.98 -13.63
C VAL A 1292 29.57 -1.95 -12.58
N ASN A 1293 29.94 -0.70 -12.82
CA ASN A 1293 29.56 0.42 -11.96
C ASN A 1293 30.15 0.32 -10.55
N HIS A 1294 31.08 -0.60 -10.32
CA HIS A 1294 31.70 -0.71 -9.00
C HIS A 1294 32.77 0.36 -8.85
N PRO A 1295 32.66 1.27 -7.87
CA PRO A 1295 33.60 2.40 -7.81
C PRO A 1295 35.06 1.98 -7.70
N ALA A 1296 35.35 0.90 -6.97
CA ALA A 1296 36.74 0.53 -6.74
C ALA A 1296 37.48 0.27 -8.04
N ALA A 1297 36.76 -0.17 -9.09
CA ALA A 1297 37.42 -0.44 -10.36
C ALA A 1297 38.00 0.84 -10.96
N TYR A 1298 37.27 1.95 -10.87
CA TYR A 1298 37.69 3.22 -11.45
C TYR A 1298 38.34 4.14 -10.42
N LEU A 1299 37.64 4.44 -9.34
CA LEU A 1299 38.16 5.36 -8.35
C LEU A 1299 39.34 4.74 -7.61
N GLN A 1300 40.16 5.60 -7.02
CA GLN A 1300 41.37 5.18 -6.32
C GLN A 1300 41.17 4.99 -4.83
N VAL A 1301 39.94 5.13 -4.34
CA VAL A 1301 39.64 5.01 -2.92
C VAL A 1301 38.79 3.77 -2.69
N LYS A 1302 38.74 3.35 -1.42
CA LYS A 1302 38.01 2.15 -1.07
C LYS A 1302 36.50 2.35 -1.27
N HIS A 1303 35.79 1.22 -1.32
CA HIS A 1303 34.34 1.27 -1.44
C HIS A 1303 33.71 2.01 -0.25
N THR A 1304 34.38 2.00 0.89
CA THR A 1304 33.89 2.69 2.08
C THR A 1304 34.28 4.16 2.14
N ASP A 1305 35.08 4.63 1.17
CA ASP A 1305 35.50 6.03 1.13
C ASP A 1305 34.92 6.78 -0.05
N THR A 1306 34.26 6.11 -0.99
CA THR A 1306 33.64 6.79 -2.11
C THR A 1306 32.33 7.44 -1.68
N PRO A 1307 32.00 8.62 -2.20
CA PRO A 1307 30.68 9.19 -1.93
C PRO A 1307 29.57 8.29 -2.46
N ILE A 1308 28.48 8.23 -1.71
CA ILE A 1308 27.36 7.35 -2.10
C ILE A 1308 26.86 7.70 -3.49
N PRO A 1309 26.72 8.96 -3.90
CA PRO A 1309 26.25 9.24 -5.26
C PRO A 1309 27.09 8.60 -6.33
N LEU A 1310 28.38 8.35 -6.05
CA LEU A 1310 29.29 7.72 -6.99
C LEU A 1310 29.42 6.22 -6.72
N GLY A 1311 28.36 5.58 -6.25
CA GLY A 1311 28.39 4.17 -5.94
C GLY A 1311 29.03 3.83 -4.62
N GLY A 1312 29.21 4.80 -3.74
CA GLY A 1312 29.87 4.55 -2.47
C GLY A 1312 29.09 3.57 -1.61
N ASN A 1313 29.80 2.98 -0.66
CA ASN A 1313 29.23 1.94 0.20
C ASN A 1313 28.40 2.61 1.28
N GLY A 1314 27.09 2.66 1.07
CA GLY A 1314 26.21 3.09 2.13
C GLY A 1314 25.79 1.91 2.98
N ALA A 1315 26.52 1.69 4.07
CA ALA A 1315 26.27 0.59 5.00
C ALA A 1315 26.29 1.21 6.39
N MET A 1316 25.12 1.65 6.84
CA MET A 1316 25.00 2.53 7.98
C MET A 1316 23.97 1.98 8.95
N SER A 1317 24.23 2.17 10.23
CA SER A 1317 23.37 1.59 11.26
C SER A 1317 21.99 2.23 11.23
N ILE A 1318 20.97 1.41 11.51
CA ILE A 1318 19.60 1.93 11.59
C ILE A 1318 19.49 2.94 12.71
N MET A 1319 20.28 2.78 13.77
CA MET A 1319 20.18 3.68 14.92
C MET A 1319 20.56 5.11 14.57
N GLU A 1320 21.38 5.32 13.54
CA GLU A 1320 21.77 6.66 13.13
C GLU A 1320 21.04 7.14 11.88
N LEU A 1321 20.55 6.23 11.04
CA LEU A 1321 19.67 6.61 9.96
C LEU A 1321 18.33 7.13 10.48
N ALA A 1322 17.95 6.74 11.69
CA ALA A 1322 16.67 7.16 12.26
C ALA A 1322 16.74 8.49 13.00
N THR A 1323 17.94 8.95 13.35
CA THR A 1323 18.11 10.21 14.08
C THR A 1323 18.88 11.23 13.28
N ALA A 1324 20.07 10.88 12.79
CA ALA A 1324 20.89 11.85 12.05
C ALA A 1324 20.25 12.17 10.71
N GLY A 1325 19.85 11.16 9.96
CA GLY A 1325 19.24 11.37 8.65
C GLY A 1325 19.66 10.27 7.70
N ILE A 1326 19.13 10.39 6.47
CA ILE A 1326 19.36 9.38 5.45
C ILE A 1326 20.58 9.67 4.60
N GLY A 1327 21.17 10.86 4.72
CA GLY A 1327 22.30 11.23 3.88
C GLY A 1327 23.50 11.74 4.65
N MET A 1328 23.78 11.18 5.82
CA MET A 1328 24.93 11.61 6.61
C MET A 1328 26.19 10.85 6.27
N SER A 1329 26.11 9.71 5.59
CA SER A 1329 27.32 8.99 5.21
C SER A 1329 28.22 9.86 4.36
N ASP A 1330 27.65 10.58 3.39
CA ASP A 1330 28.43 11.53 2.61
C ASP A 1330 29.00 12.62 3.49
N LYS A 1331 28.20 13.13 4.44
CA LYS A 1331 28.69 14.17 5.33
C LYS A 1331 29.78 13.67 6.27
N ASN A 1332 29.65 12.46 6.80
CA ASN A 1332 30.71 11.88 7.61
C ASN A 1332 31.99 11.70 6.80
N LEU A 1333 31.85 11.21 5.56
CA LEU A 1333 33.02 11.06 4.71
C LEU A 1333 33.68 12.40 4.43
N LEU A 1334 32.88 13.44 4.17
CA LEU A 1334 33.43 14.76 3.93
C LEU A 1334 34.17 15.29 5.16
N LYS A 1335 33.58 15.11 6.34
CA LYS A 1335 34.25 15.56 7.56
C LYS A 1335 35.57 14.82 7.77
N ARG A 1336 35.56 13.50 7.56
CA ARG A 1336 36.78 12.72 7.72
C ARG A 1336 37.86 13.18 6.74
N ALA A 1337 37.47 13.40 5.48
CA ALA A 1337 38.44 13.87 4.49
C ALA A 1337 38.99 15.24 4.86
N LEU A 1338 38.11 16.15 5.28
CA LEU A 1338 38.57 17.48 5.71
C LEU A 1338 39.59 17.36 6.82
N LEU A 1339 39.25 16.61 7.87
CA LEU A 1339 40.16 16.51 9.01
C LEU A 1339 41.48 15.88 8.61
N GLY A 1340 41.43 14.79 7.82
CA GLY A 1340 42.66 14.14 7.42
C GLY A 1340 43.55 15.04 6.59
N TYR A 1341 42.97 15.72 5.60
CA TYR A 1341 43.76 16.60 4.75
C TYR A 1341 44.33 17.77 5.53
N SER A 1342 43.52 18.37 6.41
CA SER A 1342 43.95 19.56 7.13
C SER A 1342 44.87 19.26 8.30
N HIS A 1343 44.96 18.00 8.73
CA HIS A 1343 45.86 17.63 9.82
C HIS A 1343 47.09 16.87 9.37
N LYS A 1344 47.07 16.28 8.17
CA LYS A 1344 48.22 15.53 7.67
C LYS A 1344 48.54 15.80 6.21
N ARG A 1345 47.73 16.55 5.47
CA ARG A 1345 47.96 16.80 4.05
C ARG A 1345 47.99 15.48 3.27
N GLN A 1346 47.13 14.54 3.66
CA GLN A 1346 47.06 13.26 2.96
C GLN A 1346 46.56 13.46 1.53
N LYS A 1347 47.17 12.72 0.60
CA LYS A 1347 46.79 12.85 -0.81
C LYS A 1347 45.46 12.14 -1.09
N SER A 1348 45.21 11.02 -0.43
CA SER A 1348 43.94 10.32 -0.63
C SER A 1348 42.76 11.17 -0.16
N MET A 1349 42.94 11.90 0.94
CA MET A 1349 41.89 12.79 1.41
C MET A 1349 41.62 13.89 0.39
N LEU A 1350 42.68 14.42 -0.23
CA LEU A 1350 42.49 15.40 -1.28
C LEU A 1350 41.78 14.79 -2.48
N TYR A 1351 42.05 13.52 -2.77
CA TYR A 1351 41.32 12.83 -3.84
C TYR A 1351 39.83 12.74 -3.51
N ILE A 1352 39.51 12.43 -2.25
CA ILE A 1352 38.11 12.35 -1.85
C ILE A 1352 37.46 13.72 -1.98
N LEU A 1353 38.16 14.77 -1.57
CA LEU A 1353 37.64 16.12 -1.72
C LEU A 1353 37.43 16.46 -3.19
N GLY A 1354 38.32 15.98 -4.06
CA GLY A 1354 38.13 16.21 -5.49
C GLY A 1354 36.90 15.51 -6.03
N LEU A 1355 36.65 14.28 -5.57
CA LEU A 1355 35.42 13.59 -5.95
C LEU A 1355 34.20 14.38 -5.48
N PHE A 1356 34.25 14.89 -4.26
CA PHE A 1356 33.16 15.71 -3.75
C PHE A 1356 32.96 16.95 -4.60
N LYS A 1357 34.04 17.60 -5.02
CA LYS A 1357 33.92 18.78 -5.86
C LYS A 1357 33.36 18.43 -7.25
N PHE A 1358 33.74 17.27 -7.78
CA PHE A 1358 33.17 16.84 -9.04
C PHE A 1358 31.67 16.68 -8.93
N LEU A 1359 31.20 16.06 -7.84
CA LEU A 1359 29.76 16.00 -7.60
C LEU A 1359 29.12 17.35 -7.40
N MET A 1360 29.80 18.28 -6.73
CA MET A 1360 29.25 19.62 -6.54
C MET A 1360 29.09 20.38 -7.84
N LYS A 1361 30.05 20.30 -8.75
CA LYS A 1361 29.87 20.90 -10.07
C LYS A 1361 28.83 20.17 -10.91
N LEU A 1362 28.77 18.84 -10.80
CA LEU A 1362 27.76 18.09 -11.54
C LEU A 1362 26.35 18.44 -11.10
N SER A 1363 26.18 19.02 -9.92
CA SER A 1363 24.87 19.45 -9.43
C SER A 1363 24.20 20.39 -10.42
N GLN A 1374 15.02 13.00 -3.06
CA GLN A 1374 16.02 13.08 -2.00
C GLN A 1374 17.05 14.16 -2.32
N PHE A 1375 17.32 15.04 -1.35
CA PHE A 1375 18.23 16.15 -1.56
C PHE A 1375 19.65 15.73 -1.17
N SER A 1376 20.54 15.72 -2.15
CA SER A 1376 21.97 15.55 -1.90
C SER A 1376 22.61 16.93 -2.04
N PHE A 1377 22.97 17.54 -0.91
CA PHE A 1377 23.54 18.88 -0.94
C PHE A 1377 24.83 18.91 -1.75
N ILE A 1378 25.65 17.88 -1.62
CA ILE A 1378 26.96 17.85 -2.25
C ILE A 1378 26.81 17.37 -3.69
N GLY A 1379 25.57 17.27 -4.17
CA GLY A 1379 25.30 16.88 -5.53
C GLY A 1379 25.00 15.39 -5.68
N LYS A 1380 24.61 15.03 -6.89
CA LYS A 1380 24.28 13.64 -7.20
C LYS A 1380 24.11 13.49 -8.70
N VAL A 1381 24.47 12.32 -9.22
CA VAL A 1381 24.31 12.06 -10.65
C VAL A 1381 22.85 12.18 -11.01
N GLN A 1382 22.57 12.84 -12.14
CA GLN A 1382 21.21 13.05 -12.61
C GLN A 1382 20.88 11.96 -13.63
N TRP A 1383 19.79 11.22 -13.37
CA TRP A 1383 19.41 10.07 -14.18
C TRP A 1383 18.12 10.36 -14.93
N LYS A 1384 18.03 9.88 -16.17
CA LYS A 1384 16.78 9.83 -16.93
C LYS A 1384 16.64 8.39 -17.41
N ILE A 1385 16.09 7.54 -16.56
CA ILE A 1385 16.05 6.10 -16.83
C ILE A 1385 15.06 5.79 -17.95
N PHE A 1386 13.90 6.44 -17.95
CA PHE A 1386 12.87 6.22 -18.97
C PHE A 1386 12.78 7.42 -19.91
N THR A 1387 12.74 7.14 -21.20
CA THR A 1387 12.49 8.13 -22.23
C THR A 1387 11.55 7.48 -23.23
N PRO A 1388 10.38 8.07 -23.49
CA PRO A 1388 9.43 7.45 -24.43
C PRO A 1388 9.80 7.73 -25.88
N LYS A 1389 9.32 6.85 -26.76
CA LYS A 1389 9.49 7.05 -28.19
C LYS A 1389 8.57 8.13 -28.72
N SER A 1390 7.40 8.32 -28.11
CA SER A 1390 6.37 9.22 -28.60
C SER A 1390 6.22 10.41 -27.66
N GLU A 1391 6.15 11.60 -28.23
CA GLU A 1391 5.84 12.81 -27.48
C GLU A 1391 4.33 12.96 -27.35
N PHE A 1392 3.91 13.59 -26.27
CA PHE A 1392 2.50 13.69 -25.91
C PHE A 1392 1.94 15.05 -26.29
N GLU A 1393 0.61 15.17 -26.17
CA GLU A 1393 -0.08 16.35 -26.67
C GLU A 1393 0.37 17.62 -25.97
N PHE A 1394 0.34 18.73 -26.72
CA PHE A 1394 0.61 20.06 -26.18
C PHE A 1394 2.02 20.18 -25.61
N ALA A 1395 2.96 19.44 -26.19
CA ALA A 1395 4.36 19.52 -25.80
C ALA A 1395 5.19 20.33 -26.79
N ASP A 1396 4.64 20.69 -27.94
CA ASP A 1396 5.35 21.44 -28.97
C ASP A 1396 4.84 22.87 -29.11
N MET A 1397 4.10 23.36 -28.12
CA MET A 1397 3.55 24.71 -28.21
C MET A 1397 4.66 25.75 -28.27
N TYR A 1398 5.70 25.58 -27.45
CA TYR A 1398 6.82 26.50 -27.41
C TYR A 1398 8.12 25.73 -27.62
N THR A 1399 9.02 26.31 -28.41
CA THR A 1399 10.27 25.65 -28.73
C THR A 1399 11.20 25.64 -27.52
N SER A 1400 12.17 24.73 -27.55
CA SER A 1400 13.09 24.57 -26.42
C SER A 1400 13.85 25.85 -26.13
N LYS A 1401 14.29 26.56 -27.19
CA LYS A 1401 15.01 27.80 -27.01
C LYS A 1401 14.17 28.82 -26.26
N PHE A 1402 12.90 28.97 -26.66
CA PHE A 1402 12.03 29.93 -25.98
C PHE A 1402 11.81 29.52 -24.53
N LEU A 1403 11.65 28.23 -24.27
CA LEU A 1403 11.47 27.79 -22.89
C LEU A 1403 12.70 28.09 -22.05
N GLU A 1404 13.89 27.88 -22.60
CA GLU A 1404 15.11 28.19 -21.86
C GLU A 1404 15.23 29.68 -21.60
N LEU A 1405 14.92 30.51 -22.60
CA LEU A 1405 14.98 31.95 -22.40
C LEU A 1405 13.97 32.39 -21.34
N TRP A 1406 12.76 31.82 -21.37
CA TRP A 1406 11.74 32.16 -20.39
C TRP A 1406 12.17 31.74 -18.99
N SER A 1407 12.76 30.56 -18.87
CA SER A 1407 13.26 30.12 -17.57
C SER A 1407 14.34 31.06 -17.05
N SER A 1408 15.25 31.48 -17.92
CA SER A 1408 16.31 32.40 -17.50
C SER A 1408 15.74 33.74 -17.07
N GLN A 1409 14.81 34.29 -17.85
CA GLN A 1409 14.28 35.62 -17.56
C GLN A 1409 13.42 35.60 -16.30
N HIS A 1410 12.49 34.65 -16.20
CA HIS A 1410 11.53 34.59 -15.10
C HIS A 1410 12.03 33.53 -14.11
N VAL A 1411 12.88 33.96 -13.18
CA VAL A 1411 13.47 33.04 -12.21
C VAL A 1411 12.52 32.74 -11.06
N THR A 1412 11.57 33.64 -10.77
CA THR A 1412 10.66 33.41 -9.66
C THR A 1412 9.78 32.19 -9.87
N TYR A 1413 9.48 31.86 -11.13
CA TYR A 1413 8.56 30.77 -11.43
C TYR A 1413 9.19 29.39 -11.23
N ASP A 1414 10.38 29.32 -10.65
CA ASP A 1414 10.94 28.07 -10.18
C ASP A 1414 10.46 27.71 -8.78
N TYR A 1415 9.79 28.63 -8.08
CA TYR A 1415 9.35 28.40 -6.71
C TYR A 1415 7.89 28.77 -6.49
N ILE A 1416 7.21 29.31 -7.50
CA ILE A 1416 5.78 29.58 -7.40
C ILE A 1416 5.16 29.37 -8.77
N ILE A 1417 3.94 28.84 -8.78
CA ILE A 1417 3.20 28.63 -10.02
C ILE A 1417 2.63 29.97 -10.47
N PRO A 1418 2.80 30.37 -11.73
CA PRO A 1418 2.23 31.63 -12.19
C PRO A 1418 0.71 31.65 -12.03
N LYS A 1419 0.18 32.82 -11.70
CA LYS A 1419 -1.26 33.04 -11.55
C LYS A 1419 -1.85 33.72 -12.79
N GLY A 1420 -1.29 33.46 -13.96
CA GLY A 1420 -1.77 34.07 -15.18
C GLY A 1420 -1.83 33.06 -16.30
N ARG A 1421 -2.75 33.28 -17.23
CA ARG A 1421 -2.97 32.31 -18.29
C ARG A 1421 -1.73 32.09 -19.13
N ASP A 1422 -1.06 33.18 -19.56
CA ASP A 1422 0.09 33.05 -20.43
C ASP A 1422 1.30 32.47 -19.70
N ASN A 1423 1.64 33.05 -18.55
CA ASN A 1423 2.74 32.54 -17.76
C ASN A 1423 2.49 31.11 -17.32
N LEU A 1424 1.26 30.80 -16.87
CA LEU A 1424 0.95 29.44 -16.46
C LEU A 1424 1.03 28.48 -17.63
N LEU A 1425 0.55 28.88 -18.81
CA LEU A 1425 0.60 27.99 -19.96
C LEU A 1425 2.04 27.67 -20.33
N ILE A 1426 2.89 28.70 -20.37
CA ILE A 1426 4.31 28.45 -20.67
C ILE A 1426 4.94 27.59 -19.59
N TYR A 1427 4.59 27.83 -18.33
CA TYR A 1427 5.14 27.05 -17.22
C TYR A 1427 4.77 25.58 -17.34
N LEU A 1428 3.51 25.29 -17.68
CA LEU A 1428 3.09 23.90 -17.80
C LEU A 1428 3.69 23.24 -19.03
N VAL A 1429 3.81 23.97 -20.14
CA VAL A 1429 4.48 23.40 -21.30
C VAL A 1429 5.94 23.10 -20.99
N ARG A 1430 6.59 23.96 -20.21
CA ARG A 1430 7.95 23.69 -19.76
C ARG A 1430 7.99 22.46 -18.86
N LYS A 1431 7.04 22.35 -17.94
CA LYS A 1431 7.00 21.21 -17.03
C LYS A 1431 6.79 19.90 -17.77
N LEU A 1432 6.06 19.96 -18.89
CA LEU A 1432 5.95 18.80 -19.77
C LEU A 1432 7.29 18.41 -20.40
N ASN A 1433 8.29 19.30 -20.35
CA ASN A 1433 9.59 19.04 -20.94
C ASN A 1433 10.67 18.92 -19.85
N ASP A 1434 10.33 18.24 -18.76
CA ASP A 1434 11.24 17.98 -17.66
C ASP A 1434 11.59 16.51 -17.63
N PRO A 1435 12.88 16.14 -17.66
CA PRO A 1435 13.21 14.70 -17.71
C PRO A 1435 12.58 13.87 -16.59
N SER A 1436 12.54 14.39 -15.36
CA SER A 1436 11.93 13.63 -14.28
C SER A 1436 10.43 13.43 -14.52
N ILE A 1437 9.74 14.48 -14.96
CA ILE A 1437 8.32 14.35 -15.27
C ILE A 1437 8.11 13.41 -16.45
N VAL A 1438 9.01 13.45 -17.42
CA VAL A 1438 8.89 12.55 -18.57
C VAL A 1438 9.03 11.10 -18.13
N THR A 1439 9.98 10.83 -17.23
CA THR A 1439 10.13 9.48 -16.69
C THR A 1439 8.89 9.07 -15.92
N ALA A 1440 8.35 9.98 -15.11
CA ALA A 1440 7.17 9.65 -14.31
C ALA A 1440 5.98 9.32 -15.19
N MET A 1441 5.75 10.09 -16.26
CA MET A 1441 4.58 9.88 -17.10
C MET A 1441 4.66 8.59 -17.91
N THR A 1442 5.85 8.00 -18.04
CA THR A 1442 6.04 6.76 -18.78
C THR A 1442 6.55 5.73 -17.78
N MET A 1443 5.62 5.08 -17.09
CA MET A 1443 5.97 4.14 -16.02
C MET A 1443 4.77 3.26 -15.75
N GLN A 1444 4.89 1.97 -16.04
CA GLN A 1444 3.80 1.01 -15.81
C GLN A 1444 4.17 0.20 -14.58
N SER A 1445 3.83 0.75 -13.42
CA SER A 1445 4.13 0.13 -12.13
C SER A 1445 5.64 0.10 -11.90
N PRO A 1446 6.10 -0.07 -10.67
CA PRO A 1446 7.55 -0.20 -10.42
C PRO A 1446 8.15 -1.48 -10.99
N LEU A 1447 7.33 -2.47 -11.35
CA LEU A 1447 7.86 -3.72 -11.88
C LEU A 1447 8.74 -3.49 -13.09
N GLN A 1448 8.36 -2.56 -13.97
CA GLN A 1448 9.14 -2.30 -15.16
C GLN A 1448 10.51 -1.70 -14.84
N LEU A 1449 10.66 -1.09 -13.65
CA LEU A 1449 11.95 -0.54 -13.27
C LEU A 1449 12.88 -1.62 -12.75
N ARG A 1450 12.49 -2.25 -11.64
CA ARG A 1450 13.26 -3.37 -11.10
C ARG A 1450 13.55 -4.42 -12.16
N PHE A 1451 12.70 -4.52 -13.18
CA PHE A 1451 12.95 -5.46 -14.26
C PHE A 1451 14.03 -4.95 -15.20
N ARG A 1452 13.91 -3.70 -15.66
CA ARG A 1452 14.80 -3.22 -16.71
C ARG A 1452 16.17 -2.81 -16.18
N MET A 1453 16.27 -2.48 -14.89
CA MET A 1453 17.50 -1.88 -14.40
C MET A 1453 18.70 -2.79 -14.62
N GLN A 1454 18.51 -4.11 -14.51
CA GLN A 1454 19.63 -5.03 -14.69
C GLN A 1454 20.33 -4.78 -16.01
N ALA A 1455 19.62 -4.33 -17.03
CA ALA A 1455 20.20 -3.97 -18.31
C ALA A 1455 20.64 -2.52 -18.35
N LYS A 1456 19.89 -1.61 -17.73
CA LYS A 1456 20.17 -0.19 -17.87
C LYS A 1456 21.43 0.24 -17.13
N GLN A 1457 21.91 -0.57 -16.17
CA GLN A 1457 23.17 -0.22 -15.52
C GLN A 1457 24.31 -0.16 -16.53
N HIS A 1458 24.22 -0.95 -17.60
CA HIS A 1458 25.19 -0.84 -18.69
C HIS A 1458 24.89 0.36 -19.59
N MET A 1459 23.60 0.65 -19.81
CA MET A 1459 23.21 1.67 -20.76
C MET A 1459 23.47 3.06 -20.21
N LYS A 1460 23.45 4.05 -21.11
CA LYS A 1460 23.74 5.43 -20.78
C LYS A 1460 22.48 6.08 -20.23
N VAL A 1461 22.43 6.28 -18.90
CA VAL A 1461 21.26 6.84 -18.25
C VAL A 1461 21.65 7.95 -17.29
N CYS A 1462 22.89 8.44 -17.38
CA CYS A 1462 23.37 9.51 -16.53
C CYS A 1462 23.67 10.74 -17.38
N ARG A 1463 23.70 11.90 -16.74
CA ARG A 1463 23.95 13.17 -17.40
C ARG A 1463 25.37 13.65 -17.11
N LEU A 1464 26.10 14.00 -18.16
CA LEU A 1464 27.45 14.52 -18.00
C LEU A 1464 27.79 15.38 -19.21
N ASP A 1465 28.41 16.53 -18.94
CA ASP A 1465 28.84 17.48 -19.96
C ASP A 1465 27.70 17.95 -20.85
N GLY A 1466 26.45 17.81 -20.41
CA GLY A 1466 25.30 18.17 -21.20
C GLY A 1466 24.75 17.07 -22.08
N GLU A 1467 25.31 15.86 -22.01
CA GLU A 1467 24.80 14.74 -22.80
C GLU A 1467 24.51 13.55 -21.91
N TRP A 1468 24.08 12.45 -22.53
CA TRP A 1468 23.70 11.23 -21.83
C TRP A 1468 24.81 10.20 -21.99
N VAL A 1469 25.31 9.69 -20.86
CA VAL A 1469 26.44 8.76 -20.82
C VAL A 1469 26.14 7.69 -19.77
N THR A 1470 27.08 6.76 -19.62
CA THR A 1470 26.97 5.69 -18.63
C THR A 1470 27.48 6.15 -17.27
N PHE A 1471 27.04 5.44 -16.23
CA PHE A 1471 27.56 5.71 -14.89
C PHE A 1471 29.05 5.45 -14.82
N ARG A 1472 29.56 4.51 -15.62
CA ARG A 1472 31.00 4.27 -15.66
C ARG A 1472 31.73 5.48 -16.22
N GLU A 1473 31.14 6.14 -17.22
CA GLU A 1473 31.75 7.36 -17.75
C GLU A 1473 31.78 8.45 -16.67
N VAL A 1474 30.73 8.53 -15.87
CA VAL A 1474 30.71 9.50 -14.76
C VAL A 1474 31.80 9.17 -13.76
N LEU A 1475 31.97 7.89 -13.46
CA LEU A 1475 33.04 7.48 -12.54
C LEU A 1475 34.41 7.84 -13.10
N ALA A 1476 34.61 7.62 -14.40
CA ALA A 1476 35.89 7.95 -15.02
C ALA A 1476 36.15 9.45 -14.97
N ALA A 1477 35.12 10.25 -15.26
CA ALA A 1477 35.27 11.70 -15.18
C ALA A 1477 35.59 12.16 -13.77
N ALA A 1478 34.92 11.56 -12.78
CA ALA A 1478 35.20 11.91 -11.39
C ALA A 1478 36.63 11.56 -11.03
N ASN A 1479 37.11 10.39 -11.46
CA ASN A 1479 38.49 10.02 -11.20
C ASN A 1479 39.45 11.00 -11.87
N SER A 1480 39.17 11.37 -13.12
CA SER A 1480 40.05 12.29 -13.82
C SER A 1480 40.13 13.63 -13.12
N PHE A 1481 38.99 14.15 -12.67
CA PHE A 1481 39.02 15.46 -12.01
C PHE A 1481 39.65 15.37 -10.63
N ALA A 1482 39.31 14.35 -9.84
CA ALA A 1482 39.84 14.25 -8.49
C ALA A 1482 41.36 14.04 -8.50
N GLU A 1483 41.85 13.21 -9.43
CA GLU A 1483 43.29 13.00 -9.52
C GLU A 1483 44.02 14.31 -9.85
N ASN A 1484 43.35 15.20 -10.60
CA ASN A 1484 43.93 16.49 -10.98
C ASN A 1484 43.33 17.65 -10.20
N TYR A 1485 42.74 17.38 -9.03
CA TYR A 1485 42.13 18.41 -8.22
C TYR A 1485 43.16 19.05 -7.30
N SER A 1486 43.02 20.36 -7.10
CA SER A 1486 43.88 21.12 -6.21
C SER A 1486 43.03 21.92 -5.24
N ALA A 1487 43.54 22.08 -4.02
CA ALA A 1487 42.78 22.72 -2.94
C ALA A 1487 42.87 24.23 -3.07
N THR A 1488 41.78 24.86 -3.49
CA THR A 1488 41.70 26.32 -3.54
C THR A 1488 41.19 26.84 -2.20
N SER A 1489 41.18 28.16 -2.03
CA SER A 1489 40.74 28.77 -0.79
C SER A 1489 39.23 28.74 -0.63
N GLN A 1490 38.49 29.01 -1.71
CA GLN A 1490 37.03 28.99 -1.63
C GLN A 1490 36.51 27.60 -1.32
N ASP A 1491 37.08 26.57 -1.93
CA ASP A 1491 36.63 25.20 -1.68
C ASP A 1491 36.81 24.84 -0.21
N MET A 1492 37.99 25.13 0.33
CA MET A 1492 38.23 24.85 1.75
C MET A 1492 37.30 25.67 2.64
N ASP A 1493 37.12 26.95 2.34
CA ASP A 1493 36.23 27.78 3.14
C ASP A 1493 34.84 27.17 3.18
N LEU A 1494 34.31 26.78 2.01
CA LEU A 1494 32.97 26.17 1.97
C LEU A 1494 32.96 24.84 2.72
N PHE A 1495 34.05 24.08 2.67
CA PHE A 1495 34.07 22.78 3.34
C PHE A 1495 34.02 22.94 4.85
N GLN A 1496 34.89 23.78 5.44
CA GLN A 1496 34.74 24.04 6.87
C GLN A 1496 33.47 24.82 7.19
N THR A 1497 32.82 25.43 6.21
CA THR A 1497 31.49 25.98 6.42
C THR A 1497 30.40 24.92 6.43
N LEU A 1498 30.67 23.76 5.84
CA LEU A 1498 29.67 22.69 5.79
C LEU A 1498 29.82 21.70 6.93
N THR A 1499 31.05 21.34 7.29
CA THR A 1499 31.28 20.38 8.35
C THR A 1499 31.16 20.98 9.75
N SER A 1500 31.04 22.29 9.85
CA SER A 1500 30.89 22.96 11.15
C SER A 1500 29.77 24.00 11.09
N ARG A 1528 5.44 -3.69 27.98
CA ARG A 1528 4.50 -2.80 28.65
C ARG A 1528 3.49 -2.25 27.64
N ALA A 1529 2.86 -1.12 27.98
CA ALA A 1529 1.84 -0.54 27.12
C ALA A 1529 2.49 0.04 25.87
N LYS A 1530 2.22 -0.57 24.73
CA LYS A 1530 2.80 -0.14 23.45
C LYS A 1530 2.06 1.10 22.99
N VAL A 1531 2.52 2.26 23.43
CA VAL A 1531 1.85 3.53 23.19
C VAL A 1531 2.48 4.21 21.98
N ALA A 1532 1.77 5.17 21.41
CA ALA A 1532 2.23 5.93 20.25
C ALA A 1532 2.42 7.38 20.65
N ARG A 1533 3.61 7.92 20.35
CA ARG A 1533 3.95 9.30 20.65
C ARG A 1533 4.50 9.96 19.40
N THR A 1534 4.92 11.22 19.54
CA THR A 1534 5.44 12.01 18.43
C THR A 1534 6.94 12.23 18.60
N PHE A 1535 7.59 12.50 17.47
CA PHE A 1535 9.03 12.75 17.42
C PHE A 1535 9.26 14.07 16.70
N THR A 1536 10.28 14.80 17.13
CA THR A 1536 10.59 16.13 16.59
C THR A 1536 12.10 16.29 16.49
N VAL A 1537 12.63 16.24 15.26
CA VAL A 1537 14.06 16.41 15.06
C VAL A 1537 14.46 17.86 14.76
N ARG A 1538 13.53 18.68 14.30
CA ARG A 1538 13.81 20.07 13.94
C ARG A 1538 13.43 20.99 15.10
N GLU A 1539 14.35 21.87 15.46
CA GLU A 1539 14.07 22.88 16.49
C GLU A 1539 13.25 24.02 15.89
N LYS A 1540 12.66 24.82 16.78
CA LYS A 1540 11.81 25.92 16.33
C LYS A 1540 12.61 26.94 15.54
N ASP A 1541 12.32 27.01 14.23
CA ASP A 1541 12.86 28.06 13.37
C ASP A 1541 11.73 28.86 12.71
N GLN A 1542 10.52 28.80 13.27
CA GLN A 1542 9.35 29.40 12.66
C GLN A 1542 9.21 30.86 13.09
N ILE A 1543 10.13 31.67 12.58
CA ILE A 1543 10.02 33.12 12.65
C ILE A 1543 9.48 33.70 11.35
N ILE A 1544 8.91 32.85 10.49
CA ILE A 1544 8.38 33.24 9.20
C ILE A 1544 6.87 33.00 9.20
N GLN A 1545 6.12 34.04 8.82
CA GLN A 1545 4.67 33.91 8.73
C GLN A 1545 4.23 33.34 7.40
N ASN A 1546 4.91 33.73 6.31
CA ASN A 1546 4.59 33.24 4.98
C ASN A 1546 5.25 31.88 4.77
N SER A 1547 5.06 31.30 3.58
CA SER A 1547 5.65 30.02 3.23
C SER A 1547 7.01 30.25 2.57
N ILE A 1548 7.81 29.18 2.53
CA ILE A 1548 9.15 29.25 1.97
C ILE A 1548 9.09 29.55 0.47
N PRO A 1549 8.22 28.88 -0.30
CA PRO A 1549 8.09 29.25 -1.71
C PRO A 1549 7.81 30.73 -1.91
N ALA A 1550 6.93 31.32 -1.11
CA ALA A 1550 6.61 32.73 -1.27
C ALA A 1550 7.83 33.60 -1.09
N VAL A 1551 8.62 33.37 -0.03
CA VAL A 1551 9.79 34.22 0.21
C VAL A 1551 10.85 34.01 -0.88
N ILE A 1552 11.15 32.75 -1.22
CA ILE A 1552 12.18 32.49 -2.22
C ILE A 1552 11.79 33.13 -3.55
N GLY A 1553 10.53 32.96 -3.97
CA GLY A 1553 10.07 33.63 -5.17
C GLY A 1553 10.08 35.15 -5.05
N TYR A 1554 9.79 35.67 -3.87
CA TYR A 1554 9.76 37.11 -3.66
C TYR A 1554 11.13 37.72 -3.88
N LYS A 1555 12.19 37.05 -3.41
CA LYS A 1555 13.53 37.59 -3.62
C LYS A 1555 13.79 37.84 -5.11
N PHE A 1556 13.44 36.87 -5.95
CA PHE A 1556 13.68 36.97 -7.39
C PHE A 1556 12.56 37.71 -8.11
N ALA A 1557 11.60 38.29 -7.39
CA ALA A 1557 10.47 38.98 -8.00
C ALA A 1557 10.91 40.36 -8.45
N VAL A 1558 10.85 40.61 -9.75
CA VAL A 1558 11.21 41.89 -10.34
C VAL A 1558 10.05 42.48 -11.15
N THR A 1559 9.42 41.67 -12.00
CA THR A 1559 8.36 42.14 -12.86
C THR A 1559 7.08 42.36 -12.05
N VAL A 1560 6.21 43.23 -12.59
CA VAL A 1560 4.94 43.50 -11.94
C VAL A 1560 4.09 42.24 -11.86
N GLU A 1561 4.02 41.50 -12.97
CA GLU A 1561 3.29 40.23 -12.97
C GLU A 1561 3.89 39.26 -11.98
N GLU A 1562 5.22 39.16 -11.93
CA GLU A 1562 5.86 38.25 -10.99
C GLU A 1562 5.56 38.64 -9.54
N MET A 1563 5.63 39.94 -9.24
CA MET A 1563 5.35 40.38 -7.87
C MET A 1563 3.89 40.12 -7.50
N SER A 1564 2.97 40.36 -8.45
CA SER A 1564 1.56 40.09 -8.18
C SER A 1564 1.33 38.59 -7.95
N ASP A 1565 1.98 37.74 -8.73
CA ASP A 1565 1.88 36.30 -8.54
C ASP A 1565 2.50 35.84 -7.22
N VAL A 1566 3.55 36.50 -6.76
CA VAL A 1566 4.16 36.20 -5.47
C VAL A 1566 3.24 36.60 -4.32
N LEU A 1567 2.69 37.81 -4.38
CA LEU A 1567 1.83 38.29 -3.32
C LEU A 1567 0.56 37.46 -3.18
N ASP A 1568 0.01 36.97 -4.29
CA ASP A 1568 -1.15 36.10 -4.21
C ASP A 1568 -0.84 34.79 -3.49
N THR A 1569 0.35 34.24 -3.70
CA THR A 1569 0.78 33.01 -3.05
C THR A 1569 1.53 33.30 -1.75
N ALA A 1570 0.86 33.96 -0.81
CA ALA A 1570 1.49 34.33 0.45
C ALA A 1570 0.41 34.55 1.49
N LYS A 1571 0.54 33.90 2.65
CA LYS A 1571 -0.44 34.05 3.72
C LYS A 1571 -0.47 35.48 4.23
N PHE A 1572 0.71 36.10 4.37
CA PHE A 1572 0.85 37.47 4.83
C PHE A 1572 1.67 38.24 3.81
N PRO A 1573 1.04 38.67 2.71
CA PRO A 1573 1.81 39.39 1.67
C PRO A 1573 2.45 40.67 2.17
N ASP A 1574 1.94 41.24 3.25
CA ASP A 1574 2.50 42.46 3.82
C ASP A 1574 3.74 42.21 4.68
N SER A 1575 4.10 40.94 4.90
CA SER A 1575 5.24 40.61 5.74
C SER A 1575 6.28 39.77 5.00
N LEU A 1576 6.25 39.77 3.67
CA LEU A 1576 7.28 39.06 2.92
C LEU A 1576 8.66 39.64 3.20
N SER A 1577 8.82 40.95 2.99
CA SER A 1577 10.14 41.56 3.08
C SER A 1577 10.79 41.25 4.42
N VAL A 1578 10.09 41.56 5.51
CA VAL A 1578 10.64 41.28 6.83
C VAL A 1578 11.02 39.81 6.94
N ASP A 1579 10.10 38.92 6.55
CA ASP A 1579 10.41 37.49 6.59
C ASP A 1579 11.72 37.22 5.88
N LEU A 1580 11.87 37.73 4.65
CA LEU A 1580 13.10 37.50 3.91
C LEU A 1580 14.30 37.86 4.76
N LYS A 1581 14.32 39.08 5.30
CA LYS A 1581 15.43 39.47 6.15
C LYS A 1581 15.62 38.46 7.27
N THR A 1582 14.55 38.19 8.02
CA THR A 1582 14.64 37.18 9.07
C THR A 1582 15.17 35.87 8.50
N MET A 1583 14.57 35.42 7.40
CA MET A 1583 15.01 34.18 6.79
C MET A 1583 16.51 34.20 6.55
N LYS A 1584 17.03 35.29 5.99
CA LYS A 1584 18.46 35.38 5.75
C LYS A 1584 19.23 35.11 7.04
N ASP A 1585 18.89 35.82 8.11
CA ASP A 1585 19.57 35.59 9.38
C ASP A 1585 19.40 34.14 9.80
N GLY A 1586 18.19 33.61 9.68
CA GLY A 1586 17.93 32.24 10.09
C GLY A 1586 18.72 31.21 9.33
N VAL A 1587 19.32 31.58 8.20
CA VAL A 1587 20.13 30.64 7.44
C VAL A 1587 21.60 30.93 7.71
N TYR A 1588 21.92 32.19 8.05
CA TYR A 1588 23.30 32.55 8.32
C TYR A 1588 23.68 32.37 9.78
N ARG A 1589 22.69 32.24 10.67
CA ARG A 1589 22.96 32.00 12.08
C ARG A 1589 22.96 30.52 12.44
N GLU A 1590 22.38 29.67 11.59
CA GLU A 1590 22.34 28.23 11.83
C GLU A 1590 23.20 27.44 10.85
N LEU A 1591 23.20 27.80 9.57
CA LEU A 1591 23.96 27.09 8.56
C LEU A 1591 25.21 27.83 8.09
N GLY A 1592 25.28 29.14 8.29
CA GLY A 1592 26.43 29.92 7.89
C GLY A 1592 26.51 30.25 6.42
N LEU A 1593 25.48 29.92 5.64
CA LEU A 1593 25.46 30.20 4.20
C LEU A 1593 24.69 31.49 3.95
N ASP A 1594 25.24 32.35 3.10
CA ASP A 1594 24.60 33.61 2.75
C ASP A 1594 23.72 33.39 1.52
N ILE A 1595 22.41 33.47 1.72
CA ILE A 1595 21.47 33.23 0.61
C ILE A 1595 21.31 34.45 -0.28
N SER A 1596 21.76 35.63 0.15
CA SER A 1596 21.68 36.81 -0.70
C SER A 1596 22.52 36.64 -1.96
N LEU A 1597 23.60 35.88 -1.88
CA LEU A 1597 24.44 35.67 -3.05
C LEU A 1597 23.68 34.86 -4.10
N PRO A 1598 23.75 35.24 -5.37
CA PRO A 1598 23.11 34.43 -6.41
C PRO A 1598 23.80 33.08 -6.57
N ASP A 1599 23.00 32.09 -6.97
CA ASP A 1599 23.48 30.73 -7.22
C ASP A 1599 23.76 29.98 -5.91
N VAL A 1600 23.64 30.68 -4.78
CA VAL A 1600 23.80 30.04 -3.47
C VAL A 1600 22.44 29.61 -2.93
N MET A 1601 21.44 30.48 -3.07
CA MET A 1601 20.14 30.20 -2.47
C MET A 1601 19.38 29.14 -3.24
N LYS A 1602 19.65 28.99 -4.53
CA LYS A 1602 18.99 27.94 -5.31
C LYS A 1602 19.31 26.55 -4.76
N ARG A 1603 20.57 26.33 -4.38
CA ARG A 1603 20.98 25.01 -3.88
C ARG A 1603 20.48 24.78 -2.46
N ILE A 1604 20.53 25.82 -1.61
CA ILE A 1604 20.10 25.65 -0.23
C ILE A 1604 18.59 25.46 -0.14
N ALA A 1605 17.82 26.11 -1.02
CA ALA A 1605 16.37 26.08 -0.93
C ALA A 1605 15.77 24.68 -0.86
N PRO A 1606 16.17 23.71 -1.70
CA PRO A 1606 15.46 22.43 -1.71
C PRO A 1606 15.44 21.66 -0.40
N MET A 1607 16.25 22.05 0.60
CA MET A 1607 16.10 21.47 1.94
C MET A 1607 15.56 22.45 2.95
N LEU A 1608 15.34 23.71 2.59
CA LEU A 1608 14.55 24.60 3.42
C LEU A 1608 13.08 24.19 3.46
N TYR A 1609 12.68 23.23 2.63
CA TYR A 1609 11.31 22.73 2.57
C TYR A 1609 11.21 21.57 3.55
N LYS A 1610 11.05 21.89 4.82
CA LYS A 1610 11.10 20.86 5.87
C LYS A 1610 10.17 21.28 7.00
N SER A 1611 10.30 20.61 8.14
CA SER A 1611 9.56 20.84 9.38
C SER A 1611 8.16 20.23 9.32
N SER A 1612 7.78 19.58 8.23
CA SER A 1612 6.47 18.96 8.11
C SER A 1612 6.50 17.44 8.28
N LYS A 1613 7.66 16.88 8.64
CA LYS A 1613 7.79 15.43 8.82
C LYS A 1613 7.23 15.07 10.19
N SER A 1614 5.91 14.89 10.25
CA SER A 1614 5.22 14.58 11.50
C SER A 1614 5.48 13.10 11.82
N ARG A 1615 6.60 12.86 12.49
CA ARG A 1615 6.99 11.50 12.85
C ARG A 1615 6.20 11.00 14.05
N VAL A 1616 5.58 9.84 13.90
CA VAL A 1616 4.87 9.16 14.99
C VAL A 1616 5.59 7.85 15.24
N VAL A 1617 5.96 7.61 16.50
CA VAL A 1617 6.76 6.46 16.89
C VAL A 1617 5.98 5.63 17.91
N ILE A 1618 6.09 4.31 17.79
CA ILE A 1618 5.39 3.39 18.68
C ILE A 1618 6.37 3.04 19.80
N VAL A 1619 6.37 3.86 20.84
CA VAL A 1619 7.22 3.67 22.01
C VAL A 1619 6.55 2.73 23.00
N GLN A 1620 7.28 2.30 24.02
CA GLN A 1620 6.79 1.34 24.99
C GLN A 1620 5.95 1.97 26.09
N GLY A 1621 5.76 3.28 26.08
CA GLY A 1621 4.79 3.90 26.96
C GLY A 1621 5.36 4.85 28.00
N ASN A 1622 6.47 4.44 28.63
CA ASN A 1622 7.14 5.31 29.59
C ASN A 1622 7.95 6.41 28.90
N VAL A 1623 8.05 6.37 27.59
CA VAL A 1623 8.88 7.30 26.84
C VAL A 1623 8.09 8.58 26.61
N GLU A 1624 8.69 9.72 26.95
CA GLU A 1624 8.07 11.00 26.69
C GLU A 1624 8.13 11.31 25.19
N GLY A 1625 7.40 12.35 24.79
CA GLY A 1625 7.35 12.72 23.39
C GLY A 1625 8.60 13.39 22.86
N THR A 1626 9.54 13.73 23.73
CA THR A 1626 10.77 14.39 23.31
C THR A 1626 11.58 13.46 22.40
N ALA A 1627 12.33 14.07 21.49
CA ALA A 1627 13.18 13.30 20.59
C ALA A 1627 14.27 12.55 21.36
N GLU A 1628 14.85 13.19 22.38
CA GLU A 1628 15.86 12.53 23.18
C GLU A 1628 15.30 11.32 23.92
N ALA A 1629 14.07 11.43 24.45
CA ALA A 1629 13.46 10.29 25.13
C ALA A 1629 13.26 9.12 24.18
N ILE A 1630 12.83 9.39 22.94
CA ILE A 1630 12.62 8.32 21.98
C ILE A 1630 13.95 7.71 21.56
N CYS A 1631 14.99 8.54 21.40
CA CYS A 1631 16.30 8.00 21.08
C CYS A 1631 16.81 7.11 22.21
N ARG A 1632 16.62 7.54 23.46
CA ARG A 1632 17.04 6.72 24.58
C ARG A 1632 16.24 5.43 24.65
N TYR A 1633 14.96 5.48 24.30
CA TYR A 1633 14.15 4.26 24.25
C TYR A 1633 14.69 3.30 23.19
N TRP A 1634 15.05 3.81 22.02
CA TRP A 1634 15.66 2.97 21.01
C TRP A 1634 16.98 2.38 21.50
N LEU A 1635 17.77 3.17 22.22
CA LEU A 1635 19.00 2.66 22.81
C LEU A 1635 18.70 1.52 23.76
N LYS A 1636 17.69 1.69 24.63
CA LYS A 1636 17.32 0.69 25.61
C LYS A 1636 16.64 -0.52 25.00
N SER A 1637 16.20 -0.43 23.74
CA SER A 1637 15.51 -1.54 23.09
C SER A 1637 16.44 -2.28 22.13
N MET A 1638 17.76 -2.01 22.19
CA MET A 1638 18.69 -2.75 21.35
C MET A 1638 18.74 -4.22 21.73
N SER A 1639 18.50 -4.55 22.99
CA SER A 1639 18.45 -5.94 23.45
C SER A 1639 17.01 -6.40 23.48
N LEU A 1640 16.76 -7.57 22.88
CA LEU A 1640 15.39 -8.07 22.79
C LEU A 1640 14.87 -8.54 24.14
N VAL A 1641 15.69 -9.29 24.89
CA VAL A 1641 15.22 -9.98 26.09
C VAL A 1641 16.05 -9.59 27.30
N LYS A 1642 16.55 -8.35 27.33
CA LYS A 1642 17.38 -7.89 28.45
C LYS A 1642 17.06 -6.43 28.72
N THR A 1643 17.45 -5.98 29.91
CA THR A 1643 17.36 -4.57 30.30
C THR A 1643 18.76 -3.97 30.22
N ILE A 1644 18.90 -2.91 29.44
CA ILE A 1644 20.21 -2.35 29.12
C ILE A 1644 20.26 -0.86 29.44
N ARG A 1645 19.50 -0.44 30.44
CA ARG A 1645 19.57 0.94 30.90
C ARG A 1645 21.01 1.36 31.18
#